data_8ANP
#
_entry.id   8ANP
#
_cell.length_a   55.720
_cell.length_b   187.690
_cell.length_c   193.030
_cell.angle_alpha   90.000
_cell.angle_beta   90.000
_cell.angle_gamma   90.000
#
_symmetry.space_group_name_H-M   'P 21 21 21'
#
loop_
_entity.id
_entity.type
_entity.pdbx_description
1 polymer 'Phosphocholine hydrolase Lem3'
2 non-polymer 'MAGNESIUM ION'
3 non-polymer 'TRIETHYLENE GLYCOL'
4 non-polymer 'SULFATE ION'
5 water water
#
_entity_poly.entity_id   1
_entity_poly.type   'polypeptide(L)'
_entity_poly.pdbx_seq_one_letter_code
;GHDKIITGKKIIFSQSVAKDQTKNLSSFLSERFYSVNQSHNHSIIIGSSLSHQENDIEHDTILDTSGVLVTTDTNGIVNG
ARVAITDGLGGGNGDQEEDDEIYRVSHSSCENFLNCDQNIDTTLSLITQPKASDKKQTAPKTLQHTEAS(MSE)AAFIYQ
NHPGKGYIGEFANIGAGLIIILDKRFKIKH(MSE)VSACHIYRGFGTWTPPSLQALATTANKDALLVRQTLKLAEGDIII
S(MSE)TDGVWGELKTSLIAQTNDRRDIGVDKEYFKTLFDELTDAPYPSSFDIARIITQRA(MSE)SRSLERRKTLIKLI
NEIEQQHFHEKSVKTINEVLEYFIKTGHVETAQTLKAILFEDGLSDGITYFENIEIPLE(MSE)V(MSE)HDLKSRTVGD
CSTINVTRIPYHLDELIRGFINYPEKHQILAPLFKARVKSEADLEEAFHRLSLE(MSE)VQPEIECPISETHFERAFKKE
TLDKTQAVLTHYFRIS
;
_entity_poly.pdbx_strand_id   A,B,C,D
#
# COMPACT_ATOMS: atom_id res chain seq x y z
N HIS A 2 -22.54 4.27 -12.50
CA HIS A 2 -23.84 4.27 -13.23
C HIS A 2 -23.59 4.60 -14.71
N ASP A 3 -24.67 4.77 -15.49
CA ASP A 3 -24.63 5.22 -16.91
C ASP A 3 -24.65 6.76 -16.96
N LYS A 4 -25.32 7.40 -15.99
CA LYS A 4 -25.45 8.89 -15.91
C LYS A 4 -24.65 9.42 -14.72
N ILE A 5 -23.67 10.29 -14.99
CA ILE A 5 -22.82 10.93 -13.95
C ILE A 5 -22.67 12.42 -14.29
N ILE A 6 -22.89 13.29 -13.31
CA ILE A 6 -22.75 14.77 -13.41
C ILE A 6 -22.13 15.30 -12.12
N THR A 7 -21.15 16.19 -12.23
CA THR A 7 -20.43 16.80 -11.07
C THR A 7 -21.44 17.57 -10.21
N GLY A 8 -21.29 17.47 -8.89
CA GLY A 8 -22.13 18.19 -7.91
C GLY A 8 -21.53 19.53 -7.53
N LYS A 9 -22.33 20.40 -6.89
CA LYS A 9 -21.88 21.73 -6.40
C LYS A 9 -20.74 21.53 -5.40
N LYS A 10 -19.58 22.13 -5.68
CA LYS A 10 -18.34 22.02 -4.85
C LYS A 10 -17.89 23.42 -4.42
N ILE A 11 -17.83 23.66 -3.11
CA ILE A 11 -17.27 24.90 -2.48
C ILE A 11 -16.00 24.49 -1.73
N ILE A 12 -14.84 25.01 -2.15
CA ILE A 12 -13.51 24.70 -1.54
C ILE A 12 -12.98 25.94 -0.84
N PHE A 13 -12.00 25.75 0.05
CA PHE A 13 -11.17 26.82 0.68
C PHE A 13 -9.96 27.08 -0.21
N SER A 14 -9.87 28.29 -0.77
CA SER A 14 -8.78 28.73 -1.68
C SER A 14 -7.80 29.64 -0.92
N GLN A 15 -6.65 29.09 -0.51
CA GLN A 15 -5.55 29.85 0.12
C GLN A 15 -4.99 30.85 -0.90
N SER A 16 -4.43 31.96 -0.40
CA SER A 16 -3.86 33.07 -1.20
C SER A 16 -2.58 32.61 -1.92
N VAL A 17 -2.10 33.41 -2.87
CA VAL A 17 -0.83 33.18 -3.62
C VAL A 17 0.35 33.29 -2.64
N ALA A 18 0.23 34.18 -1.64
CA ALA A 18 1.23 34.41 -0.57
C ALA A 18 1.45 33.12 0.24
N LYS A 19 0.43 32.27 0.35
CA LYS A 19 0.49 30.96 1.07
C LYS A 19 0.93 29.86 0.12
N ASP A 20 0.46 29.89 -1.14
CA ASP A 20 0.72 28.85 -2.17
C ASP A 20 2.12 29.01 -2.77
N GLN A 21 2.80 30.16 -2.52
CA GLN A 21 4.09 30.51 -3.17
C GLN A 21 5.23 29.59 -2.69
N THR A 22 5.07 28.91 -1.56
CA THR A 22 6.07 27.98 -0.96
C THR A 22 5.69 26.52 -1.23
N LYS A 23 4.48 26.26 -1.73
CA LYS A 23 3.92 24.90 -1.94
C LYS A 23 4.43 24.32 -3.27
N ASN A 24 4.64 23.01 -3.31
CA ASN A 24 4.99 22.23 -4.53
C ASN A 24 3.69 21.89 -5.28
N LEU A 25 3.80 21.48 -6.54
CA LEU A 25 2.65 21.16 -7.42
C LEU A 25 1.75 20.13 -6.73
N SER A 26 2.34 19.07 -6.16
CA SER A 26 1.64 17.93 -5.51
C SER A 26 0.61 18.46 -4.50
N SER A 27 1.04 19.36 -3.59
CA SER A 27 0.21 19.96 -2.52
C SER A 27 -0.91 20.81 -3.12
N PHE A 28 -0.56 21.67 -4.09
CA PHE A 28 -1.49 22.59 -4.80
C PHE A 28 -2.66 21.81 -5.40
N LEU A 29 -2.35 20.75 -6.16
CA LEU A 29 -3.35 19.87 -6.84
C LEU A 29 -4.24 19.18 -5.80
N SER A 30 -3.62 18.63 -4.74
CA SER A 30 -4.26 17.76 -3.72
C SER A 30 -5.37 18.51 -2.98
N GLU A 31 -5.18 19.81 -2.76
CA GLU A 31 -6.10 20.67 -1.95
C GLU A 31 -7.18 21.31 -2.84
N ARG A 32 -7.09 21.18 -4.16
CA ARG A 32 -7.89 22.01 -5.10
C ARG A 32 -8.67 21.17 -6.13
N PHE A 33 -8.45 19.86 -6.26
CA PHE A 33 -9.00 19.06 -7.38
C PHE A 33 -9.59 17.72 -6.90
N TYR A 34 -10.60 17.24 -7.63
CA TYR A 34 -11.36 15.99 -7.36
C TYR A 34 -11.43 15.15 -8.64
N SER A 35 -11.48 13.83 -8.48
CA SER A 35 -11.68 12.84 -9.57
C SER A 35 -13.13 12.35 -9.53
N VAL A 36 -13.86 12.52 -10.64
CA VAL A 36 -15.24 12.00 -10.83
C VAL A 36 -15.18 11.00 -12.00
N ASN A 37 -15.32 9.70 -11.70
CA ASN A 37 -15.03 8.60 -12.64
C ASN A 37 -16.31 7.84 -12.99
N GLN A 38 -16.52 7.59 -14.29
CA GLN A 38 -17.65 6.78 -14.82
C GLN A 38 -17.13 5.37 -15.11
N SER A 39 -16.00 5.26 -15.80
CA SER A 39 -15.34 3.99 -16.18
C SER A 39 -13.89 4.25 -16.61
N HIS A 40 -13.20 3.21 -17.07
CA HIS A 40 -11.85 3.31 -17.68
C HIS A 40 -11.89 4.30 -18.85
N ASN A 41 -13.01 4.37 -19.56
CA ASN A 41 -13.16 5.09 -20.87
C ASN A 41 -13.90 6.42 -20.72
N HIS A 42 -14.26 6.84 -19.50
CA HIS A 42 -14.73 8.23 -19.24
C HIS A 42 -14.45 8.64 -17.79
N SER A 43 -13.76 9.78 -17.62
CA SER A 43 -13.39 10.35 -16.30
C SER A 43 -13.40 11.88 -16.38
N ILE A 44 -13.66 12.52 -15.24
CA ILE A 44 -13.69 13.99 -15.05
C ILE A 44 -12.69 14.34 -13.94
N ILE A 45 -11.90 15.40 -14.14
CA ILE A 45 -11.17 16.09 -13.05
C ILE A 45 -11.71 17.53 -12.97
N ILE A 46 -12.13 17.95 -11.78
CA ILE A 46 -12.81 19.25 -11.55
C ILE A 46 -12.22 19.87 -10.29
N GLY A 47 -11.95 21.19 -10.33
CA GLY A 47 -11.41 21.93 -9.18
C GLY A 47 -11.32 23.42 -9.47
N SER A 48 -10.60 24.15 -8.62
CA SER A 48 -10.38 25.61 -8.72
C SER A 48 -8.91 25.95 -8.45
N SER A 49 -8.28 26.63 -9.40
CA SER A 49 -6.94 27.25 -9.25
C SER A 49 -7.08 28.72 -8.81
N LEU A 50 -8.33 29.18 -8.60
CA LEU A 50 -8.66 30.59 -8.28
C LEU A 50 -8.05 30.96 -6.92
N SER A 51 -7.38 32.11 -6.85
CA SER A 51 -6.63 32.59 -5.68
C SER A 51 -6.47 34.12 -5.75
N HIS A 52 -6.63 34.81 -4.61
CA HIS A 52 -6.31 36.24 -4.41
C HIS A 52 -4.85 36.35 -3.94
N GLN A 53 -4.19 37.47 -4.24
CA GLN A 53 -2.73 37.68 -3.99
C GLN A 53 -2.41 37.49 -2.50
N GLU A 54 -3.15 38.16 -1.61
CA GLU A 54 -2.83 38.26 -0.16
C GLU A 54 -3.99 37.79 0.72
N ASN A 55 -5.16 37.48 0.16
CA ASN A 55 -6.40 37.12 0.91
C ASN A 55 -6.84 35.70 0.52
N ASP A 56 -7.29 34.92 1.51
CA ASP A 56 -7.89 33.57 1.30
C ASP A 56 -9.36 33.75 0.90
N ILE A 57 -9.85 32.89 0.00
CA ILE A 57 -11.27 32.86 -0.44
C ILE A 57 -11.96 31.68 0.27
N GLU A 58 -12.73 32.00 1.33
CA GLU A 58 -13.38 31.02 2.23
C GLU A 58 -14.38 30.16 1.43
N HIS A 59 -15.24 30.81 0.65
CA HIS A 59 -16.32 30.15 -0.15
C HIS A 59 -16.04 30.34 -1.64
N ASP A 60 -15.09 29.58 -2.18
CA ASP A 60 -14.73 29.53 -3.63
C ASP A 60 -15.59 28.44 -4.27
N THR A 61 -16.75 28.82 -4.81
CA THR A 61 -17.72 27.91 -5.48
C THR A 61 -17.25 27.63 -6.91
N ILE A 62 -17.06 26.35 -7.24
CA ILE A 62 -16.72 25.89 -8.62
C ILE A 62 -17.98 26.05 -9.48
N LEU A 63 -17.90 26.90 -10.52
CA LEU A 63 -19.05 27.29 -11.37
C LEU A 63 -19.01 26.50 -12.69
N ASP A 64 -18.06 25.58 -12.82
CA ASP A 64 -17.98 24.60 -13.94
C ASP A 64 -18.85 23.38 -13.59
N THR A 65 -19.45 22.75 -14.60
CA THR A 65 -20.10 21.42 -14.50
C THR A 65 -19.59 20.54 -15.64
N SER A 66 -19.47 19.24 -15.40
CA SER A 66 -19.21 18.21 -16.44
C SER A 66 -20.10 17.01 -16.18
N GLY A 67 -20.56 16.34 -17.23
CA GLY A 67 -21.46 15.17 -17.13
C GLY A 67 -21.40 14.29 -18.36
N VAL A 68 -21.88 13.06 -18.21
CA VAL A 68 -21.90 12.01 -19.27
C VAL A 68 -23.16 11.16 -19.05
N LEU A 69 -23.82 10.78 -20.15
CA LEU A 69 -24.80 9.67 -20.20
C LEU A 69 -24.30 8.66 -21.25
N VAL A 70 -23.94 7.46 -20.82
CA VAL A 70 -23.58 6.32 -21.72
C VAL A 70 -24.90 5.74 -22.25
N THR A 71 -25.02 5.62 -23.57
CA THR A 71 -26.23 5.08 -24.27
C THR A 71 -25.93 3.66 -24.75
N THR A 72 -26.98 2.84 -24.86
CA THR A 72 -26.93 1.40 -25.23
C THR A 72 -27.90 1.14 -26.37
N ASP A 73 -27.64 0.11 -27.19
CA ASP A 73 -28.56 -0.38 -28.24
C ASP A 73 -29.68 -1.18 -27.56
N THR A 74 -30.58 -1.79 -28.33
CA THR A 74 -31.77 -2.53 -27.83
C THR A 74 -31.36 -3.75 -27.02
N ASN A 75 -30.11 -4.22 -27.17
CA ASN A 75 -29.57 -5.43 -26.49
C ASN A 75 -28.87 -5.05 -25.18
N GLY A 76 -28.69 -3.75 -24.91
CA GLY A 76 -28.01 -3.22 -23.70
C GLY A 76 -26.51 -3.14 -23.89
N ILE A 77 -26.01 -3.26 -25.12
CA ILE A 77 -24.57 -3.09 -25.48
C ILE A 77 -24.30 -1.59 -25.64
N VAL A 78 -23.28 -1.07 -24.95
CA VAL A 78 -22.82 0.34 -25.03
C VAL A 78 -22.46 0.64 -26.49
N ASN A 79 -23.08 1.68 -27.07
CA ASN A 79 -22.90 2.03 -28.51
C ASN A 79 -22.75 3.55 -28.70
N GLY A 80 -22.64 4.32 -27.62
CA GLY A 80 -22.56 5.80 -27.71
C GLY A 80 -22.51 6.48 -26.36
N ALA A 81 -22.55 7.81 -26.36
CA ALA A 81 -22.63 8.66 -25.15
C ALA A 81 -23.04 10.08 -25.51
N ARG A 82 -23.58 10.80 -24.52
CA ARG A 82 -23.77 12.26 -24.53
C ARG A 82 -22.85 12.84 -23.45
N VAL A 83 -22.05 13.84 -23.82
CA VAL A 83 -21.03 14.47 -22.91
C VAL A 83 -21.16 15.99 -23.04
N ALA A 84 -21.13 16.69 -21.90
CA ALA A 84 -21.25 18.16 -21.81
C ALA A 84 -20.32 18.68 -20.71
N ILE A 85 -19.65 19.80 -20.97
CA ILE A 85 -18.90 20.61 -19.97
C ILE A 85 -19.39 22.05 -20.08
N THR A 86 -19.68 22.69 -18.94
CA THR A 86 -20.22 24.07 -18.87
C THR A 86 -19.33 24.93 -17.97
N ASP A 87 -19.27 26.22 -18.29
CA ASP A 87 -18.54 27.27 -17.52
C ASP A 87 -19.53 28.42 -17.26
N GLY A 88 -20.00 28.54 -16.01
CA GLY A 88 -20.84 29.66 -15.57
C GLY A 88 -20.07 30.97 -15.68
N LEU A 89 -20.65 31.97 -16.34
CA LEU A 89 -20.02 33.29 -16.60
C LEU A 89 -20.30 34.21 -15.41
N GLY A 90 -19.30 35.02 -15.03
CA GLY A 90 -19.36 35.92 -13.85
C GLY A 90 -19.08 35.16 -12.57
N GLY A 91 -19.36 35.77 -11.42
CA GLY A 91 -19.13 35.19 -10.09
C GLY A 91 -17.69 35.33 -9.64
N GLY A 92 -17.32 34.62 -8.56
CA GLY A 92 -15.98 34.68 -7.93
C GLY A 92 -15.71 36.05 -7.30
N ASN A 93 -16.76 36.73 -6.82
CA ASN A 93 -16.70 38.09 -6.25
C ASN A 93 -16.83 38.04 -4.72
N GLY A 94 -17.29 36.91 -4.17
CA GLY A 94 -17.53 36.72 -2.72
C GLY A 94 -19.00 36.89 -2.34
N ASP A 95 -19.91 36.75 -3.32
CA ASP A 95 -21.37 36.72 -3.09
C ASP A 95 -21.87 35.30 -3.35
N GLN A 96 -22.39 34.63 -2.30
CA GLN A 96 -22.86 33.23 -2.36
C GLN A 96 -24.15 33.15 -3.18
N GLU A 97 -25.06 34.13 -3.02
CA GLU A 97 -26.35 34.20 -3.75
C GLU A 97 -26.10 34.25 -5.26
N GLU A 98 -25.09 35.03 -5.69
CA GLU A 98 -24.69 35.17 -7.11
C GLU A 98 -24.14 33.84 -7.63
N ASP A 99 -23.24 33.21 -6.87
CA ASP A 99 -22.55 31.94 -7.22
C ASP A 99 -23.58 30.81 -7.33
N ASP A 100 -24.54 30.74 -6.40
CA ASP A 100 -25.62 29.71 -6.36
C ASP A 100 -26.48 29.83 -7.63
N GLU A 101 -26.83 31.06 -8.01
CA GLU A 101 -27.67 31.35 -9.21
C GLU A 101 -26.92 30.94 -10.47
N ILE A 102 -25.65 31.34 -10.59
CA ILE A 102 -24.77 31.02 -11.77
C ILE A 102 -24.55 29.50 -11.83
N TYR A 103 -24.36 28.82 -10.69
CA TYR A 103 -24.15 27.35 -10.67
C TYR A 103 -25.42 26.62 -11.14
N ARG A 104 -26.60 27.11 -10.74
CA ARG A 104 -27.91 26.49 -11.11
C ARG A 104 -28.02 26.42 -12.63
N VAL A 105 -27.61 27.49 -13.34
CA VAL A 105 -27.71 27.59 -14.82
C VAL A 105 -26.63 26.71 -15.46
N SER A 106 -25.41 26.74 -14.92
CA SER A 106 -24.26 25.89 -15.34
C SER A 106 -24.65 24.42 -15.26
N HIS A 107 -25.22 23.99 -14.12
CA HIS A 107 -25.58 22.58 -13.84
C HIS A 107 -26.79 22.16 -14.67
N SER A 108 -27.86 22.96 -14.72
CA SER A 108 -29.11 22.63 -15.45
C SER A 108 -28.84 22.58 -16.96
N SER A 109 -28.02 23.50 -17.48
CA SER A 109 -27.55 23.52 -18.90
C SER A 109 -26.93 22.15 -19.26
N CYS A 110 -25.94 21.73 -18.48
CA CYS A 110 -25.24 20.41 -18.57
C CYS A 110 -26.26 19.28 -18.45
N GLU A 111 -27.05 19.27 -17.38
CA GLU A 111 -28.06 18.21 -17.07
C GLU A 111 -29.08 18.11 -18.21
N ASN A 112 -29.61 19.25 -18.68
CA ASN A 112 -30.65 19.31 -19.74
C ASN A 112 -30.13 18.67 -21.02
N PHE A 113 -28.86 18.93 -21.38
CA PHE A 113 -28.20 18.37 -22.59
C PHE A 113 -28.17 16.84 -22.52
N LEU A 114 -27.85 16.29 -21.33
CA LEU A 114 -27.70 14.82 -21.11
C LEU A 114 -29.07 14.13 -21.15
N ASN A 115 -30.12 14.78 -20.64
CA ASN A 115 -31.46 14.19 -20.42
C ASN A 115 -32.25 14.17 -21.74
N CYS A 116 -31.91 15.06 -22.68
CA CYS A 116 -32.51 15.14 -24.04
C CYS A 116 -32.05 13.94 -24.87
N ASP A 117 -32.95 13.33 -25.65
CA ASP A 117 -32.67 12.09 -26.44
C ASP A 117 -32.58 12.42 -27.93
N GLN A 118 -32.45 13.70 -28.30
CA GLN A 118 -32.47 14.20 -29.70
C GLN A 118 -31.03 14.38 -30.21
N ASN A 119 -30.88 14.60 -31.51
CA ASN A 119 -29.58 15.00 -32.12
C ASN A 119 -29.17 16.35 -31.51
N ILE A 120 -27.94 16.81 -31.77
CA ILE A 120 -27.33 17.96 -31.05
C ILE A 120 -28.07 19.25 -31.43
N ASP A 121 -28.41 19.45 -32.70
CA ASP A 121 -29.05 20.68 -33.22
C ASP A 121 -30.43 20.85 -32.59
N THR A 122 -31.24 19.80 -32.55
CA THR A 122 -32.58 19.78 -31.90
C THR A 122 -32.41 19.98 -30.39
N THR A 123 -31.46 19.27 -29.76
CA THR A 123 -31.16 19.38 -28.30
C THR A 123 -30.92 20.86 -27.96
N LEU A 124 -30.05 21.54 -28.72
CA LEU A 124 -29.66 22.95 -28.46
C LEU A 124 -30.89 23.86 -28.53
N SER A 125 -31.84 23.57 -29.44
CA SER A 125 -33.11 24.34 -29.60
C SER A 125 -34.01 24.16 -28.37
N LEU A 126 -34.11 22.93 -27.86
CA LEU A 126 -35.05 22.57 -26.75
C LEU A 126 -34.54 23.12 -25.41
N ILE A 127 -33.22 23.18 -25.20
CA ILE A 127 -32.61 23.56 -23.88
C ILE A 127 -32.31 25.06 -23.84
N THR A 128 -32.39 25.77 -24.97
CA THR A 128 -32.11 27.23 -25.09
C THR A 128 -33.40 28.04 -24.96
N GLN A 129 -34.56 27.36 -24.84
CA GLN A 129 -35.89 28.02 -24.67
C GLN A 129 -36.42 27.73 -23.25
N PRO A 130 -37.27 28.61 -22.69
CA PRO A 130 -37.85 28.38 -21.36
C PRO A 130 -39.00 27.36 -21.41
N THR A 146 -28.31 35.24 -15.81
CA THR A 146 -27.31 34.18 -15.50
C THR A 146 -27.02 33.36 -16.78
N GLU A 147 -25.74 33.22 -17.12
CA GLU A 147 -25.27 32.63 -18.41
C GLU A 147 -24.20 31.57 -18.15
N ALA A 148 -24.12 30.57 -19.03
CA ALA A 148 -23.04 29.56 -19.07
C ALA A 148 -22.64 29.28 -20.53
N SER A 149 -21.33 29.16 -20.78
CA SER A 149 -20.76 28.59 -22.02
C SER A 149 -20.89 27.07 -21.96
N ALA A 151 -19.43 23.35 -24.10
CA ALA A 151 -18.84 22.44 -25.12
C ALA A 151 -19.44 21.05 -24.90
N ALA A 152 -20.05 20.47 -25.93
CA ALA A 152 -20.84 19.22 -25.82
C ALA A 152 -20.73 18.40 -27.11
N PHE A 153 -20.95 17.10 -27.01
CA PHE A 153 -20.94 16.18 -28.18
C PHE A 153 -21.81 14.96 -27.91
N ILE A 154 -22.28 14.36 -28.99
CA ILE A 154 -23.04 13.07 -29.05
C ILE A 154 -22.30 12.19 -30.04
N TYR A 155 -21.95 10.95 -29.65
CA TYR A 155 -21.48 9.91 -30.59
C TYR A 155 -22.39 8.68 -30.44
N GLN A 156 -22.53 7.93 -31.53
CA GLN A 156 -23.38 6.72 -31.60
C GLN A 156 -22.86 5.85 -32.74
N ASN A 157 -22.86 4.53 -32.54
CA ASN A 157 -22.58 3.54 -33.61
C ASN A 157 -23.80 3.45 -34.52
N HIS A 158 -23.62 3.70 -35.82
CA HIS A 158 -24.62 3.45 -36.89
C HIS A 158 -24.21 2.19 -37.64
N PRO A 159 -24.92 1.05 -37.46
CA PRO A 159 -24.48 -0.25 -37.98
C PRO A 159 -23.70 -0.26 -39.30
N GLY A 160 -24.15 0.51 -40.30
CA GLY A 160 -23.53 0.57 -41.63
C GLY A 160 -22.26 1.41 -41.66
N LYS A 161 -22.23 2.51 -40.88
CA LYS A 161 -21.24 3.61 -41.01
C LYS A 161 -20.11 3.50 -39.98
N GLY A 162 -20.42 3.02 -38.77
CA GLY A 162 -19.52 3.10 -37.60
C GLY A 162 -19.93 4.23 -36.67
N TYR A 163 -18.99 4.78 -35.91
CA TYR A 163 -19.23 5.90 -34.96
C TYR A 163 -19.32 7.22 -35.73
N ILE A 164 -20.37 8.00 -35.47
CA ILE A 164 -20.56 9.40 -35.95
C ILE A 164 -20.67 10.31 -34.73
N GLY A 165 -19.85 11.37 -34.67
CA GLY A 165 -19.80 12.33 -33.56
C GLY A 165 -20.32 13.68 -33.98
N GLU A 166 -21.34 14.19 -33.29
CA GLU A 166 -21.84 15.59 -33.43
C GLU A 166 -21.21 16.42 -32.31
N PHE A 167 -20.55 17.54 -32.66
CA PHE A 167 -19.83 18.41 -31.71
C PHE A 167 -20.41 19.82 -31.78
N ALA A 168 -20.61 20.44 -30.61
CA ALA A 168 -21.11 21.82 -30.44
C ALA A 168 -20.28 22.54 -29.37
N ASN A 169 -19.77 23.73 -29.70
CA ASN A 169 -19.02 24.58 -28.75
C ASN A 169 -19.59 26.00 -28.82
N ILE A 170 -20.07 26.51 -27.68
CA ILE A 170 -20.49 27.92 -27.47
C ILE A 170 -19.66 28.47 -26.31
N GLY A 171 -18.74 29.40 -26.60
CA GLY A 171 -17.89 30.07 -25.59
C GLY A 171 -16.45 29.61 -25.65
N ALA A 172 -15.75 29.68 -24.51
CA ALA A 172 -14.28 29.53 -24.41
C ALA A 172 -13.89 28.15 -23.88
N GLY A 173 -14.82 27.19 -23.88
CA GLY A 173 -14.49 25.75 -23.77
C GLY A 173 -13.75 25.28 -25.01
N LEU A 174 -13.14 24.10 -24.95
CA LEU A 174 -12.34 23.53 -26.07
C LEU A 174 -12.55 22.02 -26.13
N ILE A 175 -12.79 21.48 -27.34
CA ILE A 175 -12.81 20.00 -27.59
C ILE A 175 -11.68 19.66 -28.56
N ILE A 176 -10.86 18.66 -28.21
CA ILE A 176 -9.77 18.10 -29.06
C ILE A 176 -10.05 16.61 -29.25
N ILE A 177 -10.01 16.14 -30.49
CA ILE A 177 -10.19 14.71 -30.87
C ILE A 177 -8.81 14.18 -31.30
N LEU A 178 -8.34 13.12 -30.62
CA LEU A 178 -7.08 12.41 -30.96
C LEU A 178 -7.45 10.98 -31.37
N ASP A 179 -6.56 10.32 -32.13
CA ASP A 179 -6.67 8.86 -32.40
C ASP A 179 -6.02 8.12 -31.22
N LYS A 180 -5.88 6.80 -31.31
CA LYS A 180 -5.44 5.93 -30.19
C LYS A 180 -3.93 6.08 -29.93
N ARG A 181 -3.18 6.70 -30.84
CA ARG A 181 -1.73 6.98 -30.70
C ARG A 181 -1.51 8.47 -30.35
N PHE A 182 -2.57 9.17 -29.96
CA PHE A 182 -2.57 10.56 -29.43
C PHE A 182 -2.15 11.56 -30.51
N LYS A 183 -2.41 11.25 -31.77
CA LYS A 183 -2.27 12.19 -32.92
C LYS A 183 -3.53 13.06 -32.96
N ILE A 184 -3.37 14.38 -32.98
CA ILE A 184 -4.50 15.37 -33.04
C ILE A 184 -5.15 15.26 -34.42
N LYS A 185 -6.43 14.88 -34.47
CA LYS A 185 -7.22 14.77 -35.73
C LYS A 185 -8.06 16.04 -35.92
N HIS A 186 -8.82 16.47 -34.90
CA HIS A 186 -9.77 17.60 -34.98
C HIS A 186 -9.73 18.45 -33.71
N VAL A 188 -12.39 21.52 -31.99
CA VAL A 188 -13.59 22.41 -31.94
C VAL A 188 -13.21 23.62 -31.09
N SER A 189 -12.81 24.72 -31.74
CA SER A 189 -12.03 25.83 -31.13
C SER A 189 -12.90 26.67 -30.19
N ALA A 190 -12.26 27.29 -29.20
CA ALA A 190 -12.87 28.30 -28.29
C ALA A 190 -13.16 29.56 -29.09
N CYS A 191 -14.09 30.39 -28.60
CA CYS A 191 -14.51 31.66 -29.25
C CYS A 191 -14.60 32.78 -28.20
N HIS A 192 -14.04 33.95 -28.53
CA HIS A 192 -14.21 35.23 -27.80
C HIS A 192 -14.79 36.27 -28.75
N ILE A 193 -15.78 37.04 -28.29
CA ILE A 193 -16.41 38.18 -29.01
C ILE A 193 -15.87 39.49 -28.40
N TYR A 194 -15.56 40.48 -29.25
CA TYR A 194 -15.10 41.82 -28.81
C TYR A 194 -16.29 42.58 -28.20
N ARG A 195 -16.14 43.05 -26.96
CA ARG A 195 -17.20 43.75 -26.18
C ARG A 195 -16.90 45.25 -26.11
N GLY A 196 -15.79 45.69 -26.71
CA GLY A 196 -15.29 47.07 -26.63
C GLY A 196 -14.31 47.25 -25.48
N PHE A 197 -13.66 48.41 -25.43
CA PHE A 197 -12.65 48.81 -24.40
C PHE A 197 -11.59 47.72 -24.24
N GLY A 198 -11.16 47.13 -25.35
CA GLY A 198 -10.01 46.19 -25.42
C GLY A 198 -10.29 44.84 -24.79
N THR A 199 -11.56 44.51 -24.51
CA THR A 199 -11.95 43.27 -23.79
C THR A 199 -12.68 42.31 -24.75
N TRP A 200 -12.37 41.02 -24.63
CA TRP A 200 -12.96 39.88 -25.40
C TRP A 200 -13.49 38.85 -24.40
N THR A 201 -14.77 38.47 -24.51
CA THR A 201 -15.45 37.51 -23.59
C THR A 201 -16.19 36.46 -24.41
N PRO A 202 -16.32 35.22 -23.89
CA PRO A 202 -16.98 34.14 -24.63
C PRO A 202 -18.49 34.31 -24.74
N PRO A 203 -19.12 33.89 -25.87
CA PRO A 203 -20.56 33.80 -25.94
C PRO A 203 -21.11 32.70 -25.01
N SER A 204 -22.38 32.80 -24.65
CA SER A 204 -23.11 31.84 -23.77
C SER A 204 -24.10 31.01 -24.59
N LEU A 205 -24.49 29.85 -24.06
CA LEU A 205 -25.58 28.99 -24.59
C LEU A 205 -26.87 29.82 -24.69
N GLN A 206 -27.12 30.70 -23.72
CA GLN A 206 -28.38 31.48 -23.58
C GLN A 206 -28.43 32.57 -24.68
N ALA A 207 -27.29 33.12 -25.08
CA ALA A 207 -27.17 34.16 -26.13
C ALA A 207 -27.62 33.60 -27.50
N LEU A 208 -27.58 32.27 -27.67
CA LEU A 208 -27.83 31.59 -28.98
C LEU A 208 -29.24 31.93 -29.50
N ALA A 209 -30.24 31.96 -28.62
CA ALA A 209 -31.67 32.15 -28.96
C ALA A 209 -32.02 33.64 -29.12
N THR A 210 -31.08 34.56 -28.85
CA THR A 210 -31.33 36.03 -28.84
C THR A 210 -30.85 36.69 -30.15
N THR A 211 -30.26 35.92 -31.07
CA THR A 211 -29.64 36.44 -32.32
C THR A 211 -29.89 35.48 -33.50
N ALA A 212 -29.99 36.03 -34.70
CA ALA A 212 -30.13 35.30 -35.99
C ALA A 212 -28.76 34.75 -36.44
N ASN A 213 -27.65 35.35 -35.96
CA ASN A 213 -26.27 34.96 -36.36
C ASN A 213 -25.75 33.90 -35.37
N LYS A 214 -26.37 32.72 -35.38
CA LYS A 214 -26.03 31.57 -34.50
C LYS A 214 -24.66 30.99 -34.92
N ASP A 215 -24.29 31.08 -36.20
CA ASP A 215 -22.97 30.67 -36.73
C ASP A 215 -21.85 31.44 -36.03
N ALA A 216 -21.95 32.77 -35.99
CA ALA A 216 -20.98 33.69 -35.36
C ALA A 216 -20.70 33.25 -33.91
N LEU A 217 -21.62 32.53 -33.27
CA LEU A 217 -21.51 32.08 -31.85
C LEU A 217 -21.27 30.57 -31.78
N LEU A 218 -22.08 29.75 -32.45
CA LEU A 218 -22.06 28.26 -32.36
C LEU A 218 -21.04 27.68 -33.34
N VAL A 219 -20.01 26.99 -32.81
CA VAL A 219 -19.07 26.16 -33.62
C VAL A 219 -19.66 24.75 -33.69
N ARG A 220 -19.88 24.23 -34.90
CA ARG A 220 -20.48 22.90 -35.13
C ARG A 220 -19.56 22.09 -36.07
N GLN A 221 -19.33 20.83 -35.72
CA GLN A 221 -18.60 19.82 -36.55
C GLN A 221 -19.28 18.47 -36.37
N THR A 222 -19.46 17.74 -37.47
CA THR A 222 -19.92 16.33 -37.49
C THR A 222 -18.78 15.49 -38.08
N LEU A 223 -18.33 14.47 -37.36
CA LEU A 223 -17.07 13.73 -37.65
C LEU A 223 -17.30 12.22 -37.53
N LYS A 224 -16.72 11.45 -38.45
CA LYS A 224 -16.54 9.98 -38.29
C LYS A 224 -15.44 9.76 -37.24
N LEU A 225 -15.73 8.94 -36.22
CA LEU A 225 -14.78 8.58 -35.14
C LEU A 225 -14.36 7.12 -35.30
N ALA A 226 -13.08 6.82 -35.05
CA ALA A 226 -12.53 5.44 -35.05
C ALA A 226 -12.56 4.90 -33.61
N GLU A 227 -12.67 3.58 -33.46
CA GLU A 227 -12.46 2.85 -32.18
C GLU A 227 -11.17 3.38 -31.54
N GLY A 228 -11.21 3.65 -30.24
CA GLY A 228 -10.01 4.02 -29.44
C GLY A 228 -9.64 5.49 -29.59
N ASP A 229 -10.40 6.28 -30.36
CA ASP A 229 -10.24 7.75 -30.44
C ASP A 229 -10.41 8.34 -29.03
N ILE A 230 -9.65 9.39 -28.73
CA ILE A 230 -9.69 10.13 -27.43
C ILE A 230 -10.32 11.49 -27.69
N ILE A 231 -11.41 11.80 -26.98
CA ILE A 231 -12.07 13.14 -26.99
C ILE A 231 -11.83 13.80 -25.64
N ILE A 232 -11.22 14.98 -25.65
CA ILE A 232 -10.88 15.79 -24.45
C ILE A 232 -11.68 17.09 -24.52
N SER A 233 -12.50 17.36 -23.50
CA SER A 233 -13.23 18.65 -23.31
C SER A 233 -12.64 19.36 -22.08
N THR A 235 -12.63 23.35 -19.90
CA THR A 235 -12.96 24.78 -19.67
C THR A 235 -11.65 25.57 -19.77
N ASP A 236 -11.73 26.88 -20.02
CA ASP A 236 -10.52 27.74 -20.22
C ASP A 236 -9.59 27.68 -19.00
N GLY A 237 -10.10 27.31 -17.82
CA GLY A 237 -9.30 27.13 -16.59
C GLY A 237 -8.17 26.14 -16.77
N VAL A 238 -8.39 25.08 -17.56
CA VAL A 238 -7.36 24.04 -17.88
C VAL A 238 -6.57 24.47 -19.12
N TRP A 239 -7.20 24.55 -20.30
CA TRP A 239 -6.48 24.71 -21.58
C TRP A 239 -5.86 26.11 -21.70
N GLY A 240 -6.42 27.11 -21.01
CA GLY A 240 -5.90 28.48 -20.97
C GLY A 240 -4.56 28.59 -20.26
N GLU A 241 -4.23 27.63 -19.40
CA GLU A 241 -2.94 27.57 -18.67
C GLU A 241 -1.86 26.92 -19.56
N LEU A 242 -2.27 26.09 -20.53
CA LEU A 242 -1.34 25.48 -21.53
C LEU A 242 -0.95 26.56 -22.55
N LYS A 243 0.04 26.28 -23.39
CA LYS A 243 0.45 27.17 -24.52
C LYS A 243 -0.74 27.27 -25.48
N THR A 244 -1.20 28.49 -25.74
CA THR A 244 -2.39 28.80 -26.57
C THR A 244 -1.95 29.29 -27.95
N SER A 245 -2.88 29.39 -28.89
CA SER A 245 -2.65 29.80 -30.30
C SER A 245 -3.91 30.50 -30.82
N LEU A 246 -3.74 31.66 -31.46
CA LEU A 246 -4.82 32.37 -32.19
C LEU A 246 -5.02 31.68 -33.55
N ILE A 247 -6.16 31.05 -33.75
CA ILE A 247 -6.51 30.31 -35.02
C ILE A 247 -6.96 31.33 -36.07
N ALA A 248 -7.80 32.29 -35.69
CA ALA A 248 -8.32 33.35 -36.59
C ALA A 248 -8.89 34.52 -35.77
N GLN A 249 -8.87 35.72 -36.36
CA GLN A 249 -9.52 36.94 -35.80
C GLN A 249 -10.21 37.67 -36.95
N THR A 250 -11.54 37.85 -36.84
CA THR A 250 -12.37 38.74 -37.69
C THR A 250 -12.53 40.08 -36.97
N ASN A 251 -13.48 40.92 -37.41
CA ASN A 251 -13.79 42.24 -36.81
C ASN A 251 -14.04 42.08 -35.31
N ASP A 252 -14.99 41.22 -34.93
CA ASP A 252 -15.54 41.13 -33.56
C ASP A 252 -15.41 39.70 -32.98
N ARG A 253 -14.72 38.79 -33.66
CA ARG A 253 -14.65 37.35 -33.27
C ARG A 253 -13.20 36.86 -33.30
N ARG A 254 -12.79 36.13 -32.26
CA ARG A 254 -11.48 35.41 -32.18
C ARG A 254 -11.75 33.92 -32.02
N ASP A 255 -11.08 33.10 -32.85
CA ASP A 255 -11.03 31.62 -32.71
C ASP A 255 -9.69 31.25 -32.05
N ILE A 256 -9.75 30.60 -30.89
CA ILE A 256 -8.55 30.32 -30.02
C ILE A 256 -8.55 28.83 -29.65
N GLY A 257 -7.36 28.25 -29.54
CA GLY A 257 -7.16 26.87 -29.07
C GLY A 257 -5.79 26.68 -28.45
N VAL A 258 -5.41 25.43 -28.19
CA VAL A 258 -4.05 25.07 -27.71
C VAL A 258 -3.10 25.06 -28.90
N ASP A 259 -1.82 25.36 -28.65
CA ASP A 259 -0.70 25.06 -29.56
C ASP A 259 -0.67 23.54 -29.74
N LYS A 260 -0.94 23.05 -30.96
CA LYS A 260 -1.14 21.60 -31.25
C LYS A 260 0.16 20.84 -31.01
N GLU A 261 1.30 21.42 -31.37
CA GLU A 261 2.64 20.79 -31.23
C GLU A 261 2.95 20.59 -29.74
N TYR A 262 2.70 21.60 -28.91
CA TYR A 262 2.91 21.56 -27.43
C TYR A 262 1.95 20.54 -26.80
N PHE A 263 0.67 20.56 -27.17
CA PHE A 263 -0.39 19.68 -26.60
C PHE A 263 -0.03 18.21 -26.87
N LYS A 264 0.49 17.92 -28.07
CA LYS A 264 0.93 16.57 -28.52
C LYS A 264 2.03 16.04 -27.58
N THR A 265 2.97 16.89 -27.16
CA THR A 265 4.14 16.51 -26.31
C THR A 265 3.68 16.08 -24.92
N LEU A 266 2.49 16.50 -24.47
CA LEU A 266 1.92 16.15 -23.14
C LEU A 266 1.80 14.63 -23.00
N PHE A 267 1.57 13.91 -24.12
CA PHE A 267 1.29 12.45 -24.15
C PHE A 267 2.58 11.64 -24.38
N ASP A 268 3.74 12.30 -24.57
CA ASP A 268 5.07 11.64 -24.74
C ASP A 268 5.22 10.52 -23.71
N GLU A 269 4.82 10.80 -22.45
CA GLU A 269 4.76 9.84 -21.32
C GLU A 269 4.11 8.52 -21.79
N LEU A 270 2.86 8.60 -22.25
CA LEU A 270 1.94 7.45 -22.43
C LEU A 270 2.25 6.66 -23.70
N THR A 271 3.25 7.08 -24.49
CA THR A 271 3.63 6.45 -25.79
C THR A 271 3.62 4.92 -25.68
N ASP A 272 4.12 4.35 -24.56
CA ASP A 272 4.24 2.89 -24.35
C ASP A 272 3.26 2.41 -23.27
N ALA A 273 2.33 3.25 -22.83
CA ALA A 273 1.23 2.88 -21.90
C ALA A 273 0.24 2.01 -22.67
N PRO A 274 -0.01 0.75 -22.24
CA PRO A 274 -0.76 -0.21 -23.05
C PRO A 274 -2.21 0.17 -23.36
N TYR A 275 -2.95 0.66 -22.36
CA TYR A 275 -4.38 1.07 -22.47
C TYR A 275 -4.70 2.04 -21.35
N PRO A 276 -4.22 3.30 -21.44
CA PRO A 276 -4.28 4.23 -20.31
C PRO A 276 -5.73 4.67 -20.06
N SER A 277 -6.15 4.68 -18.79
CA SER A 277 -7.48 5.14 -18.34
C SER A 277 -7.67 6.60 -18.76
N SER A 278 -8.93 7.02 -18.93
CA SER A 278 -9.33 8.43 -19.13
C SER A 278 -8.80 9.29 -17.97
N PHE A 279 -8.80 8.73 -16.75
CA PHE A 279 -8.27 9.39 -15.53
C PHE A 279 -6.81 9.79 -15.75
N ASP A 280 -5.95 8.81 -16.10
CA ASP A 280 -4.50 9.01 -16.32
C ASP A 280 -4.29 10.13 -17.34
N ILE A 281 -5.03 10.13 -18.44
CA ILE A 281 -4.92 11.14 -19.53
C ILE A 281 -5.30 12.52 -18.94
N ALA A 282 -6.43 12.59 -18.23
CA ALA A 282 -6.95 13.82 -17.61
C ALA A 282 -5.93 14.35 -16.59
N ARG A 283 -5.39 13.46 -15.75
CA ARG A 283 -4.41 13.79 -14.67
C ARG A 283 -3.17 14.44 -15.29
N ILE A 284 -2.63 13.86 -16.38
CA ILE A 284 -1.39 14.32 -17.04
C ILE A 284 -1.58 15.76 -17.57
N ILE A 285 -2.71 16.05 -18.20
CA ILE A 285 -3.03 17.40 -18.77
C ILE A 285 -3.25 18.39 -17.61
N THR A 286 -3.99 17.98 -16.57
CA THR A 286 -4.30 18.80 -15.37
C THR A 286 -2.99 19.16 -14.65
N GLN A 287 -2.09 18.19 -14.46
CA GLN A 287 -0.76 18.37 -13.82
C GLN A 287 0.03 19.44 -14.58
N ARG A 288 0.14 19.33 -15.91
CA ARG A 288 0.91 20.29 -16.74
C ARG A 288 0.27 21.68 -16.66
N ALA A 289 -1.06 21.76 -16.80
CA ALA A 289 -1.84 23.02 -16.74
C ALA A 289 -1.57 23.74 -15.41
N SER A 291 0.82 23.10 -13.08
CA SER A 291 2.28 23.38 -12.98
C SER A 291 2.57 24.78 -13.52
N ARG A 292 2.10 25.06 -14.74
CA ARG A 292 2.29 26.37 -15.43
C ARG A 292 1.55 27.46 -14.63
N SER A 293 0.34 27.17 -14.15
CA SER A 293 -0.48 28.11 -13.33
C SER A 293 0.27 28.47 -12.04
N LEU A 294 0.79 27.47 -11.33
CA LEU A 294 1.50 27.63 -10.04
C LEU A 294 2.78 28.44 -10.27
N GLU A 295 3.56 28.12 -11.32
CA GLU A 295 4.82 28.83 -11.65
C GLU A 295 4.51 30.26 -12.08
N ARG A 296 3.43 30.47 -12.84
CA ARG A 296 2.97 31.80 -13.31
C ARG A 296 2.75 32.71 -12.09
N ARG A 297 2.03 32.23 -11.07
CA ARG A 297 1.65 33.03 -9.88
C ARG A 297 2.86 33.21 -8.95
N LYS A 298 3.77 32.24 -8.88
CA LYS A 298 5.07 32.38 -8.16
C LYS A 298 5.82 33.59 -8.70
N THR A 299 5.95 33.67 -10.04
CA THR A 299 6.69 34.71 -10.80
C THR A 299 6.10 36.09 -10.51
N LEU A 300 4.77 36.20 -10.48
CA LEU A 300 4.03 37.49 -10.39
C LEU A 300 4.37 38.18 -9.06
N ILE A 301 4.13 37.52 -7.92
CA ILE A 301 4.34 38.08 -6.55
C ILE A 301 5.82 38.41 -6.35
N LYS A 302 6.74 37.61 -6.92
CA LYS A 302 8.21 37.82 -6.80
C LYS A 302 8.62 39.03 -7.63
N LEU A 303 8.08 39.18 -8.84
CA LEU A 303 8.26 40.37 -9.71
C LEU A 303 7.72 41.62 -8.98
N ILE A 304 6.53 41.52 -8.38
CA ILE A 304 5.86 42.61 -7.60
C ILE A 304 6.79 43.07 -6.47
N ASN A 305 7.36 42.12 -5.71
CA ASN A 305 8.30 42.41 -4.59
C ASN A 305 9.61 42.98 -5.15
N GLU A 306 10.01 42.54 -6.35
CA GLU A 306 11.25 42.98 -7.05
C GLU A 306 11.10 44.43 -7.53
N ILE A 307 9.93 44.83 -8.02
CA ILE A 307 9.67 46.20 -8.56
C ILE A 307 9.16 47.12 -7.44
N GLU A 308 9.02 46.60 -6.20
CA GLU A 308 8.81 47.41 -4.97
C GLU A 308 10.18 47.85 -4.44
N GLN A 309 11.24 47.11 -4.75
CA GLN A 309 12.65 47.42 -4.39
C GLN A 309 13.11 48.66 -5.18
N GLN A 310 12.67 48.82 -6.43
CA GLN A 310 12.90 50.01 -7.29
C GLN A 310 12.76 51.29 -6.47
N HIS A 311 11.63 51.43 -5.76
CA HIS A 311 11.26 52.62 -4.92
C HIS A 311 11.18 53.88 -5.80
N PHE A 312 10.27 53.89 -6.77
CA PHE A 312 9.92 55.09 -7.59
C PHE A 312 8.73 55.79 -6.92
N GLU A 334 15.39 38.54 -18.95
CA GLU A 334 15.58 39.12 -17.60
C GLU A 334 14.20 39.50 -17.02
N THR A 335 14.15 40.44 -16.08
CA THR A 335 12.92 40.92 -15.40
C THR A 335 12.03 41.68 -16.39
N ALA A 336 12.65 42.40 -17.33
CA ALA A 336 11.96 43.21 -18.38
C ALA A 336 11.08 42.29 -19.24
N GLN A 337 11.67 41.20 -19.77
CA GLN A 337 10.98 40.20 -20.63
C GLN A 337 9.91 39.46 -19.81
N THR A 338 10.12 39.30 -18.51
CA THR A 338 9.16 38.65 -17.56
C THR A 338 7.95 39.59 -17.35
N LEU A 339 8.21 40.86 -17.00
CA LEU A 339 7.18 41.91 -16.81
C LEU A 339 6.41 42.12 -18.11
N LYS A 340 7.13 42.12 -19.25
CA LYS A 340 6.55 42.28 -20.62
C LYS A 340 5.56 41.13 -20.90
N ALA A 341 5.98 39.89 -20.63
CA ALA A 341 5.23 38.65 -20.94
C ALA A 341 3.85 38.66 -20.29
N ILE A 342 3.76 39.15 -19.04
CA ILE A 342 2.49 39.14 -18.23
C ILE A 342 1.51 40.18 -18.81
N LEU A 343 1.96 41.43 -18.96
CA LEU A 343 1.12 42.59 -19.35
C LEU A 343 0.58 42.40 -20.77
N PHE A 344 1.45 42.12 -21.75
CA PHE A 344 1.14 42.10 -23.20
C PHE A 344 0.56 40.75 -23.62
N GLU A 345 0.55 39.75 -22.72
CA GLU A 345 -0.16 38.45 -22.88
C GLU A 345 -0.86 38.09 -21.57
N GLU A 359 -0.37 53.76 -22.93
CA GLU A 359 0.22 54.46 -21.75
C GLU A 359 -0.69 54.28 -20.54
N ILE A 360 -0.25 53.48 -19.56
CA ILE A 360 -0.92 53.27 -18.24
C ILE A 360 0.05 53.70 -17.15
N PRO A 361 -0.38 54.52 -16.16
CA PRO A 361 0.50 54.93 -15.06
C PRO A 361 0.92 53.74 -14.17
N LEU A 362 2.15 53.80 -13.66
CA LEU A 362 2.80 52.72 -12.84
C LEU A 362 1.89 52.36 -11.66
N GLU A 363 1.36 53.37 -10.96
CA GLU A 363 0.59 53.21 -9.70
C GLU A 363 -0.66 52.34 -9.93
N VAL A 365 -1.12 50.07 -12.42
CA VAL A 365 -0.67 48.68 -12.78
C VAL A 365 -0.41 47.91 -11.48
N HIS A 367 -1.49 48.44 -8.33
CA HIS A 367 -2.82 48.21 -7.70
C HIS A 367 -3.48 46.99 -8.35
N ASP A 368 -3.50 46.96 -9.70
CA ASP A 368 -4.04 45.84 -10.53
C ASP A 368 -3.33 44.54 -10.13
N LEU A 369 -2.00 44.48 -10.29
CA LEU A 369 -1.18 43.26 -10.06
C LEU A 369 -1.31 42.78 -8.61
N LYS A 370 -1.40 43.70 -7.64
CA LYS A 370 -1.42 43.40 -6.18
C LYS A 370 -2.83 42.96 -5.73
N SER A 371 -3.89 43.39 -6.44
CA SER A 371 -5.31 43.08 -6.12
C SER A 371 -5.86 41.99 -7.06
N ARG A 372 -5.12 41.63 -8.10
CA ARG A 372 -5.52 40.60 -9.12
C ARG A 372 -5.88 39.29 -8.44
N THR A 373 -6.95 38.64 -8.92
CA THR A 373 -7.21 37.19 -8.74
C THR A 373 -6.43 36.46 -9.85
N VAL A 374 -5.91 35.28 -9.56
CA VAL A 374 -5.26 34.39 -10.57
C VAL A 374 -6.07 33.09 -10.64
N GLY A 375 -5.94 32.34 -11.74
CA GLY A 375 -6.59 31.02 -11.91
C GLY A 375 -8.08 31.16 -12.15
N ASP A 376 -8.83 30.06 -11.96
CA ASP A 376 -10.24 29.93 -12.40
C ASP A 376 -10.74 28.53 -12.02
N CYS A 377 -12.06 28.33 -12.04
CA CYS A 377 -12.70 26.99 -12.14
C CYS A 377 -12.03 26.24 -13.30
N SER A 378 -11.53 25.04 -13.04
CA SER A 378 -10.70 24.24 -13.98
C SER A 378 -11.28 22.82 -14.08
N THR A 379 -11.81 22.46 -15.25
CA THR A 379 -12.51 21.17 -15.46
C THR A 379 -12.07 20.56 -16.79
N ILE A 380 -11.91 19.24 -16.80
CA ILE A 380 -11.54 18.41 -17.98
C ILE A 380 -12.33 17.11 -17.89
N ASN A 381 -12.92 16.68 -19.01
CA ASN A 381 -13.45 15.31 -19.17
C ASN A 381 -12.69 14.67 -20.33
N VAL A 382 -12.41 13.36 -20.22
CA VAL A 382 -11.73 12.55 -21.26
C VAL A 382 -12.61 11.34 -21.57
N THR A 383 -12.86 11.08 -22.85
CA THR A 383 -13.65 9.92 -23.35
C THR A 383 -12.80 9.12 -24.34
N ARG A 384 -12.74 7.80 -24.18
CA ARG A 384 -12.27 6.86 -25.23
C ARG A 384 -13.50 6.34 -25.98
N ILE A 385 -13.48 6.43 -27.32
CA ILE A 385 -14.51 5.81 -28.20
C ILE A 385 -14.37 4.29 -28.06
N PRO A 386 -15.42 3.57 -27.60
CA PRO A 386 -15.30 2.14 -27.29
C PRO A 386 -15.03 1.25 -28.51
N TYR A 387 -14.40 0.09 -28.27
CA TYR A 387 -14.20 -0.99 -29.27
C TYR A 387 -15.48 -1.84 -29.33
N HIS A 388 -15.99 -2.07 -30.54
CA HIS A 388 -17.25 -2.82 -30.82
C HIS A 388 -17.20 -4.18 -30.14
N LEU A 389 -16.10 -4.92 -30.31
CA LEU A 389 -15.93 -6.30 -29.77
C LEU A 389 -15.91 -6.26 -28.24
N ASP A 390 -15.16 -5.31 -27.65
CA ASP A 390 -15.02 -5.16 -26.18
C ASP A 390 -16.41 -4.98 -25.54
N GLU A 391 -17.26 -4.15 -26.13
CA GLU A 391 -18.60 -3.78 -25.57
C GLU A 391 -19.57 -4.97 -25.70
N LEU A 392 -19.46 -5.76 -26.77
CA LEU A 392 -20.26 -7.00 -26.96
C LEU A 392 -19.86 -8.02 -25.89
N ILE A 393 -18.56 -8.11 -25.59
CA ILE A 393 -18.00 -9.04 -24.55
C ILE A 393 -18.48 -8.57 -23.16
N ARG A 394 -18.39 -7.26 -22.88
CA ARG A 394 -18.86 -6.66 -21.60
C ARG A 394 -20.31 -7.08 -21.36
N GLY A 395 -21.18 -6.91 -22.36
CA GLY A 395 -22.61 -7.25 -22.31
C GLY A 395 -22.83 -8.74 -22.12
N PHE A 396 -22.04 -9.59 -22.80
CA PHE A 396 -22.12 -11.07 -22.72
C PHE A 396 -21.82 -11.53 -21.28
N ILE A 397 -20.86 -10.89 -20.61
CA ILE A 397 -20.42 -11.24 -19.22
C ILE A 397 -21.44 -10.70 -18.21
N ASN A 398 -21.86 -9.44 -18.35
CA ASN A 398 -22.78 -8.74 -17.41
C ASN A 398 -24.20 -9.30 -17.54
N TYR A 399 -24.64 -9.61 -18.76
CA TYR A 399 -26.00 -10.10 -19.08
C TYR A 399 -25.92 -11.51 -19.67
N PRO A 400 -25.66 -12.56 -18.85
CA PRO A 400 -25.62 -13.93 -19.35
C PRO A 400 -27.00 -14.49 -19.73
N GLU A 401 -28.07 -13.76 -19.41
CA GLU A 401 -29.48 -14.09 -19.78
C GLU A 401 -29.66 -13.92 -21.29
N LYS A 402 -28.90 -12.99 -21.90
CA LYS A 402 -29.04 -12.57 -23.31
C LYS A 402 -27.96 -13.23 -24.18
N HIS A 403 -27.48 -14.42 -23.79
CA HIS A 403 -26.35 -15.14 -24.45
C HIS A 403 -26.78 -15.60 -25.85
N GLN A 404 -28.05 -15.97 -26.03
CA GLN A 404 -28.64 -16.41 -27.33
C GLN A 404 -28.69 -15.25 -28.32
N ILE A 405 -29.10 -14.06 -27.86
CA ILE A 405 -29.32 -12.84 -28.70
C ILE A 405 -27.96 -12.29 -29.15
N LEU A 406 -26.94 -12.37 -28.31
CA LEU A 406 -25.61 -11.73 -28.54
C LEU A 406 -24.69 -12.67 -29.33
N ALA A 407 -24.87 -13.99 -29.22
CA ALA A 407 -24.02 -15.01 -29.86
C ALA A 407 -23.90 -14.78 -31.37
N PRO A 408 -25.02 -14.52 -32.10
CA PRO A 408 -24.94 -14.19 -33.53
C PRO A 408 -24.12 -12.95 -33.94
N LEU A 409 -23.89 -12.01 -33.02
CA LEU A 409 -23.25 -10.69 -33.29
C LEU A 409 -21.71 -10.80 -33.25
N PHE A 410 -21.17 -11.87 -32.65
CA PHE A 410 -19.70 -12.07 -32.48
C PHE A 410 -19.04 -12.30 -33.84
N LYS A 411 -19.67 -13.07 -34.73
CA LYS A 411 -19.11 -13.49 -36.05
C LYS A 411 -18.67 -12.26 -36.85
N ALA A 412 -19.49 -11.19 -36.86
CA ALA A 412 -19.21 -9.94 -37.59
C ALA A 412 -18.05 -9.17 -36.96
N ARG A 413 -17.84 -9.30 -35.64
CA ARG A 413 -16.90 -8.44 -34.85
C ARG A 413 -15.58 -9.16 -34.56
N VAL A 414 -15.40 -10.42 -34.99
CA VAL A 414 -14.19 -11.25 -34.68
C VAL A 414 -13.56 -11.72 -35.99
N LYS A 415 -12.46 -11.08 -36.39
CA LYS A 415 -11.72 -11.33 -37.66
C LYS A 415 -10.70 -12.47 -37.45
N SER A 416 -10.24 -12.68 -36.22
CA SER A 416 -9.22 -13.70 -35.85
C SER A 416 -9.18 -13.89 -34.33
N GLU A 417 -8.46 -14.91 -33.87
CA GLU A 417 -8.21 -15.18 -32.42
C GLU A 417 -7.36 -14.04 -31.86
N ALA A 418 -6.41 -13.54 -32.66
CA ALA A 418 -5.52 -12.40 -32.32
C ALA A 418 -6.37 -11.22 -31.86
N ASP A 419 -7.41 -10.88 -32.63
CA ASP A 419 -8.32 -9.73 -32.38
C ASP A 419 -9.17 -10.00 -31.12
N LEU A 420 -9.58 -11.26 -30.88
CA LEU A 420 -10.26 -11.69 -29.62
C LEU A 420 -9.32 -11.45 -28.43
N GLU A 421 -8.07 -11.92 -28.55
CA GLU A 421 -6.99 -11.75 -27.52
C GLU A 421 -6.79 -10.27 -27.24
N GLU A 422 -6.77 -9.43 -28.29
CA GLU A 422 -6.66 -7.94 -28.20
C GLU A 422 -7.76 -7.40 -27.30
N ALA A 423 -9.01 -7.86 -27.50
CA ALA A 423 -10.22 -7.37 -26.81
C ALA A 423 -10.16 -7.73 -25.33
N PHE A 424 -9.81 -8.99 -25.00
CA PHE A 424 -9.71 -9.49 -23.60
C PHE A 424 -8.51 -8.84 -22.90
N HIS A 425 -7.46 -8.49 -23.65
CA HIS A 425 -6.28 -7.74 -23.14
C HIS A 425 -6.71 -6.34 -22.68
N ARG A 426 -7.49 -5.63 -23.50
CA ARG A 426 -8.02 -4.27 -23.16
C ARG A 426 -8.92 -4.36 -21.93
N LEU A 427 -9.83 -5.36 -21.89
CA LEU A 427 -10.76 -5.60 -20.76
C LEU A 427 -9.97 -5.94 -19.49
N SER A 428 -8.86 -6.67 -19.64
CA SER A 428 -7.92 -7.06 -18.54
C SER A 428 -7.34 -5.81 -17.87
N LEU A 429 -7.12 -4.75 -18.64
CA LEU A 429 -6.41 -3.51 -18.19
C LEU A 429 -7.39 -2.46 -17.66
N GLU A 430 -8.70 -2.67 -17.80
CA GLU A 430 -9.72 -1.68 -17.37
C GLU A 430 -9.71 -1.53 -15.84
N VAL A 432 -11.54 0.78 -12.47
CA VAL A 432 -12.71 1.60 -12.03
C VAL A 432 -12.46 2.13 -10.60
N GLN A 433 -12.97 3.33 -10.33
CA GLN A 433 -12.98 3.99 -9.00
C GLN A 433 -14.23 3.51 -8.27
N PRO A 434 -14.13 2.67 -7.21
CA PRO A 434 -15.31 2.14 -6.53
C PRO A 434 -16.22 3.24 -5.99
N GLU A 435 -15.63 4.36 -5.56
CA GLU A 435 -16.35 5.62 -5.24
C GLU A 435 -16.34 6.48 -6.51
N ILE A 436 -17.50 7.02 -6.90
CA ILE A 436 -17.65 7.88 -8.11
C ILE A 436 -16.74 9.11 -7.95
N GLU A 437 -16.77 9.76 -6.78
CA GLU A 437 -15.98 10.98 -6.49
C GLU A 437 -15.04 10.74 -5.29
N CYS A 438 -13.81 11.26 -5.40
CA CYS A 438 -12.86 11.39 -4.26
C CYS A 438 -11.78 12.42 -4.60
N PRO A 439 -11.09 13.00 -3.59
CA PRO A 439 -9.96 13.87 -3.84
C PRO A 439 -8.94 13.22 -4.79
N ILE A 440 -8.30 14.02 -5.64
CA ILE A 440 -7.42 13.56 -6.76
C ILE A 440 -6.23 12.75 -6.21
N SER A 441 -5.76 13.06 -4.99
CA SER A 441 -4.59 12.38 -4.35
C SER A 441 -5.03 11.18 -3.51
N GLU A 442 -6.35 11.01 -3.28
CA GLU A 442 -6.94 9.89 -2.50
C GLU A 442 -7.66 8.93 -3.44
N THR A 443 -7.26 8.87 -4.71
CA THR A 443 -7.83 7.97 -5.74
C THR A 443 -7.46 6.51 -5.39
N HIS A 444 -8.46 5.63 -5.39
CA HIS A 444 -8.32 4.16 -5.23
C HIS A 444 -8.99 3.50 -6.44
N PHE A 445 -8.24 2.73 -7.23
CA PHE A 445 -8.71 2.05 -8.46
C PHE A 445 -8.61 0.54 -8.26
N GLU A 446 -9.61 -0.21 -8.75
CA GLU A 446 -9.65 -1.69 -8.74
C GLU A 446 -9.97 -2.19 -10.15
N ARG A 447 -9.72 -3.48 -10.40
CA ARG A 447 -9.98 -4.15 -11.71
C ARG A 447 -11.48 -4.13 -11.99
N ALA A 448 -11.86 -3.80 -13.23
CA ALA A 448 -13.27 -3.78 -13.70
C ALA A 448 -13.84 -5.21 -13.71
N PHE A 449 -13.02 -6.22 -14.04
CA PHE A 449 -13.42 -7.64 -14.13
C PHE A 449 -12.49 -8.51 -13.29
N LYS A 450 -12.98 -9.69 -12.88
CA LYS A 450 -12.15 -10.80 -12.34
C LYS A 450 -11.42 -11.46 -13.52
N LYS A 451 -10.09 -11.55 -13.45
CA LYS A 451 -9.22 -12.19 -14.47
C LYS A 451 -9.78 -13.57 -14.82
N GLU A 452 -10.16 -14.34 -13.79
CA GLU A 452 -10.67 -15.74 -13.91
C GLU A 452 -11.96 -15.75 -14.75
N THR A 453 -12.81 -14.73 -14.62
CA THR A 453 -14.06 -14.57 -15.41
C THR A 453 -13.73 -14.30 -16.88
N LEU A 454 -12.80 -13.38 -17.15
CA LEU A 454 -12.36 -13.02 -18.53
C LEU A 454 -11.73 -14.24 -19.22
N ASP A 455 -10.91 -15.02 -18.51
CA ASP A 455 -10.18 -16.19 -19.05
C ASP A 455 -11.18 -17.29 -19.44
N LYS A 456 -12.18 -17.57 -18.59
CA LYS A 456 -13.24 -18.58 -18.82
C LYS A 456 -14.09 -18.17 -20.02
N THR A 457 -14.48 -16.89 -20.11
CA THR A 457 -15.31 -16.33 -21.22
C THR A 457 -14.51 -16.43 -22.53
N GLN A 458 -13.24 -16.04 -22.51
CA GLN A 458 -12.34 -16.06 -23.70
C GLN A 458 -12.22 -17.50 -24.22
N ALA A 459 -12.04 -18.49 -23.33
CA ALA A 459 -11.92 -19.92 -23.66
C ALA A 459 -13.20 -20.39 -24.37
N VAL A 460 -14.36 -20.09 -23.79
CA VAL A 460 -15.71 -20.41 -24.37
C VAL A 460 -15.80 -19.79 -25.77
N LEU A 461 -15.56 -18.48 -25.89
CA LEU A 461 -15.67 -17.72 -27.16
C LEU A 461 -14.66 -18.24 -28.20
N THR A 462 -13.43 -18.55 -27.76
CA THR A 462 -12.34 -19.10 -28.62
C THR A 462 -12.77 -20.45 -29.18
N HIS A 463 -13.29 -21.34 -28.33
CA HIS A 463 -13.83 -22.68 -28.70
C HIS A 463 -14.86 -22.52 -29.82
N TYR A 464 -15.81 -21.59 -29.64
CA TYR A 464 -16.97 -21.38 -30.56
C TYR A 464 -16.50 -20.72 -31.86
N PHE A 465 -15.49 -19.85 -31.82
CA PHE A 465 -14.86 -19.24 -33.03
C PHE A 465 -14.21 -20.34 -33.88
N ARG A 466 -13.44 -21.24 -33.23
CA ARG A 466 -12.63 -22.31 -33.88
C ARG A 466 -13.55 -23.32 -34.58
N ILE A 467 -14.81 -23.45 -34.15
CA ILE A 467 -15.87 -24.26 -34.82
C ILE A 467 -16.33 -23.49 -36.07
N HIS B 2 23.04 -1.27 15.93
CA HIS B 2 23.52 -1.04 17.33
C HIS B 2 24.21 0.32 17.39
N ASP B 3 25.43 0.40 17.96
CA ASP B 3 26.20 1.65 18.15
C ASP B 3 26.91 2.04 16.84
N LYS B 4 27.42 1.07 16.08
CA LYS B 4 28.21 1.32 14.84
C LYS B 4 27.47 0.77 13.61
N ILE B 5 27.04 1.67 12.71
CA ILE B 5 26.31 1.34 11.46
C ILE B 5 27.01 2.03 10.27
N ILE B 6 27.30 1.27 9.22
CA ILE B 6 27.84 1.75 7.91
C ILE B 6 27.02 1.11 6.80
N THR B 7 26.67 1.88 5.77
CA THR B 7 25.90 1.40 4.59
C THR B 7 26.72 0.32 3.85
N GLY B 8 26.04 -0.70 3.34
CA GLY B 8 26.67 -1.79 2.56
C GLY B 8 26.76 -1.42 1.08
N LYS B 9 27.46 -2.24 0.30
CA LYS B 9 27.63 -2.07 -1.17
C LYS B 9 26.32 -2.45 -1.87
N LYS B 10 25.50 -1.46 -2.24
CA LYS B 10 24.18 -1.67 -2.87
C LYS B 10 24.31 -1.50 -4.39
N ILE B 11 23.83 -2.49 -5.15
CA ILE B 11 23.78 -2.50 -6.63
C ILE B 11 22.31 -2.59 -7.04
N ILE B 12 21.74 -1.51 -7.58
CA ILE B 12 20.29 -1.43 -7.94
C ILE B 12 20.13 -1.57 -9.45
N PHE B 13 18.93 -1.99 -9.88
CA PHE B 13 18.44 -1.90 -11.27
C PHE B 13 17.94 -0.47 -11.50
N SER B 14 18.61 0.29 -12.36
CA SER B 14 18.23 1.67 -12.74
C SER B 14 17.48 1.65 -14.08
N GLN B 15 16.17 1.92 -14.07
CA GLN B 15 15.34 2.03 -15.29
C GLN B 15 15.74 3.29 -16.06
N SER B 16 15.54 3.28 -17.38
CA SER B 16 15.80 4.41 -18.30
C SER B 16 14.88 5.60 -17.96
N VAL B 17 15.23 6.79 -18.45
CA VAL B 17 14.39 8.02 -18.35
C VAL B 17 13.10 7.80 -19.13
N ALA B 18 13.19 7.12 -20.29
CA ALA B 18 12.06 6.79 -21.19
C ALA B 18 10.99 6.01 -20.44
N LYS B 19 11.38 5.15 -19.48
CA LYS B 19 10.44 4.36 -18.64
C LYS B 19 10.04 5.16 -17.40
N ASP B 20 10.97 5.89 -16.78
CA ASP B 20 10.75 6.64 -15.51
C ASP B 20 9.83 7.85 -15.73
N GLN B 21 9.68 8.33 -16.96
CA GLN B 21 8.85 9.53 -17.29
C GLN B 21 7.37 9.23 -17.03
N THR B 22 6.97 7.95 -17.00
CA THR B 22 5.57 7.50 -16.79
C THR B 22 5.28 7.24 -15.30
N LYS B 23 6.30 7.32 -14.44
CA LYS B 23 6.19 6.95 -13.00
C LYS B 23 5.93 8.20 -12.15
N ASN B 24 5.19 8.03 -11.06
CA ASN B 24 5.01 9.07 -10.01
C ASN B 24 6.25 9.05 -9.11
N LEU B 25 6.40 10.05 -8.25
CA LEU B 25 7.57 10.24 -7.36
C LEU B 25 7.72 9.03 -6.43
N SER B 26 6.61 8.58 -5.83
CA SER B 26 6.54 7.44 -4.89
C SER B 26 7.17 6.18 -5.50
N SER B 27 6.89 5.91 -6.79
CA SER B 27 7.42 4.75 -7.55
C SER B 27 8.93 4.92 -7.79
N PHE B 28 9.36 6.12 -8.19
CA PHE B 28 10.77 6.48 -8.46
C PHE B 28 11.61 6.22 -7.21
N LEU B 29 11.18 6.72 -6.05
CA LEU B 29 11.89 6.56 -4.75
C LEU B 29 11.93 5.09 -4.34
N SER B 30 10.78 4.40 -4.40
CA SER B 30 10.58 2.99 -3.98
C SER B 30 11.60 2.07 -4.68
N GLU B 31 11.90 2.34 -5.95
CA GLU B 31 12.71 1.46 -6.83
C GLU B 31 14.21 1.77 -6.68
N ARG B 32 14.59 2.88 -6.03
CA ARG B 32 15.97 3.44 -6.11
C ARG B 32 16.61 3.69 -4.75
N PHE B 33 15.87 3.62 -3.64
CA PHE B 33 16.38 4.09 -2.32
C PHE B 33 16.16 3.06 -1.22
N TYR B 34 17.09 3.05 -0.26
CA TYR B 34 17.07 2.26 1.00
C TYR B 34 17.03 3.22 2.19
N SER B 35 16.44 2.77 3.29
CA SER B 35 16.46 3.44 4.62
C SER B 35 17.37 2.65 5.55
N VAL B 36 18.41 3.30 6.09
CA VAL B 36 19.32 2.69 7.12
C VAL B 36 19.15 3.51 8.40
N ASN B 37 18.50 2.91 9.41
CA ASN B 37 18.02 3.60 10.62
C ASN B 37 18.81 3.14 11.85
N GLN B 38 19.48 4.07 12.54
CA GLN B 38 20.18 3.80 13.82
C GLN B 38 19.18 3.95 14.97
N SER B 39 18.44 5.06 14.98
CA SER B 39 17.43 5.40 16.02
C SER B 39 16.53 6.53 15.52
N HIS B 40 15.67 7.05 16.39
CA HIS B 40 14.81 8.23 16.13
C HIS B 40 15.69 9.44 15.77
N ASN B 41 16.91 9.51 16.33
CA ASN B 41 17.79 10.71 16.28
C ASN B 41 18.98 10.48 15.31
N HIS B 42 19.02 9.39 14.56
CA HIS B 42 19.94 9.25 13.39
C HIS B 42 19.39 8.26 12.36
N SER B 43 19.23 8.72 11.12
CA SER B 43 18.70 7.94 9.99
C SER B 43 19.48 8.29 8.72
N ILE B 44 19.64 7.31 7.84
CA ILE B 44 20.32 7.43 6.51
C ILE B 44 19.31 7.04 5.43
N ILE B 45 19.24 7.82 4.36
CA ILE B 45 18.60 7.42 3.08
C ILE B 45 19.70 7.41 2.02
N ILE B 46 19.86 6.28 1.34
CA ILE B 46 20.93 6.03 0.34
C ILE B 46 20.29 5.36 -0.89
N GLY B 47 20.64 5.84 -2.08
CA GLY B 47 20.14 5.32 -3.36
C GLY B 47 20.89 5.89 -4.55
N SER B 48 20.36 5.66 -5.75
CA SER B 48 20.92 6.16 -7.03
C SER B 48 19.80 6.74 -7.89
N SER B 49 19.95 8.00 -8.29
CA SER B 49 19.09 8.68 -9.29
C SER B 49 19.70 8.51 -10.68
N LEU B 50 20.84 7.81 -10.79
CA LEU B 50 21.60 7.65 -12.06
C LEU B 50 20.73 6.87 -13.06
N SER B 51 20.63 7.38 -14.29
CA SER B 51 19.78 6.82 -15.37
C SER B 51 20.39 7.18 -16.73
N HIS B 52 20.25 6.29 -17.71
CA HIS B 52 20.50 6.56 -19.15
C HIS B 52 19.16 6.87 -19.83
N GLN B 53 19.20 7.66 -20.90
CA GLN B 53 17.98 8.17 -21.58
C GLN B 53 17.15 7.01 -22.14
N GLU B 54 17.80 6.05 -22.83
CA GLU B 54 17.11 5.03 -23.67
C GLU B 54 17.51 3.60 -23.30
N ASN B 55 18.19 3.38 -22.17
CA ASN B 55 18.55 2.01 -21.71
C ASN B 55 18.58 1.94 -20.17
N ASP B 56 18.35 0.74 -19.65
CA ASP B 56 18.43 0.40 -18.20
C ASP B 56 19.90 0.15 -17.84
N ILE B 57 20.26 0.35 -16.57
CA ILE B 57 21.56 -0.11 -15.98
C ILE B 57 21.23 -1.23 -14.98
N GLU B 58 21.50 -2.47 -15.36
CA GLU B 58 21.11 -3.68 -14.57
C GLU B 58 21.93 -3.70 -13.26
N HIS B 59 23.18 -3.21 -13.31
CA HIS B 59 24.14 -3.20 -12.18
C HIS B 59 24.63 -1.76 -11.95
N ASP B 60 23.79 -0.93 -11.32
CA ASP B 60 24.12 0.46 -10.91
C ASP B 60 24.65 0.40 -9.47
N THR B 61 25.99 0.38 -9.32
CA THR B 61 26.69 0.33 -8.02
C THR B 61 26.68 1.73 -7.40
N ILE B 62 26.10 1.87 -6.20
CA ILE B 62 26.12 3.12 -5.41
C ILE B 62 27.52 3.27 -4.79
N LEU B 63 28.21 4.36 -5.12
CA LEU B 63 29.62 4.62 -4.73
C LEU B 63 29.68 5.61 -3.56
N ASP B 64 28.53 6.03 -3.03
CA ASP B 64 28.43 6.77 -1.75
C ASP B 64 28.46 5.79 -0.59
N THR B 65 28.94 6.24 0.58
CA THR B 65 28.86 5.51 1.88
C THR B 65 28.42 6.52 2.95
N SER B 66 27.61 6.08 3.91
CA SER B 66 27.27 6.85 5.14
C SER B 66 27.42 5.92 6.36
N GLY B 67 27.94 6.45 7.46
CA GLY B 67 28.15 5.67 8.70
C GLY B 67 28.01 6.52 9.95
N VAL B 68 27.76 5.87 11.09
CA VAL B 68 27.62 6.53 12.41
C VAL B 68 28.22 5.62 13.49
N LEU B 69 28.95 6.20 14.44
CA LEU B 69 29.33 5.57 15.73
C LEU B 69 28.79 6.47 16.86
N VAL B 70 27.81 5.98 17.61
CA VAL B 70 27.27 6.65 18.83
C VAL B 70 28.27 6.39 19.97
N THR B 71 28.71 7.45 20.65
CA THR B 71 29.65 7.39 21.81
C THR B 71 28.89 7.67 23.10
N THR B 72 29.38 7.10 24.21
CA THR B 72 28.78 7.19 25.56
C THR B 72 29.84 7.74 26.53
N ASP B 73 29.39 8.32 27.65
CA ASP B 73 30.25 8.74 28.79
C ASP B 73 30.66 7.48 29.58
N THR B 74 31.36 7.65 30.70
CA THR B 74 31.87 6.53 31.54
C THR B 74 30.69 5.69 32.06
N ASN B 75 29.50 6.28 32.20
CA ASN B 75 28.29 5.63 32.78
C ASN B 75 27.50 4.86 31.71
N GLY B 76 27.87 4.98 30.43
CA GLY B 76 27.19 4.32 29.30
C GLY B 76 25.95 5.08 28.86
N ILE B 77 25.90 6.39 29.15
CA ILE B 77 24.85 7.34 28.69
C ILE B 77 25.36 8.00 27.40
N VAL B 78 24.49 8.14 26.40
CA VAL B 78 24.84 8.72 25.06
C VAL B 78 25.16 10.20 25.24
N ASN B 79 26.33 10.65 24.77
CA ASN B 79 26.82 12.04 24.90
C ASN B 79 27.55 12.50 23.63
N GLY B 80 27.47 11.75 22.53
CA GLY B 80 28.24 12.08 21.31
C GLY B 80 28.02 11.10 20.18
N ALA B 81 28.61 11.41 19.01
CA ALA B 81 28.60 10.55 17.81
C ALA B 81 29.75 10.95 16.88
N ARG B 82 30.22 10.00 16.08
CA ARG B 82 31.06 10.24 14.88
C ARG B 82 30.18 9.94 13.67
N VAL B 83 30.13 10.86 12.70
CA VAL B 83 29.28 10.75 11.47
C VAL B 83 30.12 11.10 10.25
N ALA B 84 30.04 10.27 9.20
CA ALA B 84 30.79 10.45 7.94
C ALA B 84 29.89 10.07 6.76
N ILE B 85 29.97 10.86 5.68
CA ILE B 85 29.34 10.56 4.36
C ILE B 85 30.44 10.72 3.30
N THR B 86 30.58 9.72 2.42
CA THR B 86 31.63 9.69 1.39
C THR B 86 30.98 9.59 0.01
N ASP B 87 31.61 10.21 -0.99
CA ASP B 87 31.22 10.16 -2.42
C ASP B 87 32.44 9.70 -3.22
N GLY B 88 32.43 8.45 -3.69
CA GLY B 88 33.43 7.92 -4.63
C GLY B 88 33.45 8.75 -5.90
N LEU B 89 34.62 9.24 -6.30
CA LEU B 89 34.80 10.11 -7.49
C LEU B 89 35.12 9.24 -8.71
N GLY B 90 34.64 9.64 -9.88
CA GLY B 90 34.71 8.86 -11.14
C GLY B 90 33.75 7.68 -11.10
N GLY B 91 34.02 6.64 -11.90
CA GLY B 91 33.16 5.44 -11.99
C GLY B 91 31.82 5.75 -12.65
N GLY B 92 30.96 4.74 -12.75
CA GLY B 92 29.71 4.81 -13.54
C GLY B 92 30.00 4.97 -15.02
N ASN B 93 31.09 4.37 -15.51
CA ASN B 93 31.54 4.40 -16.93
C ASN B 93 31.37 3.02 -17.57
N GLY B 94 30.77 2.07 -16.85
CA GLY B 94 30.49 0.70 -17.33
C GLY B 94 31.54 -0.31 -16.90
N ASP B 95 32.65 0.16 -16.31
CA ASP B 95 33.75 -0.70 -15.81
C ASP B 95 33.42 -1.10 -14.36
N GLN B 96 33.03 -2.36 -14.16
CA GLN B 96 32.56 -2.89 -12.84
C GLN B 96 33.75 -2.99 -11.88
N GLU B 97 34.93 -3.38 -12.38
CA GLU B 97 36.19 -3.47 -11.60
C GLU B 97 36.57 -2.08 -11.07
N GLU B 98 36.43 -1.04 -11.90
CA GLU B 98 36.68 0.38 -11.53
C GLU B 98 35.74 0.77 -10.40
N ASP B 99 34.44 0.41 -10.53
CA ASP B 99 33.37 0.74 -9.55
C ASP B 99 33.66 0.04 -8.22
N ASP B 100 34.05 -1.24 -8.27
CA ASP B 100 34.43 -2.05 -7.07
C ASP B 100 35.58 -1.36 -6.33
N GLU B 101 36.57 -0.87 -7.08
CA GLU B 101 37.79 -0.21 -6.55
C GLU B 101 37.42 1.13 -5.91
N ILE B 102 36.61 1.95 -6.59
CA ILE B 102 36.15 3.28 -6.07
C ILE B 102 35.30 3.03 -4.81
N TYR B 103 34.44 2.00 -4.80
CA TYR B 103 33.62 1.66 -3.62
C TYR B 103 34.52 1.34 -2.43
N ARG B 104 35.57 0.54 -2.64
CA ARG B 104 36.51 0.11 -1.56
C ARG B 104 37.06 1.34 -0.82
N VAL B 105 37.51 2.36 -1.56
CA VAL B 105 38.12 3.61 -1.00
C VAL B 105 37.04 4.45 -0.32
N SER B 106 35.85 4.55 -0.93
CA SER B 106 34.68 5.28 -0.38
C SER B 106 34.31 4.69 0.99
N HIS B 107 34.14 3.37 1.05
CA HIS B 107 33.74 2.62 2.28
C HIS B 107 34.86 2.67 3.33
N SER B 108 36.11 2.45 2.94
CA SER B 108 37.27 2.39 3.88
C SER B 108 37.51 3.77 4.49
N SER B 109 37.42 4.84 3.70
CA SER B 109 37.50 6.27 4.15
C SER B 109 36.49 6.51 5.28
N CYS B 110 35.23 6.12 5.06
CA CYS B 110 34.11 6.25 6.02
C CYS B 110 34.43 5.43 7.28
N GLU B 111 34.72 4.13 7.11
CA GLU B 111 35.03 3.18 8.21
C GLU B 111 36.20 3.69 9.05
N ASN B 112 37.27 4.18 8.41
CA ASN B 112 38.52 4.61 9.09
C ASN B 112 38.24 5.85 9.94
N PHE B 113 37.38 6.77 9.47
CA PHE B 113 36.97 7.98 10.23
C PHE B 113 36.23 7.56 11.51
N LEU B 114 35.29 6.62 11.40
CA LEU B 114 34.42 6.15 12.50
C LEU B 114 35.23 5.35 13.53
N ASN B 115 36.17 4.51 13.08
CA ASN B 115 36.95 3.56 13.94
C ASN B 115 38.01 4.32 14.76
N CYS B 116 38.41 5.51 14.33
CA CYS B 116 39.40 6.38 15.05
C CYS B 116 38.73 6.98 16.29
N ASP B 117 39.49 7.15 17.38
CA ASP B 117 38.98 7.64 18.69
C ASP B 117 39.54 9.04 19.00
N GLN B 118 40.16 9.70 18.01
CA GLN B 118 40.81 11.02 18.16
C GLN B 118 39.89 12.14 17.68
N ASN B 119 40.27 13.39 17.93
CA ASN B 119 39.60 14.61 17.40
C ASN B 119 39.72 14.60 15.87
N ILE B 120 39.03 15.51 15.18
CA ILE B 120 38.84 15.45 13.70
C ILE B 120 40.17 15.71 12.98
N ASP B 121 40.96 16.68 13.46
CA ASP B 121 42.26 17.09 12.83
C ASP B 121 43.24 15.93 12.89
N THR B 122 43.34 15.26 14.04
CA THR B 122 44.22 14.07 14.26
C THR B 122 43.70 12.91 13.41
N THR B 123 42.39 12.66 13.41
CA THR B 123 41.73 11.59 12.61
C THR B 123 42.08 11.77 11.13
N LEU B 124 41.88 12.97 10.59
CA LEU B 124 42.10 13.27 9.15
C LEU B 124 43.57 13.00 8.79
N SER B 125 44.52 13.41 9.65
CA SER B 125 45.97 13.14 9.48
C SER B 125 46.22 11.63 9.47
N LEU B 126 45.65 10.89 10.44
CA LEU B 126 45.86 9.43 10.62
C LEU B 126 45.35 8.67 9.39
N ILE B 127 44.15 9.00 8.88
CA ILE B 127 43.48 8.22 7.80
C ILE B 127 43.98 8.68 6.42
N THR B 128 44.71 9.79 6.34
CA THR B 128 45.28 10.34 5.07
C THR B 128 46.79 10.11 5.03
N GLN B 129 47.33 9.28 5.94
CA GLN B 129 48.77 8.93 6.03
C GLN B 129 49.05 7.75 5.09
N PRO B 130 49.97 7.89 4.11
CA PRO B 130 50.39 6.76 3.28
C PRO B 130 50.77 5.52 4.12
N LYS B 131 50.14 4.38 3.83
CA LYS B 131 50.32 3.09 4.56
C LYS B 131 50.76 2.00 3.58
N ALA B 132 51.82 1.26 3.91
CA ALA B 132 52.36 0.13 3.12
C ALA B 132 53.34 -0.68 3.98
N THR B 146 42.51 6.32 -7.21
CA THR B 146 41.17 6.01 -6.63
C THR B 146 40.89 6.94 -5.44
N GLU B 147 39.87 7.80 -5.56
CA GLU B 147 39.60 8.92 -4.63
C GLU B 147 38.14 8.89 -4.14
N ALA B 148 37.90 9.42 -2.94
CA ALA B 148 36.56 9.70 -2.38
C ALA B 148 36.59 11.04 -1.64
N SER B 149 35.56 11.86 -1.86
CA SER B 149 35.29 13.10 -1.09
C SER B 149 34.62 12.69 0.23
N ALA B 151 32.39 14.47 3.80
CA ALA B 151 31.83 15.40 4.80
C ALA B 151 31.64 14.61 6.09
N ALA B 152 32.27 15.04 7.18
CA ALA B 152 32.31 14.29 8.46
C ALA B 152 32.24 15.27 9.63
N PHE B 153 31.75 14.80 10.77
CA PHE B 153 31.75 15.57 12.05
C PHE B 153 31.84 14.61 13.23
N ILE B 154 32.35 15.14 14.33
CA ILE B 154 32.33 14.54 15.70
C ILE B 154 31.70 15.57 16.63
N TYR B 155 30.65 15.20 17.36
CA TYR B 155 30.13 16.01 18.49
C TYR B 155 30.25 15.18 19.77
N GLN B 156 30.50 15.87 20.88
CA GLN B 156 30.62 15.30 22.23
C GLN B 156 30.24 16.38 23.24
N ASN B 157 29.51 16.00 24.28
CA ASN B 157 29.25 16.86 25.48
C ASN B 157 30.55 16.95 26.28
N HIS B 158 31.01 18.17 26.58
CA HIS B 158 32.20 18.45 27.45
C HIS B 158 31.71 19.09 28.75
N PRO B 159 32.20 18.62 29.93
CA PRO B 159 31.70 19.10 31.22
C PRO B 159 31.53 20.62 31.38
N GLY B 160 32.43 21.42 30.81
CA GLY B 160 32.48 22.88 31.01
C GLY B 160 32.04 23.68 29.79
N LYS B 161 31.72 23.02 28.67
CA LYS B 161 31.49 23.68 27.36
C LYS B 161 30.15 23.27 26.72
N GLY B 162 29.52 22.18 27.18
CA GLY B 162 28.33 21.59 26.54
C GLY B 162 28.71 20.81 25.28
N TYR B 163 27.79 20.69 24.33
CA TYR B 163 28.01 19.99 23.04
C TYR B 163 28.91 20.85 22.14
N ILE B 164 30.07 20.30 21.76
CA ILE B 164 31.00 20.89 20.76
C ILE B 164 31.04 19.98 19.53
N GLY B 165 30.77 20.53 18.36
CA GLY B 165 30.81 19.83 17.06
C GLY B 165 32.01 20.25 16.24
N GLU B 166 32.85 19.29 15.85
CA GLU B 166 33.98 19.48 14.90
C GLU B 166 33.51 19.03 13.52
N PHE B 167 33.52 19.92 12.53
CA PHE B 167 33.02 19.69 11.16
C PHE B 167 34.18 19.75 10.17
N ALA B 168 34.29 18.72 9.32
CA ALA B 168 35.28 18.62 8.23
C ALA B 168 34.53 18.32 6.93
N ASN B 169 34.73 19.14 5.89
CA ASN B 169 34.17 18.90 4.55
C ASN B 169 35.31 18.96 3.52
N ILE B 170 35.50 17.86 2.79
CA ILE B 170 36.47 17.72 1.66
C ILE B 170 35.67 17.27 0.44
N GLY B 171 35.40 18.18 -0.50
CA GLY B 171 34.69 17.90 -1.75
C GLY B 171 33.33 18.58 -1.81
N ALA B 172 32.39 17.99 -2.55
CA ALA B 172 31.10 18.61 -2.96
C ALA B 172 29.95 18.06 -2.11
N GLY B 173 30.25 17.40 -0.98
CA GLY B 173 29.27 17.11 0.07
C GLY B 173 28.90 18.39 0.80
N LEU B 174 27.78 18.38 1.53
CA LEU B 174 27.24 19.58 2.23
C LEU B 174 26.75 19.18 3.63
N ILE B 175 27.06 19.98 4.64
CA ILE B 175 26.53 19.84 6.02
C ILE B 175 25.77 21.13 6.36
N ILE B 176 24.51 21.00 6.79
CA ILE B 176 23.68 22.13 7.30
C ILE B 176 23.31 21.83 8.75
N ILE B 177 23.47 22.81 9.64
CA ILE B 177 23.09 22.70 11.08
C ILE B 177 21.89 23.63 11.32
N LEU B 178 20.77 23.05 11.73
CA LEU B 178 19.51 23.78 12.07
C LEU B 178 19.29 23.67 13.58
N ASP B 179 18.49 24.56 14.16
CA ASP B 179 17.97 24.41 15.54
C ASP B 179 16.71 23.53 15.48
N LYS B 180 16.08 23.29 16.62
CA LYS B 180 14.94 22.34 16.77
C LYS B 180 13.70 22.84 16.02
N ARG B 181 13.67 24.12 15.63
CA ARG B 181 12.56 24.74 14.85
C ARG B 181 12.94 24.83 13.36
N PHE B 182 14.01 24.14 12.95
CA PHE B 182 14.50 24.05 11.54
C PHE B 182 14.90 25.43 11.02
N LYS B 183 15.41 26.30 11.91
CA LYS B 183 16.05 27.58 11.51
C LYS B 183 17.53 27.28 11.21
N ILE B 184 18.02 27.66 10.03
CA ILE B 184 19.42 27.40 9.58
C ILE B 184 20.36 28.25 10.45
N LYS B 185 21.29 27.60 11.16
CA LYS B 185 22.29 28.25 12.04
C LYS B 185 23.66 28.27 11.35
N HIS B 186 24.07 27.17 10.71
CA HIS B 186 25.40 27.01 10.08
C HIS B 186 25.33 26.16 8.81
N VAL B 188 28.36 24.17 6.32
CA VAL B 188 29.75 23.79 5.94
C VAL B 188 29.72 23.53 4.42
N SER B 189 30.19 24.50 3.64
CA SER B 189 29.93 24.61 2.19
C SER B 189 30.66 23.52 1.40
N ALA B 190 30.06 23.08 0.30
CA ALA B 190 30.68 22.24 -0.75
C ALA B 190 31.73 23.09 -1.50
N CYS B 191 32.78 22.45 -2.03
CA CYS B 191 33.88 23.13 -2.75
C CYS B 191 34.21 22.38 -4.06
N HIS B 192 34.39 23.14 -5.14
CA HIS B 192 35.04 22.70 -6.40
C HIS B 192 36.36 23.45 -6.53
N ILE B 193 37.45 22.73 -6.81
CA ILE B 193 38.80 23.30 -7.13
C ILE B 193 38.92 23.46 -8.64
N TYR B 194 39.51 24.55 -9.11
CA TYR B 194 39.76 24.82 -10.55
C TYR B 194 40.92 23.94 -11.02
N ARG B 195 40.67 23.11 -12.03
CA ARG B 195 41.64 22.13 -12.59
C ARG B 195 42.28 22.71 -13.86
N GLY B 196 41.94 23.95 -14.21
CA GLY B 196 42.39 24.63 -15.44
C GLY B 196 41.46 24.35 -16.60
N PHE B 197 41.48 25.21 -17.63
CA PHE B 197 40.76 25.07 -18.92
C PHE B 197 39.26 24.79 -18.67
N GLY B 198 38.66 25.59 -17.77
CA GLY B 198 37.20 25.71 -17.58
C GLY B 198 36.61 24.62 -16.70
N THR B 199 37.44 23.69 -16.18
CA THR B 199 36.98 22.50 -15.42
C THR B 199 37.10 22.78 -13.91
N TRP B 200 36.02 22.50 -13.18
CA TRP B 200 35.90 22.58 -11.70
C TRP B 200 35.44 21.21 -11.19
N THR B 201 36.21 20.58 -10.28
CA THR B 201 35.89 19.26 -9.69
C THR B 201 36.14 19.29 -8.18
N PRO B 202 35.41 18.49 -7.39
CA PRO B 202 35.55 18.49 -5.94
C PRO B 202 36.87 17.87 -5.47
N PRO B 203 37.53 18.41 -4.43
CA PRO B 203 38.72 17.79 -3.87
C PRO B 203 38.37 16.46 -3.18
N SER B 204 39.38 15.59 -3.02
CA SER B 204 39.25 14.25 -2.38
C SER B 204 40.02 14.23 -1.05
N LEU B 205 39.66 13.29 -0.18
CA LEU B 205 40.38 12.98 1.09
C LEU B 205 41.84 12.66 0.76
N GLN B 206 42.09 11.96 -0.36
CA GLN B 206 43.43 11.44 -0.75
C GLN B 206 44.34 12.59 -1.21
N ALA B 207 43.76 13.70 -1.68
CA ALA B 207 44.49 14.88 -2.20
C ALA B 207 45.20 15.64 -1.06
N LEU B 208 44.75 15.48 0.19
CA LEU B 208 45.38 16.14 1.39
C LEU B 208 46.87 15.79 1.47
N ALA B 209 47.25 14.58 1.07
CA ALA B 209 48.63 14.04 1.15
C ALA B 209 49.53 14.67 0.07
N THR B 210 48.98 15.39 -0.90
CA THR B 210 49.70 15.91 -2.10
C THR B 210 50.11 17.38 -1.90
N THR B 211 49.73 18.01 -0.79
CA THR B 211 49.91 19.46 -0.56
C THR B 211 50.14 19.76 0.93
N ALA B 212 50.88 20.83 1.23
CA ALA B 212 51.07 21.39 2.58
C ALA B 212 49.86 22.27 2.94
N ASN B 213 49.14 22.78 1.94
CA ASN B 213 47.99 23.72 2.12
C ASN B 213 46.70 22.91 2.24
N LYS B 214 46.48 22.30 3.42
CA LYS B 214 45.26 21.52 3.76
C LYS B 214 44.02 22.39 3.58
N ASP B 215 44.12 23.67 3.97
CA ASP B 215 43.00 24.66 4.04
C ASP B 215 42.41 24.91 2.65
N ALA B 216 43.20 24.74 1.58
CA ALA B 216 42.73 24.89 0.18
C ALA B 216 41.69 23.83 -0.17
N LEU B 217 41.81 22.62 0.43
CA LEU B 217 40.99 21.43 0.09
C LEU B 217 39.97 21.14 1.20
N LEU B 218 40.27 21.52 2.44
CA LEU B 218 39.52 21.10 3.66
C LEU B 218 38.83 22.31 4.29
N VAL B 219 37.49 22.28 4.37
CA VAL B 219 36.68 23.28 5.12
C VAL B 219 36.50 22.75 6.55
N ARG B 220 36.89 23.55 7.54
CA ARG B 220 36.82 23.18 8.98
C ARG B 220 36.00 24.23 9.74
N GLN B 221 35.07 23.76 10.58
CA GLN B 221 34.29 24.60 11.54
C GLN B 221 34.19 23.85 12.86
N THR B 222 34.39 24.57 13.98
CA THR B 222 34.11 24.09 15.35
C THR B 222 32.95 24.93 15.90
N LEU B 223 31.84 24.28 16.26
CA LEU B 223 30.55 24.94 16.57
C LEU B 223 30.01 24.43 17.90
N LYS B 224 29.46 25.33 18.71
CA LYS B 224 28.62 24.98 19.89
C LYS B 224 27.27 24.50 19.36
N LEU B 225 26.81 23.35 19.84
CA LEU B 225 25.52 22.72 19.43
C LEU B 225 24.58 22.74 20.64
N ALA B 226 23.30 23.03 20.40
CA ALA B 226 22.22 22.99 21.41
C ALA B 226 21.48 21.66 21.30
N GLU B 227 20.86 21.22 22.41
CA GLU B 227 19.93 20.07 22.46
C GLU B 227 18.89 20.22 21.34
N GLY B 228 18.62 19.14 20.60
CA GLY B 228 17.57 19.11 19.56
C GLY B 228 17.99 19.80 18.27
N ASP B 229 19.24 20.26 18.16
CA ASP B 229 19.81 20.75 16.87
C ASP B 229 19.74 19.60 15.85
N ILE B 230 19.53 19.95 14.59
CA ILE B 230 19.42 18.99 13.45
C ILE B 230 20.65 19.21 12.55
N ILE B 231 21.49 18.17 12.40
CA ILE B 231 22.65 18.17 11.46
C ILE B 231 22.26 17.31 10.25
N ILE B 232 22.32 17.88 9.05
CA ILE B 232 21.99 17.20 7.77
C ILE B 232 23.26 17.17 6.90
N SER B 233 23.75 15.98 6.58
CA SER B 233 24.87 15.75 5.62
C SER B 233 24.28 15.17 4.33
N THR B 235 25.39 14.20 0.05
CA THR B 235 26.25 14.15 -1.16
C THR B 235 25.57 15.04 -2.23
N ASP B 236 26.33 15.46 -3.25
CA ASP B 236 25.84 16.39 -4.30
C ASP B 236 24.65 15.79 -5.04
N GLY B 237 24.49 14.46 -5.03
CA GLY B 237 23.35 13.73 -5.60
C GLY B 237 22.01 14.24 -5.07
N VAL B 238 21.95 14.58 -3.78
CA VAL B 238 20.72 15.09 -3.11
C VAL B 238 20.67 16.62 -3.23
N TRP B 239 21.63 17.34 -2.63
CA TRP B 239 21.52 18.81 -2.42
C TRP B 239 21.68 19.54 -3.76
N GLY B 240 22.40 18.95 -4.72
CA GLY B 240 22.57 19.51 -6.08
C GLY B 240 21.26 19.61 -6.84
N GLU B 241 20.25 18.82 -6.47
CA GLU B 241 18.92 18.78 -7.12
C GLU B 241 18.01 19.89 -6.56
N LEU B 242 18.30 20.38 -5.36
CA LEU B 242 17.58 21.53 -4.74
C LEU B 242 18.08 22.82 -5.40
N LYS B 243 17.43 23.95 -5.12
CA LYS B 243 17.94 25.29 -5.53
C LYS B 243 19.29 25.50 -4.83
N THR B 244 20.32 25.88 -5.59
CA THR B 244 21.72 26.04 -5.11
C THR B 244 22.15 27.51 -5.23
N SER B 245 23.19 27.88 -4.50
CA SER B 245 23.73 29.27 -4.42
C SER B 245 25.25 29.22 -4.37
N LEU B 246 25.92 30.06 -5.17
CA LEU B 246 27.38 30.29 -5.12
C LEU B 246 27.69 31.21 -3.93
N ILE B 247 28.42 30.72 -2.94
CA ILE B 247 28.75 31.44 -1.67
C ILE B 247 29.96 32.35 -1.91
N ALA B 248 30.98 31.84 -2.61
CA ALA B 248 32.23 32.58 -2.93
C ALA B 248 32.94 31.93 -4.12
N GLN B 249 33.76 32.71 -4.82
CA GLN B 249 34.67 32.23 -5.90
C GLN B 249 35.97 33.02 -5.86
N THR B 250 37.11 32.32 -5.78
CA THR B 250 38.47 32.86 -5.95
C THR B 250 39.03 32.33 -7.27
N ASN B 251 40.33 32.51 -7.52
CA ASN B 251 41.02 32.08 -8.78
C ASN B 251 40.96 30.56 -8.95
N ASP B 252 40.94 29.80 -7.84
CA ASP B 252 41.11 28.32 -7.88
C ASP B 252 40.10 27.58 -6.98
N ARG B 253 39.10 28.26 -6.41
CA ARG B 253 38.11 27.58 -5.52
C ARG B 253 36.72 28.24 -5.63
N ARG B 254 35.68 27.40 -5.72
CA ARG B 254 34.25 27.79 -5.61
C ARG B 254 33.66 27.15 -4.36
N ASP B 255 33.09 27.96 -3.47
CA ASP B 255 32.31 27.51 -2.29
C ASP B 255 30.83 27.56 -2.65
N ILE B 256 30.13 26.43 -2.56
CA ILE B 256 28.73 26.25 -3.07
C ILE B 256 27.88 25.64 -1.95
N GLY B 257 26.61 26.04 -1.88
CA GLY B 257 25.62 25.48 -0.94
C GLY B 257 24.22 25.53 -1.51
N VAL B 258 23.22 25.20 -0.69
CA VAL B 258 21.78 25.34 -1.02
C VAL B 258 21.41 26.81 -0.91
N ASP B 259 20.43 27.24 -1.71
CA ASP B 259 19.65 28.48 -1.48
C ASP B 259 18.97 28.33 -0.12
N LYS B 260 19.39 29.09 0.88
CA LYS B 260 18.96 28.93 2.30
C LYS B 260 17.47 29.29 2.45
N GLU B 261 17.00 30.31 1.75
CA GLU B 261 15.58 30.75 1.77
C GLU B 261 14.71 29.61 1.25
N TYR B 262 15.07 28.98 0.12
CA TYR B 262 14.38 27.80 -0.45
C TYR B 262 14.44 26.61 0.51
N PHE B 263 15.63 26.28 1.01
CA PHE B 263 15.89 25.07 1.85
C PHE B 263 15.02 25.13 3.12
N LYS B 264 14.84 26.33 3.69
CA LYS B 264 14.00 26.59 4.88
C LYS B 264 12.55 26.16 4.61
N THR B 265 12.01 26.43 3.40
CA THR B 265 10.59 26.18 3.05
C THR B 265 10.29 24.67 2.99
N LEU B 266 11.32 23.82 2.88
CA LEU B 266 11.17 22.35 2.76
C LEU B 266 10.64 21.74 4.06
N PHE B 267 10.79 22.45 5.19
CA PHE B 267 10.42 21.96 6.55
C PHE B 267 9.02 22.47 6.95
N ASP B 268 8.33 23.18 6.06
CA ASP B 268 6.98 23.78 6.33
C ASP B 268 6.00 22.69 6.77
N GLU B 269 6.06 21.49 6.15
CA GLU B 269 5.12 20.37 6.44
C GLU B 269 5.48 19.67 7.76
N LEU B 270 6.64 19.96 8.34
CA LEU B 270 7.11 19.42 9.65
C LEU B 270 7.00 20.48 10.74
N THR B 271 6.40 21.64 10.42
CA THR B 271 6.32 22.84 11.30
C THR B 271 5.62 22.47 12.62
N ASP B 272 4.42 21.91 12.55
CA ASP B 272 3.58 21.54 13.73
C ASP B 272 3.80 20.09 14.12
N ALA B 273 4.71 19.38 13.42
CA ALA B 273 5.00 17.95 13.65
C ALA B 273 5.69 17.80 15.00
N PRO B 274 5.15 16.96 15.91
CA PRO B 274 5.84 16.70 17.18
C PRO B 274 7.06 15.81 16.98
N TYR B 275 8.20 16.22 17.54
CA TYR B 275 9.48 15.48 17.62
C TYR B 275 9.64 14.58 16.41
N PRO B 276 9.78 15.15 15.18
CA PRO B 276 9.87 14.34 13.97
C PRO B 276 11.15 13.48 13.93
N SER B 277 11.00 12.22 13.52
CA SER B 277 12.11 11.24 13.39
C SER B 277 13.12 11.77 12.36
N SER B 278 14.39 11.39 12.51
CA SER B 278 15.48 11.68 11.54
C SER B 278 15.08 11.15 10.17
N PHE B 279 14.40 10.00 10.10
CA PHE B 279 13.88 9.39 8.85
C PHE B 279 12.91 10.37 8.17
N ASP B 280 11.94 10.90 8.91
CA ASP B 280 10.90 11.82 8.38
C ASP B 280 11.58 13.05 7.76
N ILE B 281 12.60 13.60 8.41
CA ILE B 281 13.33 14.81 7.93
C ILE B 281 14.10 14.44 6.66
N ALA B 282 14.84 13.34 6.69
CA ALA B 282 15.63 12.80 5.56
C ALA B 282 14.69 12.54 4.37
N ARG B 283 13.54 11.92 4.62
CA ARG B 283 12.54 11.53 3.60
C ARG B 283 11.98 12.78 2.92
N ILE B 284 11.62 13.81 3.69
CA ILE B 284 11.05 15.09 3.15
C ILE B 284 12.03 15.69 2.15
N ILE B 285 13.31 15.80 2.52
CA ILE B 285 14.36 16.43 1.66
C ILE B 285 14.58 15.57 0.41
N THR B 286 14.69 14.25 0.57
CA THR B 286 14.91 13.29 -0.54
C THR B 286 13.76 13.41 -1.55
N GLN B 287 12.51 13.47 -1.07
CA GLN B 287 11.28 13.62 -1.90
C GLN B 287 11.40 14.88 -2.77
N ARG B 288 11.75 16.01 -2.16
CA ARG B 288 11.82 17.33 -2.84
C ARG B 288 12.98 17.33 -3.84
N ALA B 289 14.14 16.76 -3.46
CA ALA B 289 15.32 16.63 -4.33
C ALA B 289 14.99 15.77 -5.56
N SER B 291 11.91 14.86 -6.72
CA SER B 291 10.83 15.52 -7.49
C SER B 291 11.45 16.42 -8.56
N ARG B 292 12.42 17.24 -8.17
CA ARG B 292 13.15 18.17 -9.08
C ARG B 292 14.00 17.37 -10.07
N SER B 293 14.64 16.28 -9.63
CA SER B 293 15.49 15.40 -10.48
C SER B 293 14.64 14.73 -11.57
N LEU B 294 13.45 14.24 -11.19
CA LEU B 294 12.48 13.59 -12.11
C LEU B 294 11.99 14.60 -13.16
N GLU B 295 11.74 15.86 -12.78
CA GLU B 295 11.27 16.94 -13.69
C GLU B 295 12.43 17.38 -14.60
N ARG B 296 13.64 17.47 -14.07
CA ARG B 296 14.88 17.88 -14.80
C ARG B 296 15.12 16.93 -15.99
N ARG B 297 15.02 15.61 -15.76
CA ARG B 297 15.34 14.57 -16.77
C ARG B 297 14.23 14.47 -17.83
N LYS B 298 12.97 14.70 -17.45
CA LYS B 298 11.81 14.76 -18.39
C LYS B 298 12.04 15.92 -19.37
N THR B 299 12.41 17.09 -18.85
CA THR B 299 12.67 18.34 -19.61
C THR B 299 13.79 18.10 -20.63
N LEU B 300 14.85 17.37 -20.25
CA LEU B 300 16.02 17.07 -21.12
C LEU B 300 15.56 16.32 -22.36
N ILE B 301 14.86 15.18 -22.20
CA ILE B 301 14.47 14.29 -23.32
C ILE B 301 13.37 14.94 -24.17
N LYS B 302 12.55 15.81 -23.58
CA LYS B 302 11.49 16.59 -24.31
C LYS B 302 12.16 17.63 -25.22
N LEU B 303 13.20 18.30 -24.73
CA LEU B 303 14.00 19.29 -25.51
C LEU B 303 14.66 18.58 -26.71
N ILE B 304 15.23 17.39 -26.49
CA ILE B 304 15.88 16.55 -27.53
C ILE B 304 14.85 16.18 -28.61
N ASN B 305 13.69 15.66 -28.18
CA ASN B 305 12.55 15.29 -29.06
C ASN B 305 12.09 16.50 -29.88
N GLU B 306 11.89 17.64 -29.23
CA GLU B 306 11.45 18.92 -29.85
C GLU B 306 12.39 19.27 -31.01
N ILE B 307 13.70 19.24 -30.77
CA ILE B 307 14.76 19.63 -31.75
C ILE B 307 14.74 18.64 -32.93
N GLU B 308 14.64 17.33 -32.66
CA GLU B 308 14.58 16.25 -33.69
C GLU B 308 13.35 16.45 -34.58
N GLN B 309 12.22 16.84 -34.00
CA GLN B 309 10.90 16.96 -34.69
C GLN B 309 10.92 18.09 -35.72
N GLN B 310 11.83 19.06 -35.59
CA GLN B 310 11.95 20.23 -36.50
C GLN B 310 12.63 19.79 -37.82
N HIS B 311 13.47 18.76 -37.77
CA HIS B 311 14.28 18.26 -38.93
C HIS B 311 15.08 19.44 -39.51
N PHE B 312 16.05 19.94 -38.75
CA PHE B 312 16.81 21.20 -39.04
C PHE B 312 17.75 21.03 -40.23
N HIS B 313 18.09 19.78 -40.60
CA HIS B 313 18.95 19.45 -41.76
C HIS B 313 18.24 19.86 -43.07
N GLU B 314 16.91 19.83 -43.08
CA GLU B 314 16.07 20.10 -44.29
C GLU B 314 16.06 21.61 -44.57
N LYS B 315 15.96 22.45 -43.53
CA LYS B 315 15.88 23.94 -43.65
C LYS B 315 17.29 24.56 -43.65
N SER B 316 18.33 23.73 -43.59
CA SER B 316 19.76 24.15 -43.67
C SER B 316 20.13 25.01 -42.45
N VAL B 317 19.73 24.56 -41.25
CA VAL B 317 20.09 25.17 -39.94
C VAL B 317 21.07 24.23 -39.24
N LYS B 318 22.33 24.69 -39.05
CA LYS B 318 23.42 23.89 -38.43
C LYS B 318 24.01 24.63 -37.21
N THR B 319 23.47 25.80 -36.87
CA THR B 319 24.00 26.71 -35.80
C THR B 319 22.99 26.79 -34.64
N ILE B 320 23.48 26.83 -33.40
CA ILE B 320 22.65 26.96 -32.17
C ILE B 320 22.02 28.36 -32.14
N ASN B 321 22.80 29.40 -32.45
CA ASN B 321 22.33 30.80 -32.57
C ASN B 321 21.14 30.87 -33.54
N GLU B 322 21.18 30.08 -34.62
CA GLU B 322 20.14 30.03 -35.69
C GLU B 322 18.96 29.16 -35.22
N VAL B 323 19.20 28.16 -34.37
CA VAL B 323 18.14 27.31 -33.75
C VAL B 323 17.32 28.16 -32.79
N LEU B 324 17.99 29.00 -31.99
CA LEU B 324 17.36 29.92 -31.00
C LEU B 324 16.53 30.98 -31.74
N GLU B 325 17.09 31.57 -32.81
CA GLU B 325 16.40 32.56 -33.69
C GLU B 325 15.11 31.92 -34.24
N TYR B 326 15.20 30.68 -34.73
CA TYR B 326 14.09 29.92 -35.36
C TYR B 326 12.95 29.71 -34.35
N PHE B 327 13.28 29.21 -33.14
CA PHE B 327 12.31 28.88 -32.07
C PHE B 327 11.55 30.15 -31.65
N ILE B 328 12.26 31.26 -31.41
CA ILE B 328 11.68 32.56 -30.94
C ILE B 328 10.65 33.06 -31.97
N LYS B 329 10.96 32.95 -33.27
CA LYS B 329 10.11 33.48 -34.37
C LYS B 329 8.99 32.47 -34.72
N THR B 330 9.23 31.17 -34.50
CA THR B 330 8.23 30.08 -34.72
C THR B 330 7.17 30.13 -33.61
N GLY B 331 7.48 30.74 -32.46
CA GLY B 331 6.58 30.89 -31.30
C GLY B 331 6.90 29.88 -30.20
N HIS B 332 8.19 29.54 -30.03
CA HIS B 332 8.70 28.56 -29.04
C HIS B 332 9.78 29.24 -28.18
N VAL B 333 9.45 30.38 -27.55
CA VAL B 333 10.37 31.18 -26.69
C VAL B 333 10.81 30.33 -25.47
N GLU B 334 9.95 29.41 -25.01
CA GLU B 334 10.17 28.57 -23.80
C GLU B 334 11.23 27.50 -24.11
N THR B 335 11.14 26.88 -25.29
CA THR B 335 12.12 25.88 -25.82
C THR B 335 13.52 26.51 -25.87
N ALA B 336 13.61 27.74 -26.39
CA ALA B 336 14.88 28.50 -26.58
C ALA B 336 15.51 28.83 -25.23
N GLN B 337 14.71 29.29 -24.26
CA GLN B 337 15.19 29.67 -22.90
C GLN B 337 15.69 28.41 -22.16
N THR B 338 15.04 27.27 -22.38
CA THR B 338 15.45 25.94 -21.83
C THR B 338 16.80 25.53 -22.43
N LEU B 339 16.98 25.78 -23.73
CA LEU B 339 18.23 25.43 -24.48
C LEU B 339 19.37 26.34 -24.00
N LYS B 340 19.17 27.66 -24.03
CA LYS B 340 20.16 28.68 -23.56
C LYS B 340 20.63 28.35 -22.14
N ALA B 341 19.71 27.90 -21.28
CA ALA B 341 19.95 27.57 -19.85
C ALA B 341 20.91 26.37 -19.73
N ILE B 342 20.66 25.30 -20.49
CA ILE B 342 21.44 24.03 -20.43
C ILE B 342 22.86 24.24 -20.96
N LEU B 343 22.99 24.88 -22.14
CA LEU B 343 24.29 25.02 -22.84
C LEU B 343 25.21 26.01 -22.10
N PHE B 344 24.71 27.19 -21.74
CA PHE B 344 25.52 28.37 -21.33
C PHE B 344 25.59 28.50 -19.79
N GLU B 345 24.48 28.25 -19.08
CA GLU B 345 24.40 28.38 -17.60
C GLU B 345 24.71 27.04 -16.92
N ASP B 346 24.69 25.93 -17.69
CA ASP B 346 24.90 24.54 -17.19
C ASP B 346 23.73 24.17 -16.28
N GLY B 347 22.59 23.81 -16.89
CA GLY B 347 21.30 23.57 -16.22
C GLY B 347 21.10 22.11 -15.82
N LEU B 348 22.01 21.21 -16.25
CA LEU B 348 22.02 19.77 -15.87
C LEU B 348 23.19 19.50 -14.91
N SER B 349 23.98 20.52 -14.58
CA SER B 349 25.09 20.49 -13.59
C SER B 349 26.06 19.34 -13.91
N ASP B 350 26.38 19.15 -15.19
CA ASP B 350 27.35 18.14 -15.69
C ASP B 350 28.76 18.74 -15.72
N GLY B 351 28.86 20.07 -15.61
CA GLY B 351 30.14 20.82 -15.67
C GLY B 351 30.55 21.13 -17.10
N ILE B 352 29.62 20.94 -18.05
CA ILE B 352 29.83 21.21 -19.52
C ILE B 352 29.20 22.57 -19.84
N THR B 353 30.02 23.53 -20.27
CA THR B 353 29.62 24.94 -20.56
C THR B 353 30.16 25.34 -21.95
N TYR B 354 29.26 25.76 -22.83
CA TYR B 354 29.56 26.23 -24.21
C TYR B 354 29.76 27.75 -24.19
N PHE B 355 30.45 28.29 -25.20
CA PHE B 355 30.72 29.74 -25.39
C PHE B 355 29.77 30.31 -26.44
N GLU B 356 28.99 31.32 -26.05
CA GLU B 356 28.01 32.04 -26.92
C GLU B 356 28.75 32.95 -27.91
N ASN B 357 30.01 33.29 -27.59
CA ASN B 357 30.91 34.13 -28.44
C ASN B 357 31.03 33.51 -29.84
N ILE B 358 31.51 32.27 -29.92
CA ILE B 358 31.81 31.55 -31.20
C ILE B 358 30.56 30.83 -31.70
N GLU B 359 30.54 30.45 -32.98
CA GLU B 359 29.44 29.69 -33.63
C GLU B 359 29.57 28.20 -33.26
N ILE B 360 28.53 27.63 -32.64
CA ILE B 360 28.45 26.20 -32.22
C ILE B 360 27.65 25.43 -33.27
N PRO B 361 28.18 24.29 -33.80
CA PRO B 361 27.40 23.44 -34.68
C PRO B 361 26.35 22.63 -33.91
N LEU B 362 25.16 22.44 -34.51
CA LEU B 362 24.01 21.68 -33.93
C LEU B 362 24.42 20.22 -33.70
N GLU B 363 25.15 19.64 -34.67
CA GLU B 363 25.59 18.21 -34.66
C GLU B 363 26.36 17.91 -33.37
N VAL B 365 26.27 19.62 -30.39
CA VAL B 365 25.35 19.79 -29.22
C VAL B 365 24.45 18.55 -29.09
N HIS B 367 24.92 15.38 -30.31
CA HIS B 367 25.79 14.23 -29.92
C HIS B 367 26.04 14.27 -28.41
N ASP B 368 26.29 15.46 -27.85
CA ASP B 368 26.52 15.70 -26.40
C ASP B 368 25.25 15.35 -25.62
N LEU B 369 24.16 16.11 -25.84
CA LEU B 369 22.90 16.02 -25.04
C LEU B 369 22.34 14.60 -25.06
N LYS B 370 22.43 13.90 -26.19
CA LYS B 370 21.88 12.53 -26.39
C LYS B 370 22.69 11.49 -25.60
N SER B 371 23.98 11.74 -25.37
CA SER B 371 24.91 10.81 -24.69
C SER B 371 24.99 11.11 -23.19
N ARG B 372 24.48 12.26 -22.75
CA ARG B 372 24.51 12.69 -21.33
C ARG B 372 23.67 11.73 -20.49
N THR B 373 24.22 11.31 -19.33
CA THR B 373 23.50 10.60 -18.25
C THR B 373 22.85 11.65 -17.35
N VAL B 374 21.92 11.23 -16.50
CA VAL B 374 21.20 12.11 -15.53
C VAL B 374 21.35 11.50 -14.13
N GLY B 375 21.36 12.35 -13.10
CA GLY B 375 21.34 11.93 -11.69
C GLY B 375 22.68 11.40 -11.23
N ASP B 376 22.70 10.70 -10.09
CA ASP B 376 23.95 10.38 -9.36
C ASP B 376 23.61 9.48 -8.18
N CYS B 377 24.63 8.84 -7.59
CA CYS B 377 24.58 8.32 -6.19
C CYS B 377 24.05 9.46 -5.31
N SER B 378 23.02 9.18 -4.50
CA SER B 378 22.26 10.19 -3.72
C SER B 378 22.10 9.69 -2.28
N THR B 379 22.75 10.37 -1.34
CA THR B 379 22.82 9.95 0.08
C THR B 379 22.59 11.16 0.99
N ILE B 380 21.84 10.94 2.07
CA ILE B 380 21.57 11.94 3.14
C ILE B 380 21.62 11.22 4.48
N ASN B 381 22.25 11.82 5.49
CA ASN B 381 22.11 11.42 6.91
C ASN B 381 21.57 12.63 7.68
N VAL B 382 20.73 12.36 8.68
CA VAL B 382 20.12 13.39 9.57
C VAL B 382 20.38 12.94 11.01
N THR B 383 20.95 13.84 11.82
CA THR B 383 21.25 13.61 13.26
C THR B 383 20.51 14.67 14.08
N ARG B 384 19.83 14.25 15.15
CA ARG B 384 19.35 15.16 16.22
C ARG B 384 20.33 15.09 17.39
N ILE B 385 20.84 16.25 17.84
CA ILE B 385 21.70 16.36 19.04
C ILE B 385 20.85 15.96 20.26
N PRO B 386 21.21 14.88 20.98
CA PRO B 386 20.36 14.33 22.04
C PRO B 386 20.10 15.31 23.20
N TYR B 387 18.99 15.10 23.91
CA TYR B 387 18.66 15.76 25.19
C TYR B 387 19.31 14.97 26.33
N HIS B 388 20.07 15.67 27.19
CA HIS B 388 20.83 15.08 28.33
C HIS B 388 19.91 14.23 29.20
N LEU B 389 18.74 14.75 29.58
CA LEU B 389 17.79 14.09 30.52
C LEU B 389 17.18 12.86 29.85
N ASP B 390 16.77 12.97 28.58
CA ASP B 390 16.23 11.85 27.76
C ASP B 390 17.24 10.69 27.77
N GLU B 391 18.52 10.98 27.53
CA GLU B 391 19.59 9.95 27.38
C GLU B 391 19.81 9.27 28.74
N LEU B 392 19.76 10.02 29.84
CA LEU B 392 19.87 9.50 31.23
C LEU B 392 18.69 8.55 31.52
N ILE B 393 17.46 8.93 31.13
CA ILE B 393 16.23 8.09 31.32
C ILE B 393 16.38 6.80 30.49
N ARG B 394 16.86 6.90 29.25
CA ARG B 394 17.07 5.75 28.33
C ARG B 394 17.99 4.73 29.02
N GLY B 395 19.14 5.17 29.52
CA GLY B 395 20.09 4.33 30.27
C GLY B 395 19.47 3.77 31.55
N PHE B 396 18.71 4.60 32.28
CA PHE B 396 18.10 4.24 33.59
C PHE B 396 17.10 3.09 33.39
N ILE B 397 16.33 3.12 32.29
CA ILE B 397 15.33 2.08 31.93
C ILE B 397 16.05 0.84 31.38
N ASN B 398 16.99 1.01 30.46
CA ASN B 398 17.68 -0.11 29.75
C ASN B 398 18.60 -0.88 30.70
N TYR B 399 19.22 -0.21 31.68
CA TYR B 399 20.27 -0.77 32.57
C TYR B 399 19.86 -0.64 34.03
N PRO B 400 18.88 -1.45 34.51
CA PRO B 400 18.46 -1.39 35.92
C PRO B 400 19.57 -1.77 36.91
N GLU B 401 20.58 -2.52 36.46
CA GLU B 401 21.77 -2.91 37.29
C GLU B 401 22.63 -1.68 37.60
N LYS B 402 22.46 -0.57 36.86
CA LYS B 402 23.24 0.69 37.01
C LYS B 402 22.45 1.75 37.80
N HIS B 403 21.37 1.37 38.48
CA HIS B 403 20.40 2.32 39.11
C HIS B 403 21.06 3.15 40.23
N GLN B 404 21.97 2.55 41.01
CA GLN B 404 22.69 3.23 42.13
C GLN B 404 23.61 4.31 41.55
N ILE B 405 24.12 4.10 40.35
CA ILE B 405 25.05 5.03 39.63
C ILE B 405 24.24 6.14 38.95
N LEU B 406 23.12 5.78 38.31
CA LEU B 406 22.37 6.69 37.40
C LEU B 406 21.36 7.54 38.18
N ALA B 407 20.67 6.96 39.16
CA ALA B 407 19.55 7.62 39.89
C ALA B 407 20.01 8.94 40.52
N PRO B 408 21.20 9.01 41.18
CA PRO B 408 21.69 10.28 41.73
C PRO B 408 21.85 11.42 40.70
N LEU B 409 22.10 11.10 39.43
CA LEU B 409 22.40 12.09 38.36
C LEU B 409 21.14 12.89 37.99
N PHE B 410 19.94 12.43 38.37
CA PHE B 410 18.65 13.09 38.10
C PHE B 410 18.55 14.42 38.87
N LYS B 411 19.20 14.53 40.03
CA LYS B 411 19.12 15.74 40.91
C LYS B 411 19.62 16.98 40.14
N ALA B 412 20.65 16.83 39.30
CA ALA B 412 21.27 17.91 38.51
C ALA B 412 20.43 18.25 37.27
N ARG B 413 19.64 17.28 36.76
CA ARG B 413 18.89 17.40 35.48
C ARG B 413 17.42 17.77 35.73
N VAL B 414 16.82 17.25 36.80
CA VAL B 414 15.35 17.41 37.10
C VAL B 414 15.17 18.59 38.07
N LYS B 415 14.85 19.77 37.54
CA LYS B 415 14.63 21.02 38.30
C LYS B 415 13.13 21.30 38.47
N SER B 416 12.27 20.62 37.70
CA SER B 416 10.79 20.74 37.76
C SER B 416 10.14 19.46 37.23
N GLU B 417 8.83 19.29 37.44
CA GLU B 417 8.02 18.18 36.89
C GLU B 417 7.82 18.40 35.38
N ALA B 418 7.87 19.67 34.94
CA ALA B 418 7.82 20.08 33.51
C ALA B 418 9.00 19.47 32.76
N ASP B 419 10.20 19.47 33.37
CA ASP B 419 11.43 18.86 32.81
C ASP B 419 11.18 17.37 32.53
N LEU B 420 10.63 16.64 33.51
CA LEU B 420 10.35 15.18 33.39
C LEU B 420 9.33 14.95 32.27
N GLU B 421 8.23 15.71 32.27
CA GLU B 421 7.11 15.57 31.29
C GLU B 421 7.65 15.78 29.87
N GLU B 422 8.51 16.77 29.66
CA GLU B 422 9.14 17.06 28.34
C GLU B 422 9.98 15.87 27.87
N ALA B 423 10.85 15.34 28.75
CA ALA B 423 11.75 14.20 28.46
C ALA B 423 10.92 12.97 28.08
N PHE B 424 9.92 12.63 28.90
CA PHE B 424 9.06 11.43 28.73
C PHE B 424 8.14 11.60 27.52
N HIS B 425 7.77 12.84 27.19
CA HIS B 425 6.97 13.17 25.98
C HIS B 425 7.79 12.84 24.71
N ARG B 426 9.06 13.28 24.67
CA ARG B 426 9.98 13.03 23.53
C ARG B 426 10.25 11.51 23.41
N LEU B 427 10.55 10.84 24.53
CA LEU B 427 10.80 9.37 24.55
C LEU B 427 9.54 8.62 24.07
N SER B 428 8.36 9.13 24.40
CA SER B 428 7.03 8.57 24.01
C SER B 428 6.87 8.60 22.49
N LEU B 429 7.45 9.59 21.80
CA LEU B 429 7.31 9.80 20.34
C LEU B 429 8.43 9.09 19.55
N GLU B 430 9.42 8.50 20.23
CA GLU B 430 10.59 7.88 19.56
C GLU B 430 10.17 6.58 18.86
N VAL B 432 11.59 3.32 16.20
CA VAL B 432 12.78 2.53 15.77
C VAL B 432 12.36 1.60 14.62
N GLN B 433 13.27 1.41 13.66
CA GLN B 433 13.14 0.43 12.55
C GLN B 433 13.75 -0.89 13.03
N PRO B 434 12.95 -1.93 13.32
CA PRO B 434 13.48 -3.18 13.85
C PRO B 434 14.56 -3.80 12.95
N GLU B 435 14.34 -3.76 11.63
CA GLU B 435 15.36 -4.04 10.59
C GLU B 435 16.15 -2.75 10.35
N ILE B 436 17.45 -2.74 10.64
CA ILE B 436 18.34 -1.55 10.43
C ILE B 436 18.15 -1.04 8.99
N GLU B 437 18.13 -1.95 8.01
CA GLU B 437 18.09 -1.60 6.56
C GLU B 437 16.88 -2.27 5.90
N CYS B 438 16.20 -1.52 5.01
CA CYS B 438 15.11 -2.03 4.14
C CYS B 438 14.88 -1.06 2.99
N PRO B 439 14.29 -1.53 1.85
CA PRO B 439 13.83 -0.63 0.79
C PRO B 439 12.93 0.48 1.39
N ILE B 440 13.05 1.70 0.88
CA ILE B 440 12.45 2.93 1.48
C ILE B 440 10.93 2.75 1.67
N SER B 441 10.27 1.96 0.83
CA SER B 441 8.78 1.78 0.83
C SER B 441 8.36 0.68 1.82
N GLU B 442 9.30 -0.06 2.41
CA GLU B 442 9.01 -1.23 3.30
C GLU B 442 9.48 -0.93 4.73
N THR B 443 9.44 0.35 5.16
CA THR B 443 9.75 0.77 6.55
C THR B 443 8.54 0.44 7.44
N HIS B 444 8.76 -0.36 8.49
CA HIS B 444 7.74 -0.74 9.51
C HIS B 444 8.25 -0.33 10.89
N PHE B 445 8.02 0.94 11.27
CA PHE B 445 8.51 1.55 12.54
C PHE B 445 7.64 1.06 13.71
N GLU B 446 8.28 0.89 14.87
CA GLU B 446 7.62 0.53 16.16
C GLU B 446 8.14 1.47 17.25
N ARG B 447 7.43 1.54 18.38
CA ARG B 447 7.77 2.41 19.54
C ARG B 447 9.13 1.96 20.11
N ALA B 448 10.00 2.92 20.46
CA ALA B 448 11.31 2.67 21.11
C ALA B 448 11.09 2.09 22.51
N PHE B 449 10.02 2.53 23.20
CA PHE B 449 9.63 2.09 24.57
C PHE B 449 8.13 1.77 24.61
N LYS B 450 7.76 0.77 25.41
CA LYS B 450 6.35 0.52 25.81
C LYS B 450 5.86 1.73 26.62
N LYS B 451 4.68 2.24 26.31
CA LYS B 451 4.06 3.41 26.99
C LYS B 451 4.01 3.14 28.50
N GLU B 452 3.56 1.94 28.90
CA GLU B 452 3.38 1.54 30.31
C GLU B 452 4.72 1.64 31.05
N THR B 453 5.82 1.24 30.41
CA THR B 453 7.20 1.32 30.96
C THR B 453 7.54 2.77 31.29
N LEU B 454 7.34 3.68 30.33
CA LEU B 454 7.64 5.13 30.46
C LEU B 454 6.79 5.73 31.59
N ASP B 455 5.50 5.41 31.65
CA ASP B 455 4.55 6.00 32.62
C ASP B 455 4.93 5.58 34.05
N LYS B 456 5.29 4.30 34.25
CA LYS B 456 5.70 3.76 35.57
C LYS B 456 7.01 4.40 36.01
N THR B 457 7.98 4.56 35.10
CA THR B 457 9.29 5.20 35.36
C THR B 457 9.05 6.69 35.70
N GLN B 458 8.20 7.38 34.94
CA GLN B 458 7.87 8.81 35.16
C GLN B 458 7.22 8.99 36.55
N ALA B 459 6.30 8.09 36.92
CA ALA B 459 5.56 8.12 38.21
C ALA B 459 6.53 7.98 39.39
N VAL B 460 7.52 7.09 39.28
CA VAL B 460 8.54 6.81 40.34
C VAL B 460 9.46 8.04 40.50
N LEU B 461 9.99 8.57 39.39
CA LEU B 461 10.89 9.75 39.40
C LEU B 461 10.13 10.98 39.92
N THR B 462 8.89 11.17 39.47
CA THR B 462 7.99 12.28 39.90
C THR B 462 7.80 12.25 41.42
N HIS B 463 7.50 11.06 41.97
CA HIS B 463 7.29 10.82 43.42
C HIS B 463 8.53 11.30 44.21
N TYR B 464 9.73 10.93 43.76
CA TYR B 464 11.00 11.26 44.45
C TYR B 464 11.27 12.77 44.35
N PHE B 465 10.95 13.40 43.21
CA PHE B 465 11.12 14.87 43.01
C PHE B 465 10.20 15.64 43.96
N ARG B 466 8.93 15.22 44.05
CA ARG B 466 7.87 15.89 44.87
C ARG B 466 8.25 15.83 46.36
N ILE B 467 8.81 14.71 46.81
CA ILE B 467 9.21 14.44 48.22
C ILE B 467 10.43 15.29 48.59
N SER B 468 11.37 15.46 47.66
CA SER B 468 12.69 16.12 47.87
C SER B 468 12.54 17.64 47.67
N GLY C 1 49.21 -38.38 10.77
CA GLY C 1 48.22 -37.26 10.86
C GLY C 1 48.90 -35.90 10.78
N HIS C 2 48.12 -34.83 10.60
CA HIS C 2 48.59 -33.42 10.50
C HIS C 2 47.71 -32.51 11.35
N ASP C 3 48.22 -31.32 11.68
CA ASP C 3 47.55 -30.28 12.51
C ASP C 3 46.54 -29.49 11.66
N LYS C 4 46.87 -29.24 10.38
CA LYS C 4 46.00 -28.49 9.43
C LYS C 4 45.49 -29.44 8.34
N ILE C 5 44.18 -29.67 8.30
CA ILE C 5 43.52 -30.58 7.32
C ILE C 5 42.37 -29.82 6.65
N ILE C 6 42.32 -29.89 5.31
CA ILE C 6 41.18 -29.39 4.49
C ILE C 6 40.85 -30.47 3.44
N THR C 7 39.56 -30.73 3.24
CA THR C 7 39.04 -31.74 2.29
C THR C 7 39.53 -31.41 0.88
N GLY C 8 39.92 -32.42 0.11
CA GLY C 8 40.34 -32.27 -1.30
C GLY C 8 39.15 -32.17 -2.23
N LYS C 9 39.39 -31.83 -3.50
CA LYS C 9 38.35 -31.69 -4.55
C LYS C 9 37.94 -33.09 -5.03
N LYS C 10 36.76 -33.56 -4.61
CA LYS C 10 36.24 -34.91 -4.94
C LYS C 10 35.18 -34.80 -6.03
N ILE C 11 35.35 -35.57 -7.11
CA ILE C 11 34.37 -35.74 -8.22
C ILE C 11 33.96 -37.21 -8.20
N ILE C 12 32.69 -37.50 -7.91
CA ILE C 12 32.15 -38.89 -7.87
C ILE C 12 31.26 -39.13 -9.09
N PHE C 13 31.14 -40.39 -9.51
CA PHE C 13 30.09 -40.88 -10.44
C PHE C 13 28.80 -40.99 -9.63
N SER C 14 27.81 -40.14 -9.93
CA SER C 14 26.49 -40.12 -9.26
C SER C 14 25.48 -40.88 -10.11
N GLN C 15 25.10 -42.08 -9.67
CA GLN C 15 24.09 -42.93 -10.34
C GLN C 15 22.69 -42.36 -10.08
N SER C 16 21.77 -42.61 -11.01
CA SER C 16 20.39 -42.07 -11.00
C SER C 16 19.58 -42.69 -9.86
N VAL C 17 18.41 -42.10 -9.55
CA VAL C 17 17.46 -42.60 -8.53
C VAL C 17 16.92 -43.96 -9.00
N ALA C 18 16.77 -44.14 -10.32
CA ALA C 18 16.32 -45.39 -10.97
C ALA C 18 17.25 -46.55 -10.63
N LYS C 19 18.56 -46.29 -10.58
CA LYS C 19 19.61 -47.30 -10.25
C LYS C 19 19.73 -47.47 -8.72
N ASP C 20 19.55 -46.38 -7.97
CA ASP C 20 19.74 -46.33 -6.49
C ASP C 20 18.47 -46.82 -5.77
N GLN C 21 17.36 -47.02 -6.48
CA GLN C 21 16.07 -47.52 -5.91
C GLN C 21 16.25 -48.96 -5.39
N THR C 22 17.21 -49.70 -5.96
CA THR C 22 17.50 -51.13 -5.64
C THR C 22 18.45 -51.22 -4.44
N LYS C 23 19.39 -50.28 -4.30
CA LYS C 23 20.51 -50.34 -3.32
C LYS C 23 20.01 -50.05 -1.91
N ASN C 24 20.64 -50.69 -0.91
CA ASN C 24 20.43 -50.43 0.54
C ASN C 24 21.39 -49.33 1.00
N LEU C 25 21.22 -48.84 2.23
CA LEU C 25 21.91 -47.65 2.80
C LEU C 25 23.43 -47.84 2.76
N SER C 26 23.92 -49.02 3.16
CA SER C 26 25.36 -49.38 3.24
C SER C 26 26.04 -49.13 1.89
N SER C 27 25.42 -49.61 0.80
CA SER C 27 25.93 -49.50 -0.60
C SER C 27 25.87 -48.04 -1.07
N PHE C 28 24.76 -47.36 -0.78
CA PHE C 28 24.50 -45.93 -1.15
C PHE C 28 25.57 -45.04 -0.52
N LEU C 29 25.86 -45.22 0.78
CA LEU C 29 26.88 -44.45 1.53
C LEU C 29 28.26 -44.73 0.97
N SER C 30 28.60 -46.02 0.80
CA SER C 30 29.94 -46.51 0.37
C SER C 30 30.34 -45.92 -0.99
N GLU C 31 29.36 -45.60 -1.84
CA GLU C 31 29.58 -45.12 -3.23
C GLU C 31 29.75 -43.59 -3.25
N ARG C 32 29.33 -42.88 -2.21
CA ARG C 32 29.05 -41.42 -2.28
C ARG C 32 29.83 -40.61 -1.22
N PHE C 33 30.46 -41.24 -0.22
CA PHE C 33 31.04 -40.54 0.96
C PHE C 33 32.48 -40.97 1.24
N TYR C 34 33.25 -40.05 1.85
CA TYR C 34 34.66 -40.22 2.30
C TYR C 34 34.76 -39.84 3.78
N SER C 35 35.71 -40.44 4.49
CA SER C 35 36.08 -40.12 5.90
C SER C 35 37.41 -39.38 5.92
N VAL C 36 37.43 -38.15 6.44
CA VAL C 36 38.66 -37.34 6.66
C VAL C 36 38.84 -37.12 8.16
N ASN C 37 39.81 -37.81 8.76
CA ASN C 37 40.01 -37.90 10.23
C ASN C 37 41.28 -37.13 10.62
N GLN C 38 41.16 -36.22 11.59
CA GLN C 38 42.30 -35.46 12.18
C GLN C 38 42.81 -36.21 13.40
N SER C 39 41.91 -36.57 14.32
CA SER C 39 42.20 -37.30 15.58
C SER C 39 40.89 -37.86 16.15
N HIS C 40 40.96 -38.46 17.34
CA HIS C 40 39.78 -38.95 18.09
C HIS C 40 38.77 -37.80 18.27
N ASN C 41 39.26 -36.56 18.40
CA ASN C 41 38.46 -35.38 18.85
C ASN C 41 38.13 -34.44 17.68
N HIS C 42 38.45 -34.80 16.44
CA HIS C 42 37.92 -34.10 15.24
C HIS C 42 37.92 -35.04 14.02
N SER C 43 36.76 -35.17 13.37
CA SER C 43 36.57 -35.98 12.14
C SER C 43 35.55 -35.33 11.22
N ILE C 44 35.70 -35.58 9.92
CA ILE C 44 34.86 -35.05 8.82
C ILE C 44 34.33 -36.25 8.02
N ILE C 45 33.04 -36.23 7.69
CA ILE C 45 32.45 -37.11 6.64
C ILE C 45 31.90 -36.17 5.55
N ILE C 46 32.33 -36.39 4.32
CA ILE C 46 32.02 -35.52 3.14
C ILE C 46 31.65 -36.42 1.96
N GLY C 47 30.61 -36.04 1.22
CA GLY C 47 30.09 -36.79 0.06
C GLY C 47 29.04 -35.99 -0.68
N SER C 48 28.41 -36.61 -1.68
CA SER C 48 27.29 -36.04 -2.47
C SER C 48 26.16 -37.07 -2.55
N SER C 49 24.97 -36.69 -2.10
CA SER C 49 23.71 -37.46 -2.27
C SER C 49 22.97 -36.99 -3.53
N LEU C 50 23.57 -36.07 -4.30
CA LEU C 50 22.96 -35.47 -5.52
C LEU C 50 22.72 -36.56 -6.57
N SER C 51 21.57 -36.52 -7.24
CA SER C 51 21.16 -37.50 -8.27
C SER C 51 20.05 -36.89 -9.15
N HIS C 52 20.06 -37.22 -10.45
CA HIS C 52 18.90 -37.04 -11.39
C HIS C 52 18.10 -38.35 -11.41
N GLN C 53 16.80 -38.25 -11.71
CA GLN C 53 15.83 -39.38 -11.60
C GLN C 53 16.23 -40.51 -12.56
N GLU C 54 16.54 -40.17 -13.82
CA GLU C 54 16.82 -41.15 -14.90
C GLU C 54 18.29 -41.07 -15.37
N ASN C 55 18.90 -39.89 -15.30
CA ASN C 55 20.26 -39.62 -15.84
C ASN C 55 21.32 -39.77 -14.74
N ASP C 56 22.41 -40.48 -15.04
CA ASP C 56 23.65 -40.50 -14.22
C ASP C 56 24.36 -39.16 -14.37
N ILE C 57 24.95 -38.63 -13.29
CA ILE C 57 25.84 -37.44 -13.34
C ILE C 57 27.28 -37.96 -13.29
N GLU C 58 28.00 -37.87 -14.41
CA GLU C 58 29.38 -38.43 -14.59
C GLU C 58 30.35 -37.66 -13.70
N HIS C 59 30.33 -36.32 -13.80
CA HIS C 59 31.22 -35.38 -13.06
C HIS C 59 30.41 -34.63 -12.00
N ASP C 60 30.04 -35.31 -10.91
CA ASP C 60 29.37 -34.70 -9.74
C ASP C 60 30.44 -34.17 -8.79
N THR C 61 30.81 -32.90 -8.94
CA THR C 61 31.83 -32.23 -8.09
C THR C 61 31.20 -31.84 -6.75
N ILE C 62 31.78 -32.30 -5.64
CA ILE C 62 31.38 -31.89 -4.26
C ILE C 62 31.86 -30.44 -4.05
N LEU C 63 30.92 -29.51 -3.88
CA LEU C 63 31.21 -28.05 -3.77
C LEU C 63 31.18 -27.62 -2.29
N ASP C 64 31.04 -28.58 -1.37
CA ASP C 64 31.28 -28.39 0.08
C ASP C 64 32.78 -28.56 0.36
N THR C 65 33.30 -27.78 1.31
CA THR C 65 34.65 -27.95 1.91
C THR C 65 34.50 -27.98 3.43
N SER C 66 35.30 -28.80 4.12
CA SER C 66 35.47 -28.76 5.59
C SER C 66 36.97 -28.75 5.91
N GLY C 67 37.36 -28.00 6.94
CA GLY C 67 38.77 -27.84 7.33
C GLY C 67 38.93 -27.64 8.83
N VAL C 68 40.12 -27.97 9.34
CA VAL C 68 40.47 -27.81 10.78
C VAL C 68 41.94 -27.38 10.87
N LEU C 69 42.24 -26.45 11.80
CA LEU C 69 43.60 -26.18 12.30
C LEU C 69 43.58 -26.33 13.83
N VAL C 70 44.24 -27.34 14.37
CA VAL C 70 44.47 -27.52 15.83
C VAL C 70 45.59 -26.56 16.23
N THR C 71 45.34 -25.72 17.24
CA THR C 71 46.31 -24.72 17.76
C THR C 71 46.94 -25.25 19.06
N THR C 72 48.17 -24.84 19.34
CA THR C 72 48.92 -25.15 20.59
C THR C 72 49.41 -23.83 21.21
N ASP C 73 49.58 -23.81 22.54
CA ASP C 73 50.29 -22.72 23.25
C ASP C 73 51.78 -22.83 22.88
N THR C 74 52.63 -22.00 23.50
CA THR C 74 54.09 -21.91 23.20
C THR C 74 54.82 -23.13 23.74
N ASN C 75 54.18 -23.92 24.62
CA ASN C 75 54.73 -25.17 25.20
C ASN C 75 54.32 -26.39 24.36
N GLY C 76 53.53 -26.18 23.29
CA GLY C 76 53.10 -27.25 22.37
C GLY C 76 51.94 -28.08 22.91
N ILE C 77 51.27 -27.58 23.96
CA ILE C 77 50.03 -28.19 24.53
C ILE C 77 48.85 -27.73 23.66
N VAL C 78 48.02 -28.67 23.18
CA VAL C 78 46.79 -28.37 22.37
C VAL C 78 45.87 -27.52 23.24
N ASN C 79 45.52 -26.32 22.78
CA ASN C 79 44.74 -25.32 23.58
C ASN C 79 43.53 -24.80 22.79
N GLY C 80 43.28 -25.28 21.57
CA GLY C 80 42.17 -24.78 20.75
C GLY C 80 42.16 -25.35 19.34
N ALA C 81 41.31 -24.78 18.47
CA ALA C 81 41.22 -25.12 17.04
C ALA C 81 40.45 -24.01 16.29
N ARG C 82 40.68 -23.92 14.99
CA ARG C 82 39.84 -23.18 14.01
C ARG C 82 39.17 -24.22 13.11
N VAL C 83 37.85 -24.16 12.99
CA VAL C 83 37.03 -25.12 12.19
C VAL C 83 36.12 -24.31 11.28
N ALA C 84 36.00 -24.73 10.02
CA ALA C 84 35.17 -24.08 8.98
C ALA C 84 34.56 -25.14 8.07
N ILE C 85 33.29 -24.96 7.71
CA ILE C 85 32.56 -25.80 6.72
C ILE C 85 31.88 -24.83 5.73
N THR C 86 32.13 -25.01 4.44
CA THR C 86 31.63 -24.12 3.37
C THR C 86 30.74 -24.92 2.43
N ASP C 87 29.78 -24.21 1.80
CA ASP C 87 28.80 -24.76 0.84
C ASP C 87 28.77 -23.81 -0.36
N GLY C 88 29.37 -24.20 -1.49
CA GLY C 88 29.27 -23.48 -2.77
C GLY C 88 27.82 -23.37 -3.20
N LEU C 89 27.38 -22.17 -3.61
CA LEU C 89 26.01 -21.89 -4.09
C LEU C 89 25.98 -21.94 -5.62
N GLY C 90 24.94 -22.53 -6.19
CA GLY C 90 24.81 -22.79 -7.64
C GLY C 90 25.52 -24.08 -8.02
N GLY C 91 25.75 -24.29 -9.32
CA GLY C 91 26.37 -25.50 -9.87
C GLY C 91 25.50 -26.73 -9.62
N GLY C 92 26.08 -27.93 -9.72
CA GLY C 92 25.37 -29.21 -9.57
C GLY C 92 24.56 -29.56 -10.80
N ASN C 93 24.96 -29.04 -11.97
CA ASN C 93 24.36 -29.34 -13.30
C ASN C 93 25.33 -30.22 -14.11
N GLY C 94 26.46 -30.62 -13.52
CA GLY C 94 27.52 -31.39 -14.19
C GLY C 94 28.56 -30.50 -14.84
N ASP C 95 28.12 -29.42 -15.51
CA ASP C 95 28.97 -28.36 -16.13
C ASP C 95 30.21 -28.15 -15.26
N GLN C 96 31.38 -28.58 -15.77
CA GLN C 96 32.66 -28.63 -15.00
C GLN C 96 33.19 -27.22 -14.76
N GLU C 97 33.19 -26.37 -15.79
CA GLU C 97 33.74 -24.98 -15.76
C GLU C 97 33.07 -24.20 -14.61
N GLU C 98 31.73 -24.28 -14.53
CA GLU C 98 30.89 -23.62 -13.50
C GLU C 98 31.27 -24.14 -12.11
N ASP C 99 31.33 -25.48 -11.96
CA ASP C 99 31.61 -26.18 -10.68
C ASP C 99 33.02 -25.84 -10.17
N ASP C 100 34.00 -25.75 -11.08
CA ASP C 100 35.42 -25.45 -10.76
C ASP C 100 35.52 -24.06 -10.13
N GLU C 101 34.87 -23.06 -10.73
CA GLU C 101 34.87 -21.65 -10.25
C GLU C 101 34.22 -21.59 -8.85
N ILE C 102 33.14 -22.34 -8.65
CA ILE C 102 32.40 -22.40 -7.35
C ILE C 102 33.31 -23.08 -6.30
N TYR C 103 33.89 -24.24 -6.64
CA TYR C 103 34.80 -24.97 -5.74
C TYR C 103 35.94 -24.06 -5.26
N ARG C 104 36.51 -23.27 -6.18
CA ARG C 104 37.64 -22.34 -5.90
C ARG C 104 37.26 -21.39 -4.75
N VAL C 105 36.07 -20.80 -4.82
CA VAL C 105 35.56 -19.81 -3.81
C VAL C 105 35.23 -20.55 -2.51
N SER C 106 34.60 -21.73 -2.59
CA SER C 106 34.24 -22.57 -1.43
C SER C 106 35.50 -23.02 -0.68
N HIS C 107 36.53 -23.46 -1.43
CA HIS C 107 37.80 -24.00 -0.88
C HIS C 107 38.65 -22.85 -0.30
N SER C 108 38.82 -21.75 -1.06
CA SER C 108 39.61 -20.57 -0.65
C SER C 108 39.01 -19.93 0.61
N SER C 109 37.67 -19.80 0.66
CA SER C 109 36.92 -19.25 1.82
C SER C 109 37.33 -20.00 3.09
N CYS C 110 37.25 -21.33 3.04
CA CYS C 110 37.61 -22.27 4.14
C CYS C 110 39.09 -22.13 4.51
N GLU C 111 39.96 -22.19 3.50
CA GLU C 111 41.44 -22.13 3.63
C GLU C 111 41.87 -20.82 4.29
N ASN C 112 41.32 -19.68 3.84
CA ASN C 112 41.68 -18.32 4.33
C ASN C 112 41.24 -18.17 5.80
N PHE C 113 40.11 -18.77 6.20
CA PHE C 113 39.60 -18.74 7.59
C PHE C 113 40.59 -19.46 8.52
N LEU C 114 41.10 -20.62 8.09
CA LEU C 114 42.01 -21.48 8.88
C LEU C 114 43.39 -20.83 9.00
N ASN C 115 43.89 -20.19 7.92
CA ASN C 115 45.28 -19.66 7.82
C ASN C 115 45.38 -18.30 8.52
N CYS C 116 44.25 -17.66 8.85
CA CYS C 116 44.18 -16.40 9.62
C CYS C 116 44.49 -16.69 11.09
N ASP C 117 45.17 -15.76 11.77
CA ASP C 117 45.63 -15.91 13.19
C ASP C 117 44.85 -14.94 14.09
N GLN C 118 43.71 -14.42 13.61
CA GLN C 118 42.90 -13.38 14.29
C GLN C 118 41.61 -13.99 14.85
N ASN C 119 40.91 -13.23 15.70
CA ASN C 119 39.55 -13.56 16.21
C ASN C 119 38.57 -13.57 15.03
N ILE C 120 37.36 -14.07 15.24
CA ILE C 120 36.40 -14.45 14.15
C ILE C 120 35.95 -13.19 13.39
N ASP C 121 35.72 -12.08 14.09
CA ASP C 121 35.20 -10.81 13.49
C ASP C 121 36.28 -10.21 12.56
N THR C 122 37.52 -10.14 13.03
CA THR C 122 38.70 -9.63 12.25
C THR C 122 38.98 -10.58 11.09
N THR C 123 38.84 -11.90 11.31
CA THR C 123 39.03 -12.95 10.28
C THR C 123 38.04 -12.73 9.13
N LEU C 124 36.75 -12.61 9.44
CA LEU C 124 35.65 -12.49 8.44
C LEU C 124 35.84 -11.24 7.58
N SER C 125 36.40 -10.16 8.16
CA SER C 125 36.73 -8.89 7.46
C SER C 125 37.84 -9.11 6.44
N LEU C 126 38.95 -9.75 6.85
CA LEU C 126 40.18 -9.94 6.04
C LEU C 126 39.91 -10.85 4.84
N ILE C 127 39.18 -11.95 5.04
CA ILE C 127 38.95 -13.01 4.00
C ILE C 127 37.85 -12.56 3.03
N THR C 128 37.10 -11.50 3.35
CA THR C 128 35.98 -10.95 2.54
C THR C 128 36.53 -10.02 1.45
N GLN C 129 37.53 -9.20 1.78
CA GLN C 129 38.12 -8.17 0.89
C GLN C 129 38.87 -8.86 -0.26
N THR C 146 30.54 -15.67 -8.05
CA THR C 146 30.70 -16.97 -7.37
C THR C 146 30.59 -16.78 -5.86
N GLU C 147 29.71 -17.55 -5.20
CA GLU C 147 29.35 -17.38 -3.77
C GLU C 147 29.50 -18.70 -3.02
N ALA C 148 29.80 -18.63 -1.72
CA ALA C 148 29.82 -19.77 -0.79
C ALA C 148 29.27 -19.33 0.57
N SER C 149 28.45 -20.20 1.20
CA SER C 149 28.00 -20.06 2.60
C SER C 149 29.04 -20.71 3.51
N ALA C 151 29.69 -21.96 7.81
CA ALA C 151 29.58 -22.13 9.27
C ALA C 151 30.99 -22.39 9.83
N ALA C 152 31.46 -21.53 10.73
CA ALA C 152 32.85 -21.55 11.25
C ALA C 152 32.85 -21.23 12.75
N PHE C 153 33.86 -21.72 13.47
CA PHE C 153 34.09 -21.38 14.89
C PHE C 153 35.58 -21.44 15.21
N ILE C 154 35.99 -20.64 16.20
CA ILE C 154 37.33 -20.65 16.85
C ILE C 154 37.08 -20.82 18.36
N TYR C 155 37.65 -21.86 18.97
CA TYR C 155 37.72 -22.00 20.45
C TYR C 155 39.20 -22.00 20.86
N GLN C 156 39.46 -21.54 22.09
CA GLN C 156 40.82 -21.42 22.66
C GLN C 156 40.70 -21.41 24.18
N ASN C 157 41.60 -22.12 24.87
CA ASN C 157 41.75 -22.05 26.35
C ASN C 157 42.48 -20.75 26.68
N HIS C 158 41.86 -19.88 27.49
CA HIS C 158 42.49 -18.66 28.06
C HIS C 158 42.90 -18.96 29.50
N PRO C 159 44.20 -18.86 29.83
CA PRO C 159 44.73 -19.32 31.12
C PRO C 159 43.84 -19.12 32.37
N GLY C 160 43.27 -17.92 32.54
CA GLY C 160 42.48 -17.54 33.72
C GLY C 160 40.99 -17.79 33.53
N LYS C 161 40.53 -17.89 32.29
CA LYS C 161 39.09 -17.87 31.90
C LYS C 161 38.58 -19.27 31.59
N GLY C 162 39.34 -20.05 30.80
CA GLY C 162 38.92 -21.37 30.28
C GLY C 162 38.62 -21.30 28.79
N TYR C 163 37.81 -22.22 28.27
CA TYR C 163 37.47 -22.32 26.83
C TYR C 163 36.46 -21.24 26.45
N ILE C 164 36.86 -20.33 25.55
CA ILE C 164 35.97 -19.34 24.88
C ILE C 164 35.80 -19.77 23.42
N GLY C 165 34.56 -20.02 23.00
CA GLY C 165 34.20 -20.33 21.60
C GLY C 165 33.49 -19.17 20.94
N GLU C 166 34.02 -18.69 19.81
CA GLU C 166 33.37 -17.72 18.89
C GLU C 166 32.77 -18.48 17.70
N PHE C 167 31.48 -18.31 17.44
CA PHE C 167 30.73 -19.03 16.39
C PHE C 167 30.17 -18.03 15.37
N ALA C 168 30.28 -18.35 14.09
CA ALA C 168 29.78 -17.54 12.95
C ALA C 168 29.05 -18.47 11.97
N ASN C 169 27.83 -18.09 11.55
CA ASN C 169 27.05 -18.85 10.54
C ASN C 169 26.47 -17.86 9.53
N ILE C 170 26.88 -18.02 8.26
CA ILE C 170 26.32 -17.28 7.09
C ILE C 170 25.77 -18.31 6.10
N GLY C 171 24.45 -18.43 6.02
CA GLY C 171 23.76 -19.32 5.07
C GLY C 171 22.96 -20.40 5.78
N ALA C 172 22.78 -21.53 5.11
CA ALA C 172 21.90 -22.64 5.56
C ALA C 172 22.74 -23.81 6.10
N GLY C 173 24.01 -23.57 6.45
CA GLY C 173 24.78 -24.45 7.34
C GLY C 173 24.23 -24.38 8.75
N LEU C 174 24.60 -25.32 9.63
CA LEU C 174 24.07 -25.41 11.02
C LEU C 174 25.18 -25.86 11.98
N ILE C 175 25.24 -25.24 13.16
CA ILE C 175 26.16 -25.63 14.26
C ILE C 175 25.32 -25.95 15.50
N ILE C 176 25.55 -27.12 16.10
CA ILE C 176 24.91 -27.57 17.37
C ILE C 176 26.02 -27.85 18.38
N ILE C 177 25.95 -27.24 19.56
CA ILE C 177 26.89 -27.50 20.70
C ILE C 177 26.15 -28.36 21.74
N LEU C 178 26.71 -29.52 22.04
CA LEU C 178 26.18 -30.47 23.07
C LEU C 178 27.22 -30.62 24.18
N ASP C 179 26.79 -31.03 25.38
CA ASP C 179 27.70 -31.42 26.49
C ASP C 179 28.10 -32.89 26.27
N LYS C 180 28.91 -33.45 27.18
CA LYS C 180 29.47 -34.82 27.05
C LYS C 180 28.36 -35.88 27.12
N ARG C 181 27.19 -35.55 27.69
CA ARG C 181 26.02 -36.47 27.77
C ARG C 181 25.10 -36.26 26.55
N PHE C 182 25.52 -35.43 25.58
CA PHE C 182 24.79 -35.14 24.32
C PHE C 182 23.46 -34.42 24.61
N LYS C 183 23.44 -33.58 25.65
CA LYS C 183 22.37 -32.58 25.88
C LYS C 183 22.66 -31.37 25.01
N ILE C 184 21.67 -30.88 24.26
CA ILE C 184 21.80 -29.71 23.35
C ILE C 184 21.86 -28.45 24.21
N LYS C 185 23.01 -27.76 24.21
CA LYS C 185 23.24 -26.51 24.99
C LYS C 185 22.94 -25.30 24.11
N HIS C 186 23.43 -25.29 22.87
CA HIS C 186 23.31 -24.13 21.94
C HIS C 186 23.07 -24.60 20.50
N VAL C 188 23.47 -22.54 16.56
CA VAL C 188 23.69 -21.40 15.64
C VAL C 188 22.88 -21.69 14.37
N SER C 189 21.70 -21.10 14.26
CA SER C 189 20.61 -21.53 13.34
C SER C 189 20.97 -21.22 11.88
N ALA C 190 20.40 -22.00 10.95
CA ALA C 190 20.47 -21.76 9.50
C ALA C 190 19.56 -20.58 9.15
N CYS C 191 19.82 -19.94 8.01
CA CYS C 191 19.09 -18.72 7.53
C CYS C 191 18.78 -18.85 6.04
N HIS C 192 17.52 -18.63 5.67
CA HIS C 192 17.05 -18.36 4.28
C HIS C 192 16.56 -16.91 4.20
N ILE C 193 16.94 -16.20 3.15
CA ILE C 193 16.48 -14.81 2.84
C ILE C 193 15.49 -14.89 1.67
N TYR C 194 14.33 -14.23 1.80
CA TYR C 194 13.31 -14.10 0.73
C TYR C 194 13.87 -13.21 -0.38
N ARG C 195 13.94 -13.74 -1.61
CA ARG C 195 14.48 -13.04 -2.81
C ARG C 195 13.33 -12.52 -3.68
N GLY C 196 12.08 -12.74 -3.27
CA GLY C 196 10.87 -12.35 -4.02
C GLY C 196 10.37 -13.50 -4.89
N PHE C 197 9.07 -13.47 -5.24
CA PHE C 197 8.42 -14.39 -6.19
C PHE C 197 8.59 -15.86 -5.72
N GLY C 198 8.38 -16.10 -4.42
CA GLY C 198 8.28 -17.43 -3.81
C GLY C 198 9.61 -18.04 -3.42
N THR C 199 10.73 -17.36 -3.70
CA THR C 199 12.09 -17.94 -3.62
C THR C 199 12.79 -17.51 -2.31
N TRP C 200 13.22 -18.50 -1.52
CA TRP C 200 14.06 -18.35 -0.31
C TRP C 200 15.40 -19.04 -0.56
N THR C 201 16.52 -18.33 -0.37
CA THR C 201 17.89 -18.88 -0.55
C THR C 201 18.78 -18.43 0.60
N PRO C 202 19.79 -19.24 0.99
CA PRO C 202 20.69 -18.89 2.08
C PRO C 202 21.59 -17.71 1.72
N PRO C 203 21.95 -16.84 2.69
CA PRO C 203 22.97 -15.82 2.46
C PRO C 203 24.37 -16.44 2.26
N SER C 204 25.25 -15.71 1.57
CA SER C 204 26.65 -16.10 1.29
C SER C 204 27.60 -15.21 2.08
N LEU C 205 28.85 -15.66 2.25
CA LEU C 205 29.95 -14.88 2.85
C LEU C 205 30.15 -13.59 2.04
N GLN C 206 29.99 -13.66 0.71
CA GLN C 206 30.22 -12.55 -0.24
C GLN C 206 29.10 -11.49 -0.09
N ALA C 207 27.90 -11.89 0.33
CA ALA C 207 26.72 -11.00 0.49
C ALA C 207 26.86 -10.12 1.73
N LEU C 208 27.77 -10.44 2.66
CA LEU C 208 27.94 -9.71 3.94
C LEU C 208 28.19 -8.22 3.66
N ALA C 209 28.99 -7.91 2.63
CA ALA C 209 29.42 -6.54 2.27
C ALA C 209 28.27 -5.73 1.63
N THR C 210 27.14 -6.36 1.28
CA THR C 210 26.05 -5.73 0.49
C THR C 210 24.96 -5.12 1.39
N THR C 211 25.04 -5.30 2.71
CA THR C 211 24.00 -4.86 3.68
C THR C 211 24.64 -4.11 4.87
N ALA C 212 23.93 -3.10 5.38
CA ALA C 212 24.28 -2.33 6.60
C ALA C 212 23.98 -3.18 7.85
N ASN C 213 23.04 -4.13 7.75
CA ASN C 213 22.59 -4.99 8.88
C ASN C 213 23.27 -6.35 8.77
N LYS C 214 24.49 -6.47 9.29
CA LYS C 214 25.31 -7.71 9.26
C LYS C 214 24.53 -8.84 9.94
N ASP C 215 23.79 -8.53 11.02
CA ASP C 215 22.95 -9.48 11.81
C ASP C 215 21.89 -10.15 10.93
N ALA C 216 21.47 -9.48 9.84
CA ALA C 216 20.48 -10.01 8.86
C ALA C 216 21.04 -11.26 8.16
N LEU C 217 22.37 -11.35 7.99
CA LEU C 217 23.04 -12.44 7.23
C LEU C 217 23.98 -13.27 8.13
N LEU C 218 24.65 -12.62 9.10
CA LEU C 218 25.67 -13.26 9.97
C LEU C 218 25.07 -13.56 11.35
N VAL C 219 24.81 -14.84 11.66
CA VAL C 219 24.41 -15.31 13.02
C VAL C 219 25.71 -15.52 13.81
N ARG C 220 25.80 -14.87 14.96
CA ARG C 220 27.07 -14.67 15.72
C ARG C 220 26.80 -14.98 17.20
N GLN C 221 27.55 -15.92 17.77
CA GLN C 221 27.48 -16.30 19.20
C GLN C 221 28.89 -16.44 19.77
N THR C 222 29.12 -15.92 20.98
CA THR C 222 30.35 -16.12 21.79
C THR C 222 29.93 -16.85 23.07
N LEU C 223 30.48 -18.05 23.29
CA LEU C 223 30.05 -18.99 24.36
C LEU C 223 31.26 -19.47 25.17
N LYS C 224 31.06 -19.72 26.46
CA LYS C 224 31.98 -20.50 27.32
C LYS C 224 31.67 -21.98 27.11
N LEU C 225 32.70 -22.79 26.87
CA LEU C 225 32.58 -24.23 26.55
C LEU C 225 33.17 -25.05 27.70
N ALA C 226 32.56 -26.20 28.00
CA ALA C 226 33.05 -27.19 28.98
C ALA C 226 33.91 -28.24 28.25
N GLU C 227 34.86 -28.83 28.98
CA GLU C 227 35.61 -30.05 28.57
C GLU C 227 34.61 -31.11 28.11
N GLY C 228 34.86 -31.74 26.96
CA GLY C 228 34.05 -32.87 26.46
C GLY C 228 32.80 -32.43 25.73
N ASP C 229 32.54 -31.11 25.65
CA ASP C 229 31.45 -30.54 24.82
C ASP C 229 31.67 -31.04 23.38
N ILE C 230 30.57 -31.35 22.68
CA ILE C 230 30.58 -31.81 21.26
C ILE C 230 30.03 -30.69 20.39
N ILE C 231 30.82 -30.24 19.41
CA ILE C 231 30.40 -29.23 18.40
C ILE C 231 30.22 -29.95 17.06
N ILE C 232 29.01 -29.87 16.49
CA ILE C 232 28.65 -30.51 15.19
C ILE C 232 28.27 -29.39 14.21
N SER C 233 29.03 -29.25 13.12
CA SER C 233 28.72 -28.38 11.96
C SER C 233 28.27 -29.27 10.81
N THR C 235 26.44 -29.04 6.65
CA THR C 235 25.82 -28.37 5.47
C THR C 235 24.36 -28.85 5.40
N ASP C 236 23.52 -28.14 4.66
CA ASP C 236 22.06 -28.45 4.55
C ASP C 236 21.86 -29.85 3.95
N GLY C 237 22.82 -30.33 3.16
CA GLY C 237 22.83 -31.69 2.59
C GLY C 237 22.69 -32.76 3.65
N VAL C 238 23.14 -32.51 4.88
CA VAL C 238 23.03 -33.46 6.03
C VAL C 238 21.82 -33.10 6.89
N TRP C 239 21.81 -31.92 7.54
CA TRP C 239 20.81 -31.58 8.59
C TRP C 239 19.43 -31.36 7.96
N GLY C 240 19.38 -30.93 6.69
CA GLY C 240 18.13 -30.74 5.92
C GLY C 240 17.38 -32.05 5.69
N GLU C 241 18.08 -33.19 5.71
CA GLU C 241 17.49 -34.54 5.49
C GLU C 241 16.87 -35.06 6.79
N LEU C 242 17.26 -34.49 7.94
CA LEU C 242 16.72 -34.84 9.28
C LEU C 242 15.40 -34.10 9.48
N LYS C 243 14.68 -34.41 10.56
CA LYS C 243 13.44 -33.66 10.94
C LYS C 243 13.84 -32.23 11.30
N THR C 244 13.35 -31.26 10.54
CA THR C 244 13.67 -29.81 10.67
C THR C 244 12.54 -29.10 11.42
N SER C 245 12.84 -27.91 11.95
CA SER C 245 11.90 -27.05 12.72
C SER C 245 12.12 -25.59 12.32
N LEU C 246 11.05 -24.89 11.94
CA LEU C 246 11.05 -23.43 11.66
C LEU C 246 11.10 -22.68 13.00
N ILE C 247 12.22 -22.02 13.29
CA ILE C 247 12.49 -21.34 14.59
C ILE C 247 11.74 -19.99 14.61
N ALA C 248 11.86 -19.19 13.55
CA ALA C 248 11.19 -17.89 13.40
C ALA C 248 11.11 -17.51 11.90
N GLN C 249 10.10 -16.71 11.54
CA GLN C 249 9.94 -16.13 10.19
C GLN C 249 9.49 -14.67 10.32
N THR C 250 10.29 -13.74 9.79
CA THR C 250 9.94 -12.30 9.61
C THR C 250 9.45 -12.11 8.18
N ASN C 251 9.41 -10.87 7.70
CA ASN C 251 8.95 -10.52 6.32
C ASN C 251 9.93 -11.10 5.29
N ASP C 252 11.24 -11.06 5.57
CA ASP C 252 12.30 -11.32 4.57
C ASP C 252 13.33 -12.37 5.05
N ARG C 253 13.14 -12.95 6.25
CA ARG C 253 14.16 -13.83 6.89
C ARG C 253 13.49 -15.02 7.58
N ARG C 254 14.01 -16.23 7.33
CA ARG C 254 13.62 -17.49 8.02
C ARG C 254 14.82 -17.99 8.84
N ASP C 255 14.61 -18.26 10.13
CA ASP C 255 15.57 -18.95 11.02
C ASP C 255 15.15 -20.42 11.10
N ILE C 256 16.03 -21.34 10.69
CA ILE C 256 15.73 -22.80 10.56
C ILE C 256 16.84 -23.60 11.26
N GLY C 257 16.46 -24.68 11.94
CA GLY C 257 17.38 -25.67 12.53
C GLY C 257 16.80 -27.07 12.45
N VAL C 258 17.38 -28.00 13.19
CA VAL C 258 16.84 -29.39 13.34
C VAL C 258 15.78 -29.36 14.45
N ASP C 259 14.81 -30.26 14.38
CA ASP C 259 13.92 -30.61 15.51
C ASP C 259 14.82 -31.13 16.64
N LYS C 260 14.96 -30.36 17.72
CA LYS C 260 15.92 -30.63 18.83
C LYS C 260 15.57 -31.95 19.54
N GLU C 261 14.28 -32.30 19.61
CA GLU C 261 13.78 -33.53 20.26
C GLU C 261 14.27 -34.74 19.45
N TYR C 262 14.04 -34.74 18.13
CA TYR C 262 14.46 -35.81 17.20
C TYR C 262 16.00 -35.94 17.15
N PHE C 263 16.71 -34.80 17.17
CA PHE C 263 18.19 -34.76 17.06
C PHE C 263 18.82 -35.40 18.30
N LYS C 264 18.25 -35.14 19.48
CA LYS C 264 18.67 -35.74 20.78
C LYS C 264 18.61 -37.27 20.69
N THR C 265 17.54 -37.79 20.07
CA THR C 265 17.26 -39.25 19.88
C THR C 265 18.44 -39.93 19.18
N LEU C 266 19.10 -39.26 18.23
CA LEU C 266 20.17 -39.84 17.37
C LEU C 266 21.32 -40.41 18.22
N PHE C 267 21.51 -39.91 19.45
CA PHE C 267 22.68 -40.23 20.31
C PHE C 267 22.35 -41.32 21.34
N ASP C 268 21.13 -41.88 21.31
CA ASP C 268 20.71 -43.01 22.20
C ASP C 268 21.60 -44.22 21.94
N GLU C 269 22.12 -44.37 20.72
CA GLU C 269 23.05 -45.44 20.28
C GLU C 269 24.37 -45.38 21.06
N LEU C 270 24.79 -44.18 21.49
CA LEU C 270 26.09 -43.92 22.16
C LEU C 270 25.88 -43.65 23.66
N THR C 271 24.76 -44.10 24.23
CA THR C 271 24.37 -43.81 25.64
C THR C 271 25.36 -44.49 26.60
N ASP C 272 25.79 -45.72 26.30
CA ASP C 272 26.73 -46.52 27.14
C ASP C 272 28.12 -46.55 26.51
N ALA C 273 28.33 -45.87 25.38
CA ALA C 273 29.61 -45.83 24.63
C ALA C 273 30.65 -45.06 25.45
N PRO C 274 31.78 -45.70 25.84
CA PRO C 274 32.86 -44.96 26.49
C PRO C 274 33.61 -44.11 25.47
N TYR C 275 33.68 -42.80 25.73
CA TYR C 275 34.51 -41.81 24.97
C TYR C 275 34.44 -42.11 23.48
N PRO C 276 33.25 -42.01 22.85
CA PRO C 276 33.12 -42.28 21.42
C PRO C 276 33.90 -41.27 20.60
N SER C 277 34.51 -41.72 19.49
CA SER C 277 35.28 -40.87 18.55
C SER C 277 34.35 -39.88 17.85
N SER C 278 34.90 -38.78 17.34
CA SER C 278 34.22 -37.80 16.47
C SER C 278 33.69 -38.50 15.21
N PHE C 279 34.44 -39.48 14.68
CA PHE C 279 34.05 -40.29 13.51
C PHE C 279 32.74 -41.04 13.81
N ASP C 280 32.68 -41.73 14.96
CA ASP C 280 31.49 -42.49 15.43
C ASP C 280 30.28 -41.57 15.41
N ILE C 281 30.38 -40.40 16.03
CA ILE C 281 29.28 -39.39 16.17
C ILE C 281 28.86 -38.94 14.76
N ALA C 282 29.83 -38.53 13.94
CA ALA C 282 29.62 -38.09 12.53
C ALA C 282 28.91 -39.18 11.72
N ARG C 283 29.33 -40.45 11.88
CA ARG C 283 28.81 -41.62 11.12
C ARG C 283 27.34 -41.88 11.47
N ILE C 284 27.00 -41.87 12.77
CA ILE C 284 25.61 -42.08 13.27
C ILE C 284 24.68 -41.07 12.58
N ILE C 285 25.07 -39.79 12.57
CA ILE C 285 24.25 -38.66 12.04
C ILE C 285 24.15 -38.77 10.51
N THR C 286 25.25 -39.11 9.83
CA THR C 286 25.30 -39.29 8.34
C THR C 286 24.39 -40.46 7.94
N GLN C 287 24.42 -41.56 8.69
CA GLN C 287 23.62 -42.79 8.41
C GLN C 287 22.12 -42.47 8.46
N ARG C 288 21.68 -41.74 9.49
CA ARG C 288 20.25 -41.38 9.68
C ARG C 288 19.82 -40.41 8.57
N ALA C 289 20.63 -39.37 8.31
CA ALA C 289 20.36 -38.35 7.27
C ALA C 289 20.17 -39.01 5.91
N SER C 291 19.71 -42.27 5.18
CA SER C 291 18.60 -43.24 5.26
C SER C 291 17.30 -42.56 4.82
N ARG C 292 17.03 -41.37 5.36
CA ARG C 292 15.81 -40.57 5.08
C ARG C 292 15.88 -40.02 3.65
N SER C 293 17.07 -39.64 3.18
CA SER C 293 17.31 -39.15 1.80
C SER C 293 17.04 -40.26 0.77
N LEU C 294 17.45 -41.49 1.09
CA LEU C 294 17.32 -42.67 0.20
C LEU C 294 15.83 -43.06 0.08
N GLU C 295 15.09 -43.01 1.19
CA GLU C 295 13.63 -43.36 1.26
C GLU C 295 12.80 -42.30 0.54
N ARG C 296 13.25 -41.03 0.57
CA ARG C 296 12.54 -39.86 0.00
C ARG C 296 12.56 -39.92 -1.54
N ARG C 297 13.73 -40.22 -2.13
CA ARG C 297 13.93 -40.27 -3.60
C ARG C 297 13.25 -41.52 -4.18
N LYS C 298 13.25 -42.64 -3.45
CA LYS C 298 12.51 -43.88 -3.79
C LYS C 298 11.01 -43.56 -3.90
N THR C 299 10.47 -42.81 -2.91
CA THR C 299 9.05 -42.42 -2.81
C THR C 299 8.67 -41.50 -3.98
N LEU C 300 9.58 -40.61 -4.39
CA LEU C 300 9.35 -39.61 -5.48
C LEU C 300 9.10 -40.35 -6.80
N ILE C 301 9.97 -41.29 -7.17
CA ILE C 301 9.89 -42.04 -8.46
C ILE C 301 8.73 -43.05 -8.41
N LYS C 302 8.45 -43.63 -7.23
CA LYS C 302 7.26 -44.50 -6.99
C LYS C 302 5.99 -43.73 -7.36
N LEU C 303 5.86 -42.51 -6.83
CA LEU C 303 4.70 -41.60 -7.05
C LEU C 303 4.60 -41.25 -8.54
N ILE C 304 5.69 -40.75 -9.14
CA ILE C 304 5.75 -40.32 -10.57
C ILE C 304 5.29 -41.49 -11.47
N ASN C 305 5.77 -42.70 -11.20
CA ASN C 305 5.39 -43.94 -11.95
C ASN C 305 3.90 -44.23 -11.75
N GLU C 306 3.42 -44.19 -10.50
CA GLU C 306 2.03 -44.57 -10.12
C GLU C 306 1.02 -43.63 -10.78
N ILE C 307 1.41 -42.38 -11.06
CA ILE C 307 0.60 -41.38 -11.81
C ILE C 307 0.58 -41.77 -13.30
N GLU C 308 1.75 -42.09 -13.86
CA GLU C 308 1.94 -42.48 -15.29
C GLU C 308 1.20 -43.79 -15.59
N GLN C 309 1.27 -44.76 -14.66
CA GLN C 309 0.62 -46.10 -14.79
C GLN C 309 -0.88 -45.94 -15.09
N GLN C 310 -1.53 -44.97 -14.45
CA GLN C 310 -3.00 -44.74 -14.55
C GLN C 310 -3.37 -44.25 -15.95
N HIS C 311 -2.47 -43.52 -16.63
CA HIS C 311 -2.70 -42.88 -17.95
C HIS C 311 -3.89 -41.92 -17.86
N PHE C 312 -3.72 -40.80 -17.14
CA PHE C 312 -4.80 -39.83 -16.81
C PHE C 312 -5.19 -39.00 -18.05
N HIS C 313 -4.36 -39.01 -19.10
CA HIS C 313 -4.70 -38.43 -20.43
C HIS C 313 -6.02 -39.02 -20.92
N GLU C 314 -6.13 -40.36 -20.89
CA GLU C 314 -7.38 -41.11 -21.15
C GLU C 314 -8.18 -41.19 -19.84
N LYS C 315 -8.84 -40.08 -19.48
CA LYS C 315 -9.69 -39.92 -18.27
C LYS C 315 -10.12 -38.45 -18.14
N SER C 316 -11.12 -38.19 -17.31
CA SER C 316 -11.68 -36.83 -17.03
C SER C 316 -10.73 -36.02 -16.15
N VAL C 317 -9.77 -36.68 -15.51
CA VAL C 317 -8.82 -36.07 -14.52
C VAL C 317 -7.64 -35.45 -15.26
N LYS C 318 -7.63 -34.11 -15.37
CA LYS C 318 -6.55 -33.30 -15.98
C LYS C 318 -5.86 -32.43 -14.91
N THR C 319 -6.47 -32.29 -13.73
CA THR C 319 -6.01 -31.42 -12.61
C THR C 319 -5.53 -32.28 -11.44
N ILE C 320 -4.88 -31.66 -10.45
CA ILE C 320 -4.30 -32.32 -9.24
C ILE C 320 -5.44 -32.71 -8.29
N ASN C 321 -6.44 -31.83 -8.13
CA ASN C 321 -7.64 -32.08 -7.28
C ASN C 321 -8.33 -33.37 -7.71
N GLU C 322 -8.43 -33.60 -9.03
CA GLU C 322 -9.10 -34.78 -9.63
C GLU C 322 -8.21 -36.02 -9.47
N VAL C 323 -6.88 -35.86 -9.44
CA VAL C 323 -5.90 -36.95 -9.17
C VAL C 323 -6.01 -37.37 -7.69
N LEU C 324 -6.09 -36.39 -6.78
CA LEU C 324 -6.22 -36.61 -5.32
C LEU C 324 -7.53 -37.34 -5.01
N GLU C 325 -8.65 -36.83 -5.55
CA GLU C 325 -10.01 -37.45 -5.40
C GLU C 325 -10.00 -38.88 -5.95
N TYR C 326 -9.32 -39.10 -7.09
CA TYR C 326 -9.25 -40.39 -7.81
C TYR C 326 -8.59 -41.46 -6.93
N PHE C 327 -7.40 -41.15 -6.40
CA PHE C 327 -6.58 -42.08 -5.56
C PHE C 327 -7.29 -42.37 -4.23
N ILE C 328 -8.02 -41.39 -3.68
CA ILE C 328 -8.80 -41.51 -2.42
C ILE C 328 -9.97 -42.47 -2.65
N LYS C 329 -10.65 -42.37 -3.79
CA LYS C 329 -11.78 -43.25 -4.18
C LYS C 329 -11.27 -44.68 -4.43
N VAL C 333 -5.01 -44.04 -1.38
CA VAL C 333 -5.27 -43.08 -0.26
C VAL C 333 -3.94 -42.58 0.31
N GLU C 334 -2.99 -43.47 0.58
CA GLU C 334 -1.61 -43.12 1.04
C GLU C 334 -0.88 -42.40 -0.10
N THR C 335 -1.12 -42.82 -1.35
CA THR C 335 -0.56 -42.23 -2.59
C THR C 335 -1.02 -40.76 -2.72
N ALA C 336 -2.29 -40.49 -2.39
CA ALA C 336 -2.93 -39.15 -2.45
C ALA C 336 -2.27 -38.21 -1.43
N GLN C 337 -2.08 -38.68 -0.19
CA GLN C 337 -1.45 -37.92 0.93
C GLN C 337 0.02 -37.63 0.60
N THR C 338 0.74 -38.62 0.05
CA THR C 338 2.15 -38.52 -0.40
C THR C 338 2.30 -37.34 -1.39
N LEU C 339 1.45 -37.30 -2.41
CA LEU C 339 1.41 -36.23 -3.44
C LEU C 339 1.08 -34.89 -2.77
N LYS C 340 0.09 -34.89 -1.88
CA LYS C 340 -0.40 -33.70 -1.13
C LYS C 340 0.77 -33.12 -0.31
N ALA C 341 1.52 -33.98 0.38
CA ALA C 341 2.65 -33.62 1.27
C ALA C 341 3.77 -32.94 0.47
N ILE C 342 4.07 -33.45 -0.73
CA ILE C 342 5.20 -32.99 -1.60
C ILE C 342 4.84 -31.63 -2.21
N LEU C 343 3.61 -31.48 -2.71
CA LEU C 343 3.15 -30.29 -3.50
C LEU C 343 2.91 -29.10 -2.57
N PHE C 344 2.17 -29.30 -1.46
CA PHE C 344 1.56 -28.22 -0.64
C PHE C 344 2.38 -27.93 0.63
N GLU C 345 3.26 -28.85 1.05
CA GLU C 345 4.08 -28.71 2.29
C GLU C 345 5.48 -29.29 2.07
N ASP C 346 6.16 -28.86 1.01
CA ASP C 346 7.56 -29.23 0.66
C ASP C 346 7.75 -30.74 0.80
N ILE C 352 9.43 -25.57 -4.18
CA ILE C 352 8.45 -25.22 -5.24
C ILE C 352 7.04 -25.29 -4.64
N THR C 353 6.38 -24.13 -4.50
CA THR C 353 5.09 -23.95 -3.79
C THR C 353 3.93 -24.00 -4.79
N TYR C 354 2.92 -24.85 -4.51
CA TYR C 354 1.59 -24.86 -5.16
C TYR C 354 0.54 -24.43 -4.13
N PHE C 355 -0.57 -23.85 -4.59
CA PHE C 355 -1.64 -23.26 -3.75
C PHE C 355 -2.89 -24.16 -3.79
N ILE C 358 -6.98 -21.35 -7.96
CA ILE C 358 -5.69 -21.87 -7.41
C ILE C 358 -5.32 -23.19 -8.10
N GLU C 359 -6.31 -23.95 -8.59
CA GLU C 359 -6.14 -25.28 -9.25
C GLU C 359 -5.01 -25.23 -10.28
N ILE C 360 -4.25 -26.32 -10.40
CA ILE C 360 -3.08 -26.47 -11.33
C ILE C 360 -3.29 -27.72 -12.17
N PRO C 361 -3.04 -27.67 -13.50
CA PRO C 361 -3.14 -28.87 -14.35
C PRO C 361 -2.00 -29.87 -14.10
N LEU C 362 -2.28 -31.16 -14.30
CA LEU C 362 -1.35 -32.31 -14.11
C LEU C 362 -0.09 -32.10 -14.97
N GLU C 363 -0.27 -31.61 -16.21
CA GLU C 363 0.81 -31.37 -17.21
C GLU C 363 1.98 -30.63 -16.56
N VAL C 365 2.68 -29.91 -13.24
CA VAL C 365 3.21 -30.59 -12.01
C VAL C 365 4.18 -31.71 -12.42
N HIS C 367 5.87 -31.95 -15.37
CA HIS C 367 7.03 -31.22 -15.97
C HIS C 367 7.98 -30.76 -14.86
N ASP C 368 7.43 -30.31 -13.72
CA ASP C 368 8.19 -29.93 -12.51
C ASP C 368 8.81 -31.19 -11.88
N LEU C 369 7.97 -32.10 -11.40
CA LEU C 369 8.38 -33.32 -10.63
C LEU C 369 9.43 -34.13 -11.40
N LYS C 370 9.28 -34.27 -12.73
CA LYS C 370 10.14 -35.13 -13.59
C LYS C 370 11.54 -34.50 -13.74
N SER C 371 11.65 -33.17 -13.68
CA SER C 371 12.91 -32.41 -13.90
C SER C 371 13.62 -32.14 -12.55
N ARG C 372 13.01 -32.52 -11.43
CA ARG C 372 13.56 -32.28 -10.07
C ARG C 372 14.76 -33.21 -9.81
N THR C 373 15.87 -32.63 -9.35
CA THR C 373 17.03 -33.37 -8.78
C THR C 373 16.72 -33.67 -7.31
N VAL C 374 17.42 -34.64 -6.71
CA VAL C 374 17.32 -34.97 -5.26
C VAL C 374 18.71 -34.93 -4.65
N GLY C 375 18.79 -34.64 -3.34
CA GLY C 375 20.04 -34.66 -2.56
C GLY C 375 20.88 -33.43 -2.80
N ASP C 376 22.13 -33.46 -2.36
CA ASP C 376 23.06 -32.29 -2.35
C ASP C 376 24.46 -32.76 -1.98
N CYS C 377 25.45 -31.87 -2.11
CA CYS C 377 26.73 -31.95 -1.34
C CYS C 377 26.35 -32.06 0.14
N SER C 378 26.88 -33.07 0.83
CA SER C 378 26.53 -33.45 2.23
C SER C 378 27.82 -33.57 3.06
N THR C 379 28.04 -32.63 3.98
CA THR C 379 29.27 -32.54 4.79
C THR C 379 28.92 -32.35 6.27
N ILE C 380 29.64 -33.06 7.14
CA ILE C 380 29.53 -32.93 8.63
C ILE C 380 30.95 -32.94 9.21
N ASN C 381 31.22 -32.06 10.18
CA ASN C 381 32.42 -32.16 11.04
C ASN C 381 31.96 -32.21 12.50
N VAL C 382 32.68 -32.99 13.32
CA VAL C 382 32.42 -33.20 14.77
C VAL C 382 33.72 -32.89 15.52
N THR C 383 33.63 -32.02 16.53
CA THR C 383 34.77 -31.64 17.40
C THR C 383 34.41 -31.90 18.86
N ARG C 384 35.25 -32.61 19.59
CA ARG C 384 35.19 -32.68 21.08
C ARG C 384 36.13 -31.62 21.65
N ILE C 385 35.64 -30.81 22.57
CA ILE C 385 36.47 -29.81 23.32
C ILE C 385 37.39 -30.61 24.25
N PRO C 386 38.73 -30.49 24.12
CA PRO C 386 39.65 -31.36 24.83
C PRO C 386 39.63 -31.15 26.35
N TYR C 387 39.95 -32.20 27.11
CA TYR C 387 40.16 -32.14 28.58
C TYR C 387 41.55 -31.55 28.83
N HIS C 388 41.67 -30.60 29.77
CA HIS C 388 42.91 -29.84 30.06
C HIS C 388 44.02 -30.82 30.44
N LEU C 389 43.71 -31.77 31.34
CA LEU C 389 44.68 -32.74 31.91
C LEU C 389 45.18 -33.68 30.80
N ASP C 390 44.26 -34.17 29.95
CA ASP C 390 44.59 -35.07 28.82
C ASP C 390 45.66 -34.42 27.93
N GLU C 391 45.49 -33.14 27.61
CA GLU C 391 46.39 -32.39 26.67
C GLU C 391 47.73 -32.09 27.35
N LEU C 392 47.75 -31.94 28.68
CA LEU C 392 49.02 -31.79 29.45
C LEU C 392 49.79 -33.12 29.39
N ILE C 393 49.09 -34.25 29.54
CA ILE C 393 49.68 -35.62 29.47
C ILE C 393 50.24 -35.85 28.05
N ARG C 394 49.45 -35.52 27.02
CA ARG C 394 49.84 -35.68 25.58
C ARG C 394 51.14 -34.92 25.34
N GLY C 395 51.21 -33.67 25.81
CA GLY C 395 52.42 -32.81 25.72
C GLY C 395 53.60 -33.42 26.44
N PHE C 396 53.38 -33.96 27.65
CA PHE C 396 54.42 -34.58 28.51
C PHE C 396 55.01 -35.80 27.80
N ILE C 397 54.16 -36.62 27.18
CA ILE C 397 54.55 -37.85 26.42
C ILE C 397 55.35 -37.44 25.18
N ASN C 398 54.89 -36.42 24.44
CA ASN C 398 55.51 -35.96 23.18
C ASN C 398 56.79 -35.16 23.48
N TYR C 399 56.82 -34.41 24.58
CA TYR C 399 57.93 -33.49 24.96
C TYR C 399 58.31 -33.69 26.42
N PRO C 400 58.95 -34.83 26.78
CA PRO C 400 59.35 -35.09 28.16
C PRO C 400 60.35 -34.06 28.71
N GLU C 401 61.09 -33.39 27.81
CA GLU C 401 62.06 -32.31 28.12
C GLU C 401 61.37 -31.10 28.77
N LYS C 402 60.03 -31.00 28.71
CA LYS C 402 59.25 -29.85 29.22
C LYS C 402 58.62 -30.18 30.59
N HIS C 403 59.11 -31.24 31.26
CA HIS C 403 58.66 -31.67 32.62
C HIS C 403 58.55 -30.45 33.55
N GLN C 404 59.60 -29.63 33.61
CA GLN C 404 59.73 -28.45 34.51
C GLN C 404 58.58 -27.46 34.25
N ILE C 405 58.31 -27.15 32.98
CA ILE C 405 57.31 -26.12 32.55
C ILE C 405 55.90 -26.61 32.87
N LEU C 406 55.64 -27.92 32.75
CA LEU C 406 54.29 -28.54 32.87
C LEU C 406 53.94 -28.85 34.33
N ALA C 407 54.94 -29.02 35.20
CA ALA C 407 54.77 -29.45 36.61
C ALA C 407 53.80 -28.53 37.36
N PRO C 408 53.92 -27.18 37.25
CA PRO C 408 52.98 -26.27 37.91
C PRO C 408 51.53 -26.39 37.37
N LEU C 409 51.38 -26.74 36.08
CA LEU C 409 50.06 -26.93 35.43
C LEU C 409 49.43 -28.23 35.93
N PHE C 410 50.23 -29.28 36.12
CA PHE C 410 49.80 -30.60 36.67
C PHE C 410 49.24 -30.40 38.09
N LYS C 411 49.87 -29.55 38.89
CA LYS C 411 49.49 -29.29 40.30
C LYS C 411 48.08 -28.70 40.34
N ALA C 412 47.79 -27.74 39.45
CA ALA C 412 46.50 -27.02 39.34
C ALA C 412 45.38 -27.97 38.87
N ARG C 413 45.71 -28.99 38.08
CA ARG C 413 44.72 -29.85 37.36
C ARG C 413 44.47 -31.17 38.10
N VAL C 414 45.49 -31.73 38.78
CA VAL C 414 45.39 -33.06 39.44
C VAL C 414 45.00 -32.87 40.91
N LYS C 415 43.70 -33.05 41.22
CA LYS C 415 43.14 -32.94 42.60
C LYS C 415 43.20 -34.30 43.30
N SER C 416 43.22 -35.41 42.54
CA SER C 416 43.33 -36.79 43.07
C SER C 416 43.90 -37.73 42.00
N GLU C 417 44.20 -38.97 42.39
CA GLU C 417 44.67 -40.06 41.49
C GLU C 417 43.53 -40.49 40.56
N ALA C 418 42.26 -40.29 40.99
CA ALA C 418 41.04 -40.60 40.21
C ALA C 418 41.00 -39.72 38.95
N ASP C 419 41.43 -38.46 39.05
CA ASP C 419 41.52 -37.50 37.90
C ASP C 419 42.55 -38.02 36.89
N LEU C 420 43.74 -38.40 37.35
CA LEU C 420 44.80 -38.99 36.50
C LEU C 420 44.24 -40.22 35.78
N GLU C 421 43.60 -41.12 36.51
CA GLU C 421 43.02 -42.39 35.97
C GLU C 421 41.99 -42.05 34.88
N GLU C 422 41.16 -41.03 35.10
CA GLU C 422 40.10 -40.61 34.12
C GLU C 422 40.78 -40.14 32.82
N ALA C 423 41.84 -39.33 32.93
CA ALA C 423 42.59 -38.79 31.78
C ALA C 423 43.27 -39.92 31.00
N PHE C 424 43.97 -40.82 31.69
CA PHE C 424 44.71 -41.95 31.06
C PHE C 424 43.72 -42.94 30.43
N HIS C 425 42.55 -43.10 31.05
CA HIS C 425 41.41 -43.92 30.53
C HIS C 425 40.97 -43.37 29.17
N ARG C 426 40.75 -42.05 29.06
CA ARG C 426 40.32 -41.37 27.80
C ARG C 426 41.41 -41.55 26.74
N LEU C 427 42.68 -41.26 27.07
CA LEU C 427 43.83 -41.40 26.13
C LEU C 427 43.93 -42.85 25.63
N SER C 428 43.67 -43.84 26.50
CA SER C 428 43.73 -45.29 26.19
C SER C 428 42.67 -45.67 25.14
N LEU C 429 41.56 -44.92 25.08
CA LEU C 429 40.41 -45.20 24.17
C LEU C 429 40.56 -44.43 22.85
N GLU C 430 41.49 -43.48 22.78
CA GLU C 430 41.64 -42.60 21.57
C GLU C 430 42.07 -43.45 20.37
N VAL C 432 42.84 -43.30 15.91
CA VAL C 432 43.23 -42.43 14.77
C VAL C 432 43.18 -43.26 13.47
N GLN C 433 42.89 -42.58 12.36
CA GLN C 433 42.89 -43.13 10.99
C GLN C 433 44.31 -42.94 10.44
N PRO C 434 45.10 -44.02 10.25
CA PRO C 434 46.50 -43.87 9.86
C PRO C 434 46.65 -43.13 8.53
N GLU C 435 45.71 -43.35 7.60
CA GLU C 435 45.51 -42.49 6.40
C GLU C 435 44.42 -41.47 6.74
N ILE C 436 44.71 -40.18 6.59
CA ILE C 436 43.78 -39.04 6.88
C ILE C 436 42.46 -39.28 6.13
N GLU C 437 42.53 -39.60 4.83
CA GLU C 437 41.37 -39.70 3.92
C GLU C 437 41.22 -41.12 3.39
N CYS C 438 39.99 -41.65 3.39
CA CYS C 438 39.64 -42.92 2.71
C CYS C 438 38.13 -42.97 2.43
N PRO C 439 37.68 -43.83 1.49
CA PRO C 439 36.26 -44.13 1.33
C PRO C 439 35.65 -44.60 2.66
N ILE C 440 34.39 -44.22 2.93
CA ILE C 440 33.72 -44.37 4.26
C ILE C 440 33.67 -45.85 4.67
N SER C 441 33.61 -46.77 3.70
CA SER C 441 33.46 -48.23 3.93
C SER C 441 34.82 -48.92 4.08
N GLU C 442 35.93 -48.19 3.90
CA GLU C 442 37.31 -48.74 3.93
C GLU C 442 38.11 -48.13 5.09
N THR C 443 37.44 -47.64 6.13
CA THR C 443 38.10 -47.03 7.32
C THR C 443 38.83 -48.13 8.11
N HIS C 444 40.07 -47.85 8.52
CA HIS C 444 40.85 -48.65 9.50
C HIS C 444 41.30 -47.71 10.62
N PHE C 445 41.03 -48.07 11.88
CA PHE C 445 41.40 -47.28 13.08
C PHE C 445 42.36 -48.11 13.95
N GLU C 446 43.43 -47.47 14.43
CA GLU C 446 44.38 -48.05 15.41
C GLU C 446 44.49 -47.11 16.62
N ARG C 447 44.98 -47.63 17.75
CA ARG C 447 45.10 -46.89 19.04
C ARG C 447 46.09 -45.73 18.84
N ALA C 448 45.74 -44.54 19.35
CA ALA C 448 46.56 -43.31 19.28
C ALA C 448 47.86 -43.50 20.08
N PHE C 449 47.81 -44.30 21.15
CA PHE C 449 48.96 -44.54 22.07
C PHE C 449 49.20 -46.04 22.26
N LYS C 450 50.46 -46.43 22.45
CA LYS C 450 50.85 -47.75 23.00
C LYS C 450 50.41 -47.79 24.47
N LYS C 451 49.70 -48.84 24.87
CA LYS C 451 49.18 -49.04 26.25
C LYS C 451 50.33 -48.90 27.25
N GLU C 452 51.49 -49.48 26.93
CA GLU C 452 52.69 -49.52 27.82
C GLU C 452 53.20 -48.10 28.07
N THR C 453 53.18 -47.24 27.05
CA THR C 453 53.63 -45.82 27.12
C THR C 453 52.77 -45.07 28.15
N LEU C 454 51.44 -45.25 28.09
CA LEU C 454 50.47 -44.57 28.97
C LEU C 454 50.67 -45.05 30.41
N ASP C 455 50.79 -46.37 30.61
CA ASP C 455 50.95 -47.01 31.94
C ASP C 455 52.23 -46.50 32.62
N LYS C 456 53.34 -46.44 31.89
CA LYS C 456 54.66 -45.96 32.42
C LYS C 456 54.54 -44.46 32.79
N THR C 457 53.96 -43.65 31.91
CA THR C 457 53.74 -42.19 32.14
C THR C 457 52.83 -42.01 33.37
N GLN C 458 51.76 -42.81 33.47
CA GLN C 458 50.76 -42.74 34.57
C GLN C 458 51.46 -43.02 35.91
N ALA C 459 52.33 -44.03 35.96
CA ALA C 459 53.09 -44.44 37.17
C ALA C 459 54.01 -43.28 37.59
N VAL C 460 54.68 -42.62 36.63
CA VAL C 460 55.59 -41.47 36.88
C VAL C 460 54.77 -40.31 37.47
N LEU C 461 53.75 -39.83 36.75
CA LEU C 461 52.89 -38.69 37.18
C LEU C 461 52.26 -38.98 38.55
N THR C 462 51.85 -40.24 38.79
CA THR C 462 51.23 -40.69 40.07
C THR C 462 52.22 -40.49 41.23
N HIS C 463 53.50 -40.84 41.01
CA HIS C 463 54.60 -40.71 42.00
C HIS C 463 54.80 -39.23 42.36
N TYR C 464 54.89 -38.35 41.36
CA TYR C 464 55.19 -36.90 41.52
C TYR C 464 54.00 -36.19 42.20
N PHE C 465 52.78 -36.71 42.03
CA PHE C 465 51.56 -36.21 42.72
C PHE C 465 51.62 -36.55 44.22
N ARG C 466 52.10 -37.75 44.55
CA ARG C 466 52.12 -38.30 45.94
C ARG C 466 53.17 -37.57 46.80
N ILE C 467 54.34 -37.24 46.24
CA ILE C 467 55.44 -36.53 46.96
C ILE C 467 55.02 -35.08 47.23
N SER C 468 54.28 -34.47 46.30
CA SER C 468 53.75 -33.08 46.40
C SER C 468 52.44 -33.08 47.20
N GLY D 1 -62.23 7.34 7.53
CA GLY D 1 -60.86 7.06 6.98
C GLY D 1 -60.45 8.10 5.94
N HIS D 2 -59.15 8.27 5.73
CA HIS D 2 -58.53 9.22 4.77
C HIS D 2 -57.52 8.47 3.89
N ASP D 3 -57.30 8.95 2.68
CA ASP D 3 -56.35 8.35 1.70
C ASP D 3 -54.91 8.72 2.07
N LYS D 4 -54.70 9.90 2.65
CA LYS D 4 -53.39 10.39 3.15
C LYS D 4 -53.41 10.44 4.69
N ILE D 5 -52.52 9.70 5.35
CA ILE D 5 -52.36 9.69 6.84
C ILE D 5 -50.87 9.79 7.18
N ILE D 6 -50.52 10.73 8.06
CA ILE D 6 -49.15 10.92 8.62
C ILE D 6 -49.29 11.11 10.14
N THR D 7 -48.42 10.45 10.92
CA THR D 7 -48.45 10.48 12.41
C THR D 7 -48.26 11.93 12.88
N GLY D 8 -48.98 12.31 13.94
CA GLY D 8 -48.90 13.65 14.55
C GLY D 8 -47.80 13.73 15.60
N LYS D 9 -47.46 14.94 16.05
CA LYS D 9 -46.42 15.18 17.08
C LYS D 9 -46.97 14.72 18.43
N LYS D 10 -46.44 13.61 18.97
CA LYS D 10 -46.85 13.02 20.27
C LYS D 10 -45.70 13.18 21.27
N ILE D 11 -46.00 13.74 22.44
CA ILE D 11 -45.08 13.86 23.60
C ILE D 11 -45.65 12.98 24.72
N ILE D 12 -44.92 11.93 25.12
CA ILE D 12 -45.39 10.96 26.16
C ILE D 12 -44.62 11.17 27.46
N PHE D 13 -45.13 10.59 28.55
CA PHE D 13 -44.48 10.50 29.88
C PHE D 13 -43.76 9.15 29.97
N SER D 14 -42.42 9.19 29.97
CA SER D 14 -41.53 8.01 30.03
C SER D 14 -41.02 7.80 31.46
N GLN D 15 -41.49 6.75 32.13
CA GLN D 15 -41.04 6.37 33.50
C GLN D 15 -39.66 5.73 33.41
N SER D 16 -38.91 5.75 34.53
CA SER D 16 -37.54 5.17 34.64
C SER D 16 -37.62 3.64 34.63
N VAL D 17 -36.48 2.97 34.45
CA VAL D 17 -36.34 1.49 34.40
C VAL D 17 -36.67 0.90 35.78
N ALA D 18 -36.40 1.65 36.86
CA ALA D 18 -36.66 1.27 38.26
C ALA D 18 -38.16 1.04 38.49
N LYS D 19 -39.02 1.77 37.78
CA LYS D 19 -40.50 1.70 37.91
C LYS D 19 -41.09 0.74 36.85
N ASP D 20 -40.40 0.53 35.73
CA ASP D 20 -40.86 -0.30 34.59
C ASP D 20 -40.58 -1.79 34.87
N GLN D 21 -39.50 -2.11 35.59
CA GLN D 21 -39.11 -3.50 35.96
C GLN D 21 -40.26 -4.20 36.70
N THR D 22 -41.10 -3.42 37.40
CA THR D 22 -42.31 -3.89 38.13
C THR D 22 -43.37 -4.37 37.12
N LYS D 23 -43.61 -3.58 36.07
CA LYS D 23 -44.75 -3.73 35.12
C LYS D 23 -44.53 -4.93 34.20
N ASN D 24 -45.64 -5.51 33.71
CA ASN D 24 -45.67 -6.60 32.69
C ASN D 24 -45.79 -5.96 31.31
N LEU D 25 -45.77 -6.79 30.25
CA LEU D 25 -45.74 -6.37 28.82
C LEU D 25 -46.97 -5.49 28.49
N SER D 26 -48.16 -5.96 28.87
CA SER D 26 -49.47 -5.30 28.59
C SER D 26 -49.47 -3.87 29.14
N SER D 27 -48.97 -3.68 30.38
CA SER D 27 -48.90 -2.38 31.10
C SER D 27 -47.90 -1.44 30.44
N PHE D 28 -46.79 -1.96 29.93
CA PHE D 28 -45.67 -1.19 29.31
C PHE D 28 -46.14 -0.59 27.98
N LEU D 29 -46.77 -1.40 27.13
CA LEU D 29 -47.28 -1.00 25.78
C LEU D 29 -48.32 0.11 25.93
N SER D 30 -49.34 -0.13 26.77
CA SER D 30 -50.50 0.77 27.02
C SER D 30 -50.05 2.22 27.23
N GLU D 31 -48.97 2.42 27.99
CA GLU D 31 -48.50 3.77 28.44
C GLU D 31 -47.70 4.48 27.35
N ARG D 32 -47.14 3.75 26.37
CA ARG D 32 -46.03 4.26 25.52
C ARG D 32 -46.35 4.21 24.01
N PHE D 33 -47.44 3.56 23.57
CA PHE D 33 -47.69 3.26 22.13
C PHE D 33 -49.09 3.70 21.69
N TYR D 34 -49.20 4.10 20.43
CA TYR D 34 -50.44 4.53 19.74
C TYR D 34 -50.67 3.66 18.49
N SER D 35 -51.93 3.45 18.13
CA SER D 35 -52.38 2.74 16.90
C SER D 35 -52.95 3.77 15.91
N VAL D 36 -52.36 3.87 14.71
CA VAL D 36 -52.85 4.76 13.62
C VAL D 36 -53.23 3.87 12.42
N ASN D 37 -54.53 3.69 12.22
CA ASN D 37 -55.11 2.75 11.22
C ASN D 37 -55.65 3.52 10.01
N GLN D 38 -55.24 3.12 8.81
CA GLN D 38 -55.73 3.65 7.51
C GLN D 38 -56.84 2.73 7.00
N SER D 39 -56.63 1.42 7.06
CA SER D 39 -57.58 0.37 6.60
C SER D 39 -57.13 -0.99 7.11
N HIS D 40 -57.84 -2.05 6.72
CA HIS D 40 -57.48 -3.46 7.00
C HIS D 40 -56.06 -3.74 6.46
N ASN D 41 -55.67 -3.06 5.38
CA ASN D 41 -54.46 -3.38 4.56
C ASN D 41 -53.35 -2.35 4.77
N HIS D 42 -53.52 -1.37 5.66
CA HIS D 42 -52.40 -0.52 6.16
C HIS D 42 -52.69 -0.02 7.57
N SER D 43 -51.75 -0.24 8.49
CA SER D 43 -51.83 0.22 9.90
C SER D 43 -50.43 0.55 10.42
N ILE D 44 -50.36 1.44 11.42
CA ILE D 44 -49.11 1.95 12.05
C ILE D 44 -49.23 1.74 13.56
N ILE D 45 -48.16 1.24 14.19
CA ILE D 45 -47.97 1.31 15.66
C ILE D 45 -46.71 2.14 15.91
N ILE D 46 -46.85 3.22 16.69
CA ILE D 46 -45.80 4.24 16.95
C ILE D 46 -45.81 4.57 18.44
N GLY D 47 -44.62 4.70 19.03
CA GLY D 47 -44.44 4.99 20.47
C GLY D 47 -42.98 5.20 20.82
N SER D 48 -42.66 5.17 22.11
CA SER D 48 -41.28 5.32 22.64
C SER D 48 -41.05 4.27 23.74
N SER D 49 -40.01 3.44 23.58
CA SER D 49 -39.49 2.50 24.59
C SER D 49 -38.33 3.15 25.36
N LEU D 50 -38.04 4.42 25.08
CA LEU D 50 -36.93 5.21 25.68
C LEU D 50 -37.18 5.39 27.18
N SER D 51 -36.15 5.13 27.99
CA SER D 51 -36.18 5.25 29.48
C SER D 51 -34.77 5.40 30.03
N HIS D 52 -34.58 6.31 31.00
CA HIS D 52 -33.36 6.43 31.85
C HIS D 52 -33.49 5.46 33.03
N GLN D 53 -32.37 4.95 33.55
CA GLN D 53 -32.35 4.05 34.74
C GLN D 53 -32.94 4.81 35.94
N GLU D 54 -32.63 6.10 36.06
CA GLU D 54 -33.21 7.02 37.08
C GLU D 54 -33.72 8.29 36.38
N ILE D 57 -38.34 10.59 32.12
CA ILE D 57 -38.46 11.73 31.16
C ILE D 57 -39.93 12.17 31.10
N GLU D 58 -40.22 13.38 31.58
CA GLU D 58 -41.59 13.97 31.63
C GLU D 58 -42.08 14.24 30.20
N HIS D 59 -41.24 14.89 29.38
CA HIS D 59 -41.52 15.25 27.96
C HIS D 59 -40.65 14.41 27.03
N ASP D 60 -41.10 13.17 26.74
CA ASP D 60 -40.45 12.22 25.79
C ASP D 60 -41.12 12.36 24.41
N THR D 61 -40.58 13.25 23.56
CA THR D 61 -41.09 13.55 22.19
C THR D 61 -40.70 12.41 21.24
N ILE D 62 -41.68 11.78 20.59
CA ILE D 62 -41.47 10.72 19.57
C ILE D 62 -40.94 11.39 18.29
N LEU D 63 -39.72 11.03 17.87
CA LEU D 63 -38.97 11.64 16.74
C LEU D 63 -39.00 10.72 15.52
N ASP D 64 -39.68 9.57 15.61
CA ASP D 64 -40.08 8.74 14.45
C ASP D 64 -41.35 9.35 13.82
N THR D 65 -41.49 9.24 12.49
CA THR D 65 -42.73 9.56 11.75
C THR D 65 -43.05 8.40 10.80
N SER D 66 -44.34 8.12 10.60
CA SER D 66 -44.84 7.14 9.59
C SER D 66 -46.00 7.76 8.82
N GLY D 67 -46.04 7.50 7.52
CA GLY D 67 -47.05 8.07 6.61
C GLY D 67 -47.40 7.12 5.47
N VAL D 68 -48.59 7.30 4.90
CA VAL D 68 -49.11 6.51 3.75
C VAL D 68 -49.95 7.45 2.87
N LEU D 69 -49.76 7.37 1.56
CA LEU D 69 -50.68 7.95 0.55
C LEU D 69 -51.15 6.81 -0.35
N VAL D 70 -52.41 6.40 -0.20
CA VAL D 70 -53.07 5.40 -1.09
C VAL D 70 -53.37 6.10 -2.42
N THR D 71 -52.92 5.52 -3.54
CA THR D 71 -53.07 6.08 -4.90
C THR D 71 -54.12 5.24 -5.66
N THR D 72 -54.78 5.86 -6.64
CA THR D 72 -55.87 5.27 -7.46
C THR D 72 -55.59 5.54 -8.94
N ASP D 73 -56.12 4.68 -9.83
CA ASP D 73 -56.11 4.89 -11.29
C ASP D 73 -57.17 5.95 -11.63
N THR D 74 -57.37 6.24 -12.92
CA THR D 74 -58.31 7.29 -13.43
C THR D 74 -59.76 6.93 -13.06
N ASN D 75 -60.05 5.64 -12.79
CA ASN D 75 -61.40 5.14 -12.42
C ASN D 75 -61.63 5.23 -10.90
N GLY D 76 -60.58 5.55 -10.14
CA GLY D 76 -60.65 5.68 -8.66
C GLY D 76 -60.43 4.34 -7.96
N ILE D 77 -60.03 3.30 -8.71
CA ILE D 77 -59.69 1.95 -8.18
C ILE D 77 -58.28 2.02 -7.57
N VAL D 78 -58.13 1.59 -6.32
CA VAL D 78 -56.84 1.60 -5.56
C VAL D 78 -55.85 0.72 -6.32
N ASN D 79 -54.71 1.29 -6.74
CA ASN D 79 -53.71 0.62 -7.61
C ASN D 79 -52.28 0.81 -7.06
N GLY D 80 -52.12 1.32 -5.83
CA GLY D 80 -50.79 1.57 -5.26
C GLY D 80 -50.82 2.37 -3.97
N ALA D 81 -49.63 2.66 -3.45
CA ALA D 81 -49.40 3.50 -2.25
C ALA D 81 -47.96 3.98 -2.21
N ARG D 82 -47.75 5.14 -1.58
CA ARG D 82 -46.44 5.66 -1.13
C ARG D 82 -46.40 5.51 0.40
N VAL D 83 -45.37 4.85 0.94
CA VAL D 83 -45.22 4.58 2.39
C VAL D 83 -43.80 5.01 2.80
N ALA D 84 -43.70 5.76 3.90
CA ALA D 84 -42.42 6.28 4.44
C ALA D 84 -42.42 6.14 5.97
N ILE D 85 -41.27 5.78 6.53
CA ILE D 85 -41.02 5.74 7.99
C ILE D 85 -39.68 6.44 8.23
N THR D 86 -39.67 7.49 9.06
CA THR D 86 -38.47 8.31 9.33
C THR D 86 -38.08 8.15 10.80
N ASP D 87 -36.77 8.22 11.06
CA ASP D 87 -36.17 8.11 12.41
C ASP D 87 -35.23 9.31 12.59
N GLY D 88 -35.65 10.30 13.38
CA GLY D 88 -34.83 11.45 13.79
C GLY D 88 -33.60 10.98 14.56
N LEU D 89 -32.41 11.43 14.15
CA LEU D 89 -31.11 11.04 14.77
C LEU D 89 -30.73 12.07 15.85
N GLY D 90 -30.14 11.61 16.96
CA GLY D 90 -29.89 12.41 18.17
C GLY D 90 -31.16 12.54 18.99
N GLY D 91 -31.31 13.63 19.74
CA GLY D 91 -32.50 13.90 20.58
C GLY D 91 -32.66 12.90 21.71
N GLY D 92 -33.65 13.13 22.58
CA GLY D 92 -33.94 12.30 23.77
C GLY D 92 -32.91 12.50 24.88
N ASN D 93 -32.16 13.61 24.85
CA ASN D 93 -31.13 13.95 25.86
C ASN D 93 -31.77 14.70 27.04
N GLY D 94 -32.87 15.42 26.78
CA GLY D 94 -33.56 16.30 27.74
C GLY D 94 -33.92 17.64 27.10
N ASP D 95 -33.14 18.05 26.09
CA ASP D 95 -33.32 19.34 25.35
C ASP D 95 -34.59 19.26 24.50
N GLN D 96 -35.68 19.88 24.98
CA GLN D 96 -37.01 19.95 24.29
C GLN D 96 -36.87 20.73 22.97
N GLU D 97 -36.01 21.75 22.94
CA GLU D 97 -35.79 22.63 21.76
C GLU D 97 -35.09 21.84 20.65
N GLU D 98 -34.09 21.02 21.00
CA GLU D 98 -33.32 20.16 20.06
C GLU D 98 -34.26 19.12 19.44
N ASP D 99 -35.16 18.54 20.26
CA ASP D 99 -36.14 17.50 19.85
C ASP D 99 -37.12 18.08 18.83
N ASP D 100 -37.60 19.31 19.05
CA ASP D 100 -38.58 20.00 18.17
C ASP D 100 -37.97 20.20 16.77
N GLU D 101 -36.69 20.57 16.70
CA GLU D 101 -35.96 20.76 15.42
C GLU D 101 -35.78 19.39 14.72
N ILE D 102 -35.45 18.35 15.48
CA ILE D 102 -35.28 16.97 14.95
C ILE D 102 -36.63 16.48 14.41
N TYR D 103 -37.72 16.74 15.13
CA TYR D 103 -39.09 16.35 14.71
C TYR D 103 -39.45 17.01 13.38
N ARG D 104 -39.16 18.30 13.23
CA ARG D 104 -39.44 19.10 11.99
C ARG D 104 -38.82 18.38 10.78
N VAL D 105 -37.54 18.02 10.88
CA VAL D 105 -36.76 17.35 9.78
C VAL D 105 -37.35 15.96 9.53
N SER D 106 -37.60 15.19 10.61
CA SER D 106 -38.21 13.83 10.57
C SER D 106 -39.57 13.89 9.87
N HIS D 107 -40.43 14.83 10.26
CA HIS D 107 -41.83 14.95 9.79
C HIS D 107 -41.87 15.46 8.34
N SER D 108 -41.10 16.51 8.03
CA SER D 108 -41.05 17.16 6.69
C SER D 108 -40.48 16.18 5.66
N SER D 109 -39.51 15.37 6.05
CA SER D 109 -38.91 14.29 5.20
C SER D 109 -40.01 13.31 4.78
N CYS D 110 -40.78 12.81 5.75
CA CYS D 110 -41.93 11.89 5.53
C CYS D 110 -42.97 12.56 4.63
N GLU D 111 -43.41 13.77 5.01
CA GLU D 111 -44.42 14.60 4.30
C GLU D 111 -44.04 14.76 2.83
N ASN D 112 -42.80 15.23 2.58
CA ASN D 112 -42.29 15.57 1.22
C ASN D 112 -42.32 14.32 0.32
N PHE D 113 -41.94 13.16 0.85
CA PHE D 113 -41.90 11.87 0.13
C PHE D 113 -43.33 11.51 -0.33
N LEU D 114 -44.31 11.65 0.56
CA LEU D 114 -45.73 11.27 0.29
C LEU D 114 -46.34 12.23 -0.73
N ASN D 115 -46.02 13.53 -0.65
CA ASN D 115 -46.66 14.60 -1.46
C ASN D 115 -46.07 14.62 -2.88
N CYS D 116 -44.86 14.10 -3.07
CA CYS D 116 -44.18 13.96 -4.38
C CYS D 116 -44.93 12.91 -5.22
N ASP D 117 -45.07 13.14 -6.53
CA ASP D 117 -45.83 12.26 -7.46
C ASP D 117 -44.85 11.58 -8.43
N GLN D 118 -43.56 11.56 -8.11
CA GLN D 118 -42.46 11.02 -8.97
C GLN D 118 -42.06 9.63 -8.49
N ASN D 119 -41.25 8.92 -9.28
CA ASN D 119 -40.60 7.64 -8.91
C ASN D 119 -39.64 7.90 -7.75
N ILE D 120 -39.16 6.84 -7.09
CA ILE D 120 -38.47 6.93 -5.78
C ILE D 120 -37.12 7.66 -5.94
N ASP D 121 -36.37 7.38 -7.02
CA ASP D 121 -35.04 8.01 -7.29
C ASP D 121 -35.22 9.52 -7.46
N THR D 122 -36.20 9.94 -8.28
CA THR D 122 -36.54 11.36 -8.56
C THR D 122 -37.03 12.03 -7.27
N THR D 123 -37.86 11.34 -6.48
CA THR D 123 -38.40 11.83 -5.18
C THR D 123 -37.24 12.15 -4.23
N LEU D 124 -36.33 11.19 -4.01
CA LEU D 124 -35.18 11.32 -3.07
C LEU D 124 -34.32 12.53 -3.46
N SER D 125 -34.06 12.73 -4.75
CA SER D 125 -33.27 13.87 -5.29
C SER D 125 -33.96 15.20 -4.95
N LEU D 126 -35.28 15.27 -5.14
CA LEU D 126 -36.08 16.53 -5.01
C LEU D 126 -36.22 16.93 -3.54
N ILE D 127 -36.45 15.96 -2.64
CA ILE D 127 -36.77 16.23 -1.20
C ILE D 127 -35.47 16.54 -0.42
N THR D 128 -34.31 16.12 -0.94
CA THR D 128 -32.98 16.37 -0.31
C THR D 128 -32.34 17.65 -0.88
N GLN D 129 -32.97 18.28 -1.89
CA GLN D 129 -32.48 19.52 -2.56
C GLN D 129 -32.55 20.67 -1.55
N PRO D 130 -31.50 21.52 -1.45
CA PRO D 130 -31.51 22.64 -0.49
C PRO D 130 -32.73 23.56 -0.63
N THR D 146 -29.30 18.90 11.95
CA THR D 146 -30.53 18.12 12.18
C THR D 146 -30.67 17.04 11.10
N GLU D 147 -30.65 15.76 11.50
CA GLU D 147 -30.62 14.58 10.60
C GLU D 147 -31.80 13.65 10.89
N ALA D 148 -32.30 12.97 9.86
CA ALA D 148 -33.30 11.88 9.95
C ALA D 148 -32.94 10.78 8.95
N SER D 149 -33.11 9.51 9.34
CA SER D 149 -33.03 8.34 8.43
C SER D 149 -34.42 8.05 7.87
N ALA D 151 -36.79 4.76 5.70
CA ALA D 151 -37.15 3.57 4.89
C ALA D 151 -38.49 3.85 4.21
N ALA D 152 -38.52 3.80 2.88
CA ALA D 152 -39.69 4.22 2.07
C ALA D 152 -39.86 3.29 0.87
N PHE D 153 -41.09 3.18 0.37
CA PHE D 153 -41.40 2.42 -0.86
C PHE D 153 -42.60 3.03 -1.60
N ILE D 154 -42.58 2.89 -2.92
CA ILE D 154 -43.71 3.14 -3.86
C ILE D 154 -44.02 1.80 -4.56
N TYR D 155 -45.25 1.30 -4.43
CA TYR D 155 -45.79 0.20 -5.28
C TYR D 155 -46.97 0.75 -6.08
N GLN D 156 -47.10 0.26 -7.32
CA GLN D 156 -48.17 0.67 -8.26
C GLN D 156 -48.42 -0.47 -9.24
N ASN D 157 -49.68 -0.76 -9.54
CA ASN D 157 -50.09 -1.72 -10.60
C ASN D 157 -49.89 -1.03 -11.95
N HIS D 158 -48.88 -1.45 -12.72
CA HIS D 158 -48.60 -0.98 -14.09
C HIS D 158 -49.30 -1.91 -15.09
N PRO D 159 -50.09 -1.38 -16.04
CA PRO D 159 -50.81 -2.21 -17.01
C PRO D 159 -49.99 -3.37 -17.59
N GLY D 160 -48.71 -3.13 -17.90
CA GLY D 160 -47.83 -4.07 -18.62
C GLY D 160 -47.19 -5.11 -17.73
N LYS D 161 -46.78 -4.74 -16.51
CA LYS D 161 -45.91 -5.58 -15.63
C LYS D 161 -46.66 -6.10 -14.40
N GLY D 162 -47.80 -5.49 -14.04
CA GLY D 162 -48.49 -5.73 -12.75
C GLY D 162 -47.89 -4.89 -11.64
N TYR D 163 -47.91 -5.38 -10.40
CA TYR D 163 -47.40 -4.66 -9.20
C TYR D 163 -45.87 -4.59 -9.22
N ILE D 164 -45.31 -3.38 -9.26
CA ILE D 164 -43.85 -3.10 -9.14
C ILE D 164 -43.61 -2.26 -7.89
N GLY D 165 -42.80 -2.76 -6.95
CA GLY D 165 -42.39 -2.06 -5.73
C GLY D 165 -41.00 -1.44 -5.90
N GLU D 166 -40.89 -0.13 -5.71
CA GLU D 166 -39.61 0.62 -5.60
C GLU D 166 -39.30 0.87 -4.12
N PHE D 167 -38.18 0.35 -3.62
CA PHE D 167 -37.79 0.37 -2.19
C PHE D 167 -36.47 1.14 -2.02
N ALA D 168 -36.45 2.05 -1.04
CA ALA D 168 -35.29 2.89 -0.66
C ALA D 168 -35.09 2.82 0.87
N ASN D 169 -33.86 2.56 1.31
CA ASN D 169 -33.50 2.52 2.75
C ASN D 169 -32.20 3.31 2.98
N ILE D 170 -32.29 4.38 3.78
CA ILE D 170 -31.16 5.27 4.17
C ILE D 170 -31.11 5.30 5.70
N GLY D 171 -30.27 4.45 6.31
CA GLY D 171 -30.11 4.37 7.77
C GLY D 171 -30.42 2.97 8.28
N ALA D 172 -30.75 2.87 9.58
CA ALA D 172 -30.94 1.59 10.30
C ALA D 172 -32.42 1.24 10.40
N GLY D 173 -33.26 1.81 9.54
CA GLY D 173 -34.60 1.27 9.23
C GLY D 173 -34.49 -0.07 8.52
N LEU D 174 -35.56 -0.86 8.51
CA LEU D 174 -35.59 -2.21 7.89
C LEU D 174 -36.94 -2.41 7.19
N ILE D 175 -36.92 -2.94 5.97
CA ILE D 175 -38.13 -3.34 5.20
C ILE D 175 -38.04 -4.84 4.91
N ILE D 176 -39.08 -5.60 5.27
CA ILE D 176 -39.23 -7.06 4.97
C ILE D 176 -40.48 -7.25 4.11
N ILE D 177 -40.34 -7.95 2.98
CA ILE D 177 -41.47 -8.31 2.06
C ILE D 177 -41.76 -9.80 2.26
N LEU D 178 -42.96 -10.14 2.72
CA LEU D 178 -43.45 -11.53 2.87
C LEU D 178 -44.53 -11.79 1.82
N ASP D 179 -44.84 -13.06 1.55
CA ASP D 179 -46.04 -13.50 0.78
C ASP D 179 -47.17 -13.73 1.79
N LYS D 180 -48.36 -14.10 1.30
CA LYS D 180 -49.62 -14.18 2.09
C LYS D 180 -49.52 -15.27 3.18
N ARG D 181 -48.61 -16.23 3.04
CA ARG D 181 -48.37 -17.31 4.05
C ARG D 181 -47.19 -16.94 4.95
N PHE D 182 -46.73 -15.68 4.89
CA PHE D 182 -45.70 -15.07 5.78
C PHE D 182 -44.32 -15.73 5.56
N LYS D 183 -44.08 -16.20 4.33
CA LYS D 183 -42.72 -16.61 3.86
C LYS D 183 -41.94 -15.34 3.50
N ILE D 184 -40.69 -15.24 3.95
CA ILE D 184 -39.79 -14.08 3.68
C ILE D 184 -39.24 -14.23 2.25
N LYS D 185 -39.54 -13.26 1.38
CA LYS D 185 -39.10 -13.24 -0.04
C LYS D 185 -37.89 -12.30 -0.19
N HIS D 186 -38.01 -11.05 0.30
CA HIS D 186 -37.00 -9.98 0.14
C HIS D 186 -36.81 -9.23 1.46
N VAL D 188 -34.82 -5.48 2.60
CA VAL D 188 -34.04 -4.24 2.30
C VAL D 188 -33.27 -3.87 3.58
N SER D 189 -31.98 -4.21 3.62
CA SER D 189 -31.13 -4.28 4.84
C SER D 189 -30.96 -2.89 5.47
N ALA D 190 -30.83 -2.86 6.80
CA ALA D 190 -30.40 -1.70 7.61
C ALA D 190 -28.89 -1.54 7.47
N CYS D 191 -28.37 -0.32 7.57
CA CYS D 191 -26.94 0.00 7.37
C CYS D 191 -26.41 0.88 8.52
N HIS D 192 -25.19 0.57 8.98
CA HIS D 192 -24.36 1.43 9.83
C HIS D 192 -23.07 1.76 9.04
N ILE D 193 -22.67 3.04 9.03
CA ILE D 193 -21.38 3.52 8.47
C ILE D 193 -20.37 3.59 9.63
N TYR D 194 -19.14 3.13 9.40
CA TYR D 194 -18.03 3.18 10.39
C TYR D 194 -17.54 4.63 10.50
N ARG D 195 -17.63 5.20 11.70
CA ARG D 195 -17.25 6.61 12.00
C ARG D 195 -15.86 6.66 12.65
N GLY D 196 -15.15 5.52 12.70
CA GLY D 196 -13.85 5.38 13.38
C GLY D 196 -14.02 5.20 14.88
N PHE D 197 -12.94 4.84 15.56
CA PHE D 197 -12.87 4.65 17.04
C PHE D 197 -13.97 3.67 17.49
N GLY D 198 -14.17 2.59 16.74
CA GLY D 198 -15.07 1.47 17.07
C GLY D 198 -16.54 1.84 17.05
N THR D 199 -16.90 2.99 16.45
CA THR D 199 -18.28 3.55 16.46
C THR D 199 -18.94 3.33 15.10
N TRP D 200 -20.15 2.74 15.11
CA TRP D 200 -21.01 2.51 13.93
C TRP D 200 -22.34 3.25 14.13
N THR D 201 -22.73 4.12 13.19
CA THR D 201 -23.98 4.91 13.23
C THR D 201 -24.67 4.88 11.87
N PRO D 202 -26.02 4.94 11.82
CA PRO D 202 -26.75 4.86 10.56
C PRO D 202 -26.60 6.12 9.70
N PRO D 203 -26.53 5.98 8.36
CA PRO D 203 -26.53 7.15 7.47
C PRO D 203 -27.88 7.87 7.50
N SER D 204 -27.88 9.16 7.19
CA SER D 204 -29.09 10.04 7.18
C SER D 204 -29.44 10.42 5.74
N LEU D 205 -30.72 10.77 5.53
CA LEU D 205 -31.24 11.35 4.26
C LEU D 205 -30.43 12.61 3.91
N GLN D 206 -30.03 13.38 4.94
CA GLN D 206 -29.27 14.65 4.80
C GLN D 206 -27.85 14.35 4.33
N ALA D 207 -27.22 13.30 4.86
CA ALA D 207 -25.85 12.85 4.51
C ALA D 207 -25.81 12.37 3.05
N LEU D 208 -26.89 11.74 2.59
CA LEU D 208 -27.07 11.28 1.18
C LEU D 208 -27.01 12.51 0.23
N ALA D 209 -27.57 13.64 0.67
CA ALA D 209 -27.66 14.91 -0.09
C ALA D 209 -26.25 15.48 -0.33
N THR D 210 -25.34 15.36 0.66
CA THR D 210 -24.01 16.02 0.68
C THR D 210 -23.04 15.32 -0.29
N THR D 211 -23.07 13.98 -0.34
CA THR D 211 -22.10 13.13 -1.09
C THR D 211 -22.64 12.81 -2.49
N ALA D 212 -21.73 12.62 -3.46
CA ALA D 212 -22.02 12.16 -4.84
C ALA D 212 -21.94 10.62 -4.91
N ASN D 213 -21.50 9.98 -3.83
CA ASN D 213 -21.34 8.50 -3.70
C ASN D 213 -22.60 7.93 -3.03
N LYS D 214 -23.68 7.77 -3.80
CA LYS D 214 -25.05 7.41 -3.31
C LYS D 214 -25.06 5.96 -2.83
N ASP D 215 -24.47 5.04 -3.62
CA ASP D 215 -24.44 3.58 -3.37
C ASP D 215 -23.92 3.27 -1.96
N ALA D 216 -22.98 4.08 -1.45
CA ALA D 216 -22.34 3.92 -0.12
C ALA D 216 -23.41 3.96 0.98
N LEU D 217 -24.39 4.86 0.88
CA LEU D 217 -25.37 5.16 1.96
C LEU D 217 -26.75 4.57 1.63
N LEU D 218 -27.16 4.56 0.35
CA LEU D 218 -28.54 4.26 -0.10
C LEU D 218 -28.66 2.81 -0.56
N VAL D 219 -29.51 2.02 0.12
CA VAL D 219 -29.90 0.64 -0.28
C VAL D 219 -31.19 0.73 -1.12
N ARG D 220 -31.12 0.28 -2.38
CA ARG D 220 -32.25 0.33 -3.36
C ARG D 220 -32.59 -1.09 -3.82
N GLN D 221 -33.88 -1.36 -4.03
CA GLN D 221 -34.42 -2.59 -4.68
C GLN D 221 -35.68 -2.22 -5.48
N THR D 222 -35.83 -2.80 -6.67
CA THR D 222 -37.06 -2.78 -7.50
C THR D 222 -37.55 -4.23 -7.64
N LEU D 223 -38.78 -4.52 -7.19
CA LEU D 223 -39.27 -5.91 -7.01
C LEU D 223 -40.69 -6.04 -7.58
N LYS D 224 -40.96 -7.16 -8.27
CA LYS D 224 -42.32 -7.61 -8.65
C LYS D 224 -43.02 -8.11 -7.39
N LEU D 225 -44.21 -7.58 -7.10
CA LEU D 225 -45.02 -7.95 -5.90
C LEU D 225 -46.26 -8.73 -6.34
N ALA D 226 -46.70 -9.69 -5.50
CA ALA D 226 -47.90 -10.52 -5.72
C ALA D 226 -49.02 -10.05 -4.78
N GLU D 227 -50.26 -10.41 -5.12
CA GLU D 227 -51.47 -10.13 -4.32
C GLU D 227 -51.30 -10.75 -2.92
N GLY D 228 -51.61 -10.01 -1.87
CA GLY D 228 -51.60 -10.50 -0.47
C GLY D 228 -50.21 -10.54 0.11
N ASP D 229 -49.18 -10.08 -0.62
CA ASP D 229 -47.81 -9.85 -0.09
C ASP D 229 -47.90 -8.85 1.07
N ILE D 230 -47.15 -9.09 2.15
CA ILE D 230 -47.09 -8.23 3.37
C ILE D 230 -45.75 -7.49 3.37
N ILE D 231 -45.78 -6.14 3.35
CA ILE D 231 -44.58 -5.28 3.47
C ILE D 231 -44.56 -4.68 4.88
N ILE D 232 -43.46 -4.89 5.60
CA ILE D 232 -43.26 -4.45 7.02
C ILE D 232 -42.04 -3.52 7.07
N SER D 233 -42.26 -2.26 7.47
CA SER D 233 -41.21 -1.25 7.73
C SER D 233 -41.09 -1.03 9.25
N THR D 235 -38.47 0.98 12.32
CA THR D 235 -37.30 1.72 12.86
C THR D 235 -36.53 0.75 13.77
N ASP D 236 -35.24 0.98 13.98
CA ASP D 236 -34.34 0.13 14.82
C ASP D 236 -34.97 -0.07 16.20
N GLY D 237 -35.76 0.90 16.67
CA GLY D 237 -36.55 0.82 17.92
C GLY D 237 -37.32 -0.48 18.05
N VAL D 238 -37.90 -0.99 16.95
CA VAL D 238 -38.70 -2.25 16.93
C VAL D 238 -37.77 -3.43 16.58
N TRP D 239 -37.26 -3.50 15.36
CA TRP D 239 -36.54 -4.69 14.81
C TRP D 239 -35.22 -4.91 15.55
N GLY D 240 -34.63 -3.85 16.12
CA GLY D 240 -33.39 -3.93 16.92
C GLY D 240 -33.56 -4.78 18.17
N GLU D 241 -34.80 -4.88 18.68
CA GLU D 241 -35.14 -5.61 19.93
C GLU D 241 -35.37 -7.10 19.63
N LEU D 242 -35.60 -7.46 18.36
CA LEU D 242 -35.72 -8.86 17.90
C LEU D 242 -34.32 -9.47 17.79
N LYS D 243 -34.22 -10.75 17.44
CA LYS D 243 -32.93 -11.42 17.13
C LYS D 243 -32.42 -10.87 15.79
N THR D 244 -31.18 -10.36 15.77
CA THR D 244 -30.55 -9.67 14.62
C THR D 244 -29.41 -10.52 14.04
N SER D 245 -29.05 -10.27 12.79
CA SER D 245 -28.03 -11.03 12.02
C SER D 245 -27.29 -10.08 11.07
N LEU D 246 -25.95 -10.10 11.11
CA LEU D 246 -25.06 -9.35 10.18
C LEU D 246 -25.13 -10.02 8.80
N ILE D 247 -25.57 -9.29 7.77
CA ILE D 247 -25.72 -9.79 6.38
C ILE D 247 -24.34 -9.71 5.69
N ALA D 248 -23.73 -8.52 5.70
CA ALA D 248 -22.41 -8.24 5.09
C ALA D 248 -21.70 -7.12 5.88
N GLN D 249 -20.36 -7.10 5.80
CA GLN D 249 -19.50 -6.03 6.36
C GLN D 249 -18.33 -5.76 5.40
N THR D 250 -18.08 -4.49 5.09
CA THR D 250 -16.92 -3.99 4.32
C THR D 250 -16.04 -3.17 5.27
N ASN D 251 -15.10 -2.38 4.73
CA ASN D 251 -14.23 -1.46 5.51
C ASN D 251 -15.09 -0.44 6.27
N ASP D 252 -16.11 0.13 5.61
CA ASP D 252 -16.82 1.34 6.10
C ASP D 252 -18.32 1.10 6.30
N ARG D 253 -18.88 -0.06 5.92
CA ARG D 253 -20.35 -0.31 5.99
C ARG D 253 -20.67 -1.71 6.53
N ARG D 254 -21.64 -1.78 7.45
CA ARG D 254 -22.32 -3.02 7.92
C ARG D 254 -23.74 -3.06 7.35
N ASP D 255 -24.13 -4.19 6.74
CA ASP D 255 -25.52 -4.49 6.31
C ASP D 255 -26.15 -5.42 7.35
N ILE D 256 -27.21 -4.95 8.02
CA ILE D 256 -27.82 -5.63 9.21
C ILE D 256 -29.32 -5.80 8.98
N GLY D 257 -29.88 -6.90 9.50
CA GLY D 257 -31.33 -7.18 9.50
C GLY D 257 -31.70 -8.07 10.69
N VAL D 258 -32.91 -8.63 10.67
CA VAL D 258 -33.38 -9.62 11.69
C VAL D 258 -32.87 -11.01 11.30
N ASP D 259 -32.88 -11.94 12.24
CA ASP D 259 -32.70 -13.39 11.98
C ASP D 259 -33.95 -13.88 11.22
N LYS D 260 -33.81 -14.18 9.93
CA LYS D 260 -34.90 -14.59 9.01
C LYS D 260 -35.63 -15.83 9.55
N GLU D 261 -34.92 -16.68 10.31
CA GLU D 261 -35.47 -17.93 10.91
C GLU D 261 -36.35 -17.55 12.12
N TYR D 262 -35.90 -16.65 12.98
CA TYR D 262 -36.61 -16.20 14.21
C TYR D 262 -37.83 -15.36 13.84
N PHE D 263 -37.72 -14.51 12.81
CA PHE D 263 -38.80 -13.58 12.36
C PHE D 263 -40.01 -14.40 11.89
N LYS D 264 -39.77 -15.48 11.16
CA LYS D 264 -40.82 -16.42 10.66
C LYS D 264 -41.67 -16.94 11.83
N THR D 265 -41.02 -17.26 12.96
CA THR D 265 -41.64 -17.85 14.19
C THR D 265 -42.73 -16.92 14.75
N LEU D 266 -42.62 -15.60 14.53
CA LEU D 266 -43.55 -14.58 15.10
C LEU D 266 -44.97 -14.77 14.54
N PHE D 267 -45.09 -15.34 13.34
CA PHE D 267 -46.37 -15.48 12.57
C PHE D 267 -46.95 -16.89 12.73
N ASP D 268 -46.45 -17.69 13.69
CA ASP D 268 -47.03 -19.00 14.09
C ASP D 268 -48.45 -18.77 14.64
N GLU D 269 -48.64 -17.68 15.40
CA GLU D 269 -49.92 -17.28 16.03
C GLU D 269 -51.01 -17.05 14.97
N LEU D 270 -50.63 -16.54 13.79
CA LEU D 270 -51.57 -16.11 12.71
C LEU D 270 -51.67 -17.21 11.62
N THR D 271 -51.29 -18.45 11.94
CA THR D 271 -51.26 -19.59 10.99
C THR D 271 -52.67 -19.94 10.53
N ASP D 272 -53.64 -19.99 11.46
CA ASP D 272 -55.06 -20.35 11.18
C ASP D 272 -55.95 -19.10 11.20
N ALA D 273 -55.35 -17.91 11.35
CA ALA D 273 -56.05 -16.61 11.34
C ALA D 273 -56.49 -16.29 9.91
N PRO D 274 -57.80 -16.08 9.65
CA PRO D 274 -58.27 -15.69 8.32
C PRO D 274 -58.03 -14.21 8.04
N TYR D 275 -57.36 -13.90 6.93
CA TYR D 275 -57.10 -12.53 6.42
C TYR D 275 -56.82 -11.59 7.58
N PRO D 276 -55.71 -11.79 8.33
CA PRO D 276 -55.39 -10.92 9.47
C PRO D 276 -55.14 -9.47 9.01
N SER D 277 -55.64 -8.50 9.77
CA SER D 277 -55.47 -7.05 9.51
C SER D 277 -53.99 -6.70 9.61
N SER D 278 -53.59 -5.58 8.98
CA SER D 278 -52.24 -4.98 9.11
C SER D 278 -51.96 -4.62 10.59
N PHE D 279 -52.99 -4.25 11.35
CA PHE D 279 -52.91 -3.95 12.80
C PHE D 279 -52.47 -5.21 13.57
N ASP D 280 -53.15 -6.33 13.36
CA ASP D 280 -52.87 -7.63 14.03
C ASP D 280 -51.39 -7.99 13.82
N ILE D 281 -50.92 -7.91 12.57
CA ILE D 281 -49.53 -8.24 12.16
C ILE D 281 -48.57 -7.29 12.90
N ALA D 282 -48.84 -5.98 12.85
CA ALA D 282 -48.05 -4.91 13.52
C ALA D 282 -48.00 -5.15 15.02
N ARG D 283 -49.13 -5.54 15.63
CA ARG D 283 -49.28 -5.72 17.11
C ARG D 283 -48.41 -6.89 17.57
N ILE D 284 -48.46 -8.02 16.87
CA ILE D 284 -47.69 -9.26 17.20
C ILE D 284 -46.20 -8.91 17.27
N ILE D 285 -45.69 -8.20 16.26
CA ILE D 285 -44.24 -7.85 16.11
C ILE D 285 -43.86 -6.87 17.23
N THR D 286 -44.72 -5.88 17.52
CA THR D 286 -44.51 -4.87 18.58
C THR D 286 -44.46 -5.57 19.95
N GLN D 287 -45.39 -6.48 20.22
CA GLN D 287 -45.51 -7.21 21.51
C GLN D 287 -44.25 -8.06 21.74
N ARG D 288 -43.76 -8.75 20.70
CA ARG D 288 -42.58 -9.65 20.77
C ARG D 288 -41.31 -8.81 20.93
N ALA D 289 -41.24 -7.67 20.25
CA ALA D 289 -40.09 -6.71 20.30
C ALA D 289 -40.02 -6.06 21.69
N SER D 291 -41.48 -7.00 24.54
CA SER D 291 -41.26 -8.07 25.55
C SER D 291 -39.76 -8.22 25.80
N ARG D 292 -38.99 -8.49 24.73
CA ARG D 292 -37.51 -8.68 24.76
C ARG D 292 -36.85 -7.40 25.30
N SER D 293 -37.34 -6.22 24.90
CA SER D 293 -36.85 -4.89 25.36
C SER D 293 -37.08 -4.75 26.87
N LEU D 294 -38.27 -5.13 27.35
CA LEU D 294 -38.67 -5.05 28.78
C LEU D 294 -37.79 -6.01 29.60
N GLU D 295 -37.63 -7.25 29.16
CA GLU D 295 -36.85 -8.31 29.85
C GLU D 295 -35.36 -7.94 29.85
N ARG D 296 -34.91 -7.24 28.80
CA ARG D 296 -33.49 -6.82 28.60
C ARG D 296 -33.11 -5.72 29.60
N ARG D 297 -34.03 -4.78 29.88
CA ARG D 297 -33.73 -3.57 30.69
C ARG D 297 -33.81 -3.88 32.19
N LYS D 298 -34.70 -4.79 32.60
CA LYS D 298 -34.83 -5.21 34.03
C LYS D 298 -33.74 -6.23 34.36
N THR D 299 -33.13 -6.86 33.34
CA THR D 299 -31.93 -7.71 33.45
C THR D 299 -30.69 -6.84 33.69
N LEU D 300 -30.63 -5.67 33.03
CA LEU D 300 -29.50 -4.70 33.10
C LEU D 300 -29.33 -4.21 34.54
N ILE D 301 -30.40 -3.67 35.14
CA ILE D 301 -30.39 -3.03 36.49
C ILE D 301 -30.02 -4.06 37.56
N LYS D 302 -30.43 -5.33 37.39
CA LYS D 302 -30.06 -6.46 38.27
C LYS D 302 -28.53 -6.56 38.34
N LEU D 303 -27.88 -6.66 37.17
CA LEU D 303 -26.41 -6.83 37.02
C LEU D 303 -25.69 -5.63 37.67
N ILE D 304 -26.23 -4.42 37.50
CA ILE D 304 -25.78 -3.20 38.22
C ILE D 304 -25.93 -3.43 39.73
N VAL D 365 -16.53 1.01 32.30
CA VAL D 365 -17.77 0.22 31.99
C VAL D 365 -18.88 0.61 32.97
N HIS D 367 -19.19 3.55 34.60
CA HIS D 367 -19.56 4.91 34.12
C HIS D 367 -20.57 4.80 32.97
N ASP D 368 -20.37 3.82 32.08
CA ASP D 368 -21.23 3.56 30.90
C ASP D 368 -22.56 2.95 31.36
N LEU D 369 -22.51 1.80 32.06
CA LEU D 369 -23.68 0.96 32.44
C LEU D 369 -24.65 1.74 33.35
N LYS D 370 -24.13 2.58 34.26
CA LYS D 370 -24.94 3.37 35.23
C LYS D 370 -25.68 4.50 34.51
N SER D 371 -25.02 5.15 33.54
CA SER D 371 -25.54 6.32 32.78
C SER D 371 -26.32 5.87 31.54
N ARG D 372 -26.27 4.57 31.20
CA ARG D 372 -26.90 3.99 29.99
C ARG D 372 -28.42 4.23 30.01
N THR D 373 -28.94 4.78 28.92
CA THR D 373 -30.41 4.84 28.61
C THR D 373 -30.75 3.58 27.82
N VAL D 374 -32.01 3.13 27.89
CA VAL D 374 -32.51 1.92 27.18
C VAL D 374 -33.64 2.32 26.22
N GLY D 375 -33.84 1.55 25.15
CA GLY D 375 -34.95 1.72 24.19
C GLY D 375 -34.74 2.90 23.27
N ASP D 376 -35.82 3.34 22.62
CA ASP D 376 -35.79 4.33 21.51
C ASP D 376 -37.23 4.61 21.05
N CYS D 377 -37.43 5.67 20.26
CA CYS D 377 -38.63 5.82 19.39
C CYS D 377 -38.78 4.51 18.60
N SER D 378 -39.97 3.89 18.67
CA SER D 378 -40.24 2.54 18.10
C SER D 378 -41.49 2.60 17.23
N THR D 379 -41.31 2.46 15.92
CA THR D 379 -42.39 2.60 14.90
C THR D 379 -42.36 1.41 13.95
N ILE D 380 -43.55 0.91 13.60
CA ILE D 380 -43.78 -0.18 12.60
C ILE D 380 -44.98 0.19 11.74
N ASN D 381 -44.88 0.01 10.41
CA ASN D 381 -46.04 0.04 9.50
C ASN D 381 -46.11 -1.29 8.74
N VAL D 382 -47.33 -1.77 8.49
CA VAL D 382 -47.65 -3.04 7.79
C VAL D 382 -48.61 -2.71 6.65
N THR D 383 -48.28 -3.15 5.43
CA THR D 383 -49.07 -2.97 4.20
C THR D 383 -49.31 -4.33 3.56
N ARG D 384 -50.56 -4.67 3.26
CA ARG D 384 -50.95 -5.79 2.38
C ARG D 384 -51.14 -5.26 0.96
N ILE D 385 -50.47 -5.85 -0.03
CA ILE D 385 -50.63 -5.51 -1.47
C ILE D 385 -52.02 -5.96 -1.88
N PRO D 386 -52.88 -5.05 -2.39
CA PRO D 386 -54.30 -5.37 -2.64
C PRO D 386 -54.53 -6.45 -3.71
N TYR D 387 -55.64 -7.19 -3.56
CA TYR D 387 -56.18 -8.12 -4.58
C TYR D 387 -56.94 -7.29 -5.62
N HIS D 388 -56.61 -7.49 -6.91
CA HIS D 388 -57.16 -6.73 -8.06
C HIS D 388 -58.69 -6.73 -8.03
N LEU D 389 -59.30 -7.92 -7.91
CA LEU D 389 -60.78 -8.12 -7.94
C LEU D 389 -61.41 -7.39 -6.74
N ASP D 390 -60.82 -7.52 -5.55
CA ASP D 390 -61.31 -6.87 -4.30
C ASP D 390 -61.41 -5.35 -4.52
N GLU D 391 -60.40 -4.75 -5.11
CA GLU D 391 -60.32 -3.27 -5.31
C GLU D 391 -61.31 -2.82 -6.38
N LEU D 392 -61.58 -3.67 -7.37
CA LEU D 392 -62.60 -3.41 -8.42
C LEU D 392 -63.99 -3.38 -7.75
N ILE D 393 -64.25 -4.33 -6.85
CA ILE D 393 -65.53 -4.46 -6.08
C ILE D 393 -65.69 -3.24 -5.16
N ARG D 394 -64.62 -2.84 -4.47
CA ARG D 394 -64.62 -1.68 -3.52
C ARG D 394 -64.97 -0.40 -4.27
N GLY D 395 -64.40 -0.21 -5.47
CA GLY D 395 -64.69 0.94 -6.35
C GLY D 395 -66.11 0.92 -6.86
N PHE D 396 -66.59 -0.26 -7.28
CA PHE D 396 -67.96 -0.51 -7.81
C PHE D 396 -69.00 -0.16 -6.74
N ILE D 397 -68.73 -0.49 -5.48
CA ILE D 397 -69.63 -0.21 -4.31
C ILE D 397 -69.57 1.28 -3.98
N ASN D 398 -68.38 1.85 -3.83
CA ASN D 398 -68.14 3.26 -3.44
C ASN D 398 -68.65 4.22 -4.53
N TYR D 399 -68.47 3.85 -5.81
CA TYR D 399 -68.74 4.72 -6.98
C TYR D 399 -69.69 4.02 -7.96
N PRO D 400 -71.02 3.96 -7.67
CA PRO D 400 -71.99 3.39 -8.61
C PRO D 400 -72.12 4.16 -9.93
N GLU D 401 -71.61 5.40 -9.98
CA GLU D 401 -71.58 6.27 -11.19
C GLU D 401 -70.84 5.58 -12.34
N LYS D 402 -69.68 4.99 -12.06
CA LYS D 402 -68.70 4.49 -13.07
C LYS D 402 -68.91 2.99 -13.34
N HIS D 403 -70.11 2.46 -13.07
CA HIS D 403 -70.42 1.00 -13.13
C HIS D 403 -70.32 0.49 -14.56
N GLN D 404 -70.50 1.37 -15.56
CA GLN D 404 -70.40 1.04 -17.01
C GLN D 404 -68.92 0.93 -17.40
N ILE D 405 -68.04 1.70 -16.74
CA ILE D 405 -66.57 1.70 -17.02
C ILE D 405 -65.91 0.51 -16.30
N LEU D 406 -66.48 0.06 -15.18
CA LEU D 406 -65.91 -0.99 -14.29
C LEU D 406 -66.36 -2.39 -14.73
N ALA D 407 -67.59 -2.51 -15.26
CA ALA D 407 -68.21 -3.82 -15.65
C ALA D 407 -67.31 -4.57 -16.64
N PRO D 408 -66.75 -3.92 -17.68
CA PRO D 408 -65.81 -4.59 -18.59
C PRO D 408 -64.57 -5.17 -17.90
N LEU D 409 -64.12 -4.54 -16.82
CA LEU D 409 -62.89 -4.93 -16.07
C LEU D 409 -63.17 -6.21 -15.25
N PHE D 410 -64.44 -6.45 -14.88
CA PHE D 410 -64.89 -7.66 -14.15
C PHE D 410 -64.71 -8.90 -15.04
N LYS D 411 -65.04 -8.80 -16.33
CA LYS D 411 -64.96 -9.92 -17.30
C LYS D 411 -63.52 -10.46 -17.33
N ALA D 412 -62.52 -9.58 -17.38
CA ALA D 412 -61.09 -9.91 -17.45
C ALA D 412 -60.63 -10.61 -16.16
N ARG D 413 -61.19 -10.24 -15.00
CA ARG D 413 -60.69 -10.62 -13.65
C ARG D 413 -61.41 -11.86 -13.12
N VAL D 414 -62.73 -11.96 -13.31
CA VAL D 414 -63.59 -13.04 -12.73
C VAL D 414 -63.57 -14.26 -13.67
N LYS D 415 -62.90 -15.34 -13.25
CA LYS D 415 -62.74 -16.60 -14.03
C LYS D 415 -63.65 -17.70 -13.46
N SER D 416 -64.20 -17.51 -12.26
CA SER D 416 -65.05 -18.53 -11.56
C SER D 416 -65.86 -17.87 -10.43
N GLU D 417 -66.94 -18.53 -10.00
CA GLU D 417 -67.79 -18.11 -8.86
C GLU D 417 -66.97 -18.21 -7.56
N ALA D 418 -66.02 -19.15 -7.50
CA ALA D 418 -65.07 -19.35 -6.38
C ALA D 418 -64.22 -18.09 -6.20
N ASP D 419 -63.74 -17.50 -7.30
CA ASP D 419 -62.93 -16.26 -7.32
C ASP D 419 -63.74 -15.10 -6.71
N LEU D 420 -65.01 -14.95 -7.12
CA LEU D 420 -65.94 -13.94 -6.53
C LEU D 420 -66.06 -14.19 -5.03
N GLU D 421 -66.35 -15.44 -4.64
CA GLU D 421 -66.57 -15.83 -3.21
C GLU D 421 -65.31 -15.49 -2.39
N GLU D 422 -64.12 -15.71 -2.95
CA GLU D 422 -62.82 -15.45 -2.27
C GLU D 422 -62.63 -13.95 -2.08
N ALA D 423 -62.96 -13.14 -3.09
CA ALA D 423 -62.91 -11.67 -3.06
C ALA D 423 -63.88 -11.15 -1.99
N PHE D 424 -65.14 -11.61 -2.01
CA PHE D 424 -66.23 -11.15 -1.11
C PHE D 424 -65.96 -11.64 0.32
N HIS D 425 -65.37 -12.83 0.47
CA HIS D 425 -64.93 -13.40 1.76
C HIS D 425 -63.89 -12.48 2.41
N ARG D 426 -62.86 -12.08 1.65
CA ARG D 426 -61.80 -11.17 2.12
C ARG D 426 -62.42 -9.82 2.53
N LEU D 427 -63.23 -9.22 1.65
CA LEU D 427 -63.93 -7.93 1.90
C LEU D 427 -64.80 -8.03 3.16
N SER D 428 -65.45 -9.18 3.38
CA SER D 428 -66.34 -9.46 4.54
C SER D 428 -65.54 -9.44 5.86
N LEU D 429 -64.25 -9.76 5.80
CA LEU D 429 -63.36 -9.90 6.99
C LEU D 429 -62.62 -8.58 7.24
N GLU D 430 -62.75 -7.58 6.37
CA GLU D 430 -62.01 -6.30 6.50
C GLU D 430 -62.59 -5.49 7.67
N VAL D 432 -61.96 -1.85 10.13
CA VAL D 432 -61.35 -0.48 10.20
C VAL D 432 -61.51 0.04 11.63
N GLN D 433 -60.61 0.93 12.03
CA GLN D 433 -60.64 1.67 13.31
C GLN D 433 -61.41 2.96 13.06
N PRO D 434 -62.70 3.08 13.49
CA PRO D 434 -63.49 4.28 13.21
C PRO D 434 -62.73 5.54 13.63
N GLU D 435 -62.09 5.50 14.80
CA GLU D 435 -61.09 6.50 15.25
C GLU D 435 -59.74 6.11 14.64
N ILE D 436 -59.26 6.87 13.65
CA ILE D 436 -57.97 6.62 12.94
C ILE D 436 -56.85 6.43 13.97
N GLU D 437 -56.78 7.29 15.00
CA GLU D 437 -55.71 7.32 16.02
C GLU D 437 -56.30 7.07 17.41
N CYS D 438 -55.69 6.17 18.19
CA CYS D 438 -56.03 5.91 19.62
C CYS D 438 -54.87 5.24 20.34
N PRO D 439 -54.81 5.32 21.69
CA PRO D 439 -53.90 4.48 22.48
C PRO D 439 -54.13 2.99 22.16
N ILE D 440 -53.04 2.21 22.13
CA ILE D 440 -53.03 0.80 21.63
C ILE D 440 -54.00 -0.08 22.44
N SER D 441 -54.29 0.28 23.70
CA SER D 441 -55.17 -0.49 24.62
C SER D 441 -56.65 -0.09 24.45
N GLU D 442 -56.92 1.01 23.73
CA GLU D 442 -58.31 1.56 23.53
C GLU D 442 -58.72 1.40 22.07
N THR D 443 -58.21 0.37 21.38
CA THR D 443 -58.52 0.06 19.96
C THR D 443 -59.90 -0.59 19.87
N HIS D 444 -60.82 0.03 19.12
CA HIS D 444 -62.15 -0.51 18.74
C HIS D 444 -62.19 -0.67 17.22
N PHE D 445 -62.64 -1.85 16.74
CA PHE D 445 -62.68 -2.21 15.30
C PHE D 445 -64.11 -2.58 14.90
N GLU D 446 -64.55 -2.13 13.72
CA GLU D 446 -65.87 -2.49 13.12
C GLU D 446 -65.66 -2.88 11.65
N ARG D 447 -66.65 -3.56 11.07
CA ARG D 447 -66.66 -4.03 9.66
C ARG D 447 -66.39 -2.84 8.73
N ALA D 448 -65.57 -3.04 7.70
CA ALA D 448 -65.27 -2.03 6.64
C ALA D 448 -66.53 -1.79 5.81
N PHE D 449 -67.32 -2.84 5.55
CA PHE D 449 -68.55 -2.82 4.73
C PHE D 449 -69.75 -3.34 5.54
N LYS D 450 -70.96 -2.90 5.17
CA LYS D 450 -72.23 -3.52 5.63
C LYS D 450 -72.39 -4.86 4.92
N LYS D 451 -72.59 -5.94 5.69
CA LYS D 451 -72.73 -7.33 5.18
C LYS D 451 -73.77 -7.36 4.06
N GLU D 452 -74.90 -6.68 4.26
CA GLU D 452 -76.04 -6.62 3.31
C GLU D 452 -75.55 -6.10 1.95
N THR D 453 -74.71 -5.06 1.95
CA THR D 453 -74.18 -4.38 0.73
C THR D 453 -73.30 -5.36 -0.05
N LEU D 454 -72.42 -6.10 0.62
CA LEU D 454 -71.54 -7.11 -0.01
C LEU D 454 -72.39 -8.22 -0.63
N ASP D 455 -73.42 -8.68 0.10
CA ASP D 455 -74.29 -9.83 -0.31
C ASP D 455 -75.10 -9.44 -1.55
N LYS D 456 -75.62 -8.22 -1.61
CA LYS D 456 -76.42 -7.72 -2.76
C LYS D 456 -75.50 -7.57 -4.00
N THR D 457 -74.34 -6.93 -3.83
CA THR D 457 -73.32 -6.75 -4.90
C THR D 457 -72.89 -8.13 -5.43
N GLN D 458 -72.64 -9.09 -4.54
CA GLN D 458 -72.18 -10.46 -4.90
C GLN D 458 -73.26 -11.14 -5.76
N ALA D 459 -74.54 -10.98 -5.41
CA ALA D 459 -75.70 -11.61 -6.09
C ALA D 459 -75.82 -11.10 -7.54
N VAL D 460 -75.58 -9.80 -7.76
CA VAL D 460 -75.64 -9.16 -9.11
C VAL D 460 -74.48 -9.69 -9.96
N LEU D 461 -73.25 -9.65 -9.45
CA LEU D 461 -72.04 -10.10 -10.19
C LEU D 461 -72.13 -11.59 -10.50
N THR D 462 -72.61 -12.39 -9.54
CA THR D 462 -72.77 -13.87 -9.68
C THR D 462 -73.80 -14.16 -10.77
N HIS D 463 -74.96 -13.49 -10.71
CA HIS D 463 -76.05 -13.57 -11.72
C HIS D 463 -75.47 -13.41 -13.12
N TYR D 464 -74.70 -12.35 -13.36
CA TYR D 464 -74.12 -11.97 -14.67
C TYR D 464 -73.12 -13.03 -15.15
N PHE D 465 -72.24 -13.51 -14.27
CA PHE D 465 -71.20 -14.53 -14.57
C PHE D 465 -71.87 -15.85 -15.02
N ARG D 466 -72.98 -16.23 -14.39
CA ARG D 466 -73.72 -17.49 -14.66
C ARG D 466 -74.35 -17.45 -16.06
N ILE D 467 -74.86 -16.28 -16.47
CA ILE D 467 -75.58 -16.08 -17.76
C ILE D 467 -74.57 -15.98 -18.91
N SER D 468 -73.42 -15.34 -18.66
CA SER D 468 -72.36 -15.04 -19.67
C SER D 468 -71.88 -16.33 -20.35
#